data_5HUF
#
_entry.id   5HUF
#
_cell.length_a   125.328
_cell.length_b   252.385
_cell.length_c   70.623
_cell.angle_alpha   90.00
_cell.angle_beta   90.00
_cell.angle_gamma   90.00
#
_symmetry.space_group_name_H-M   'P 21 21 2'
#
loop_
_entity.id
_entity.type
_entity.pdbx_description
1 polymer 'hemagglutinin HA1'
2 polymer 'hemagglutinin HA2'
3 branched alpha-D-mannopyranose-(1-4)-2-acetamido-2-deoxy-beta-D-glucopyranose-(1-4)-2-acetamido-2-deoxy-beta-D-glucopyranose
4 branched 2-acetamido-2-deoxy-beta-D-glucopyranose-(1-4)-2-acetamido-2-deoxy-beta-D-glucopyranose
5 non-polymer 2-acetamido-2-deoxy-beta-D-glucopyranose
#
loop_
_entity_poly.entity_id
_entity_poly.type
_entity_poly.pdbx_seq_one_letter_code
_entity_poly.pdbx_strand_id
1 'polypeptide(L)'
;ADLGSDQICIGYHANNSTKQVDTIMEKNVTVTHAQDILEKTHNGKLCDLNGVKPLILKDCSVAGWLLGNPMCDEFIRVPE
WSYIVERANPANDLCYPGTLNDYEELKHLLSRINHFEKTLIIPRSSWPNHETSLGVSAACPYQGASSFFRNVVWLIKKND
AYPTIKISYNNTNREDLLILWGIHHSNNAAEQTNLYKNPDTYVSVGTSTLNQRLVPKIATRSQVNGQSGRMDFFWTILKP
NDAIHFESNGNFIAPEYAYKIVKKGDSTIMKSEMEYGHCNTKCQTPIGAINSSMPFHNIHPLTIGECPKYVKSNKLVLAT
GLRNSPLRERRRKR
;
A,C,E
2 'polypeptide(L)'
;GLFGAIAGFIEGGWQGMVDGWYGYHHSNEQGSGYAADKESTQKAIDGVTNKVNSIIDKMNTQFEAVGREFNNLERRIENL
NKKMEDGFLDVWTYNAELLVLMENERTLDFHDSNVKNLYDKVRLQLRDNAKELGNGCFEFYHKCDNECMESVRNGTYDYP
KYSEEAILKREEISSGRLVPR
;
B,D,F
#
# COMPACT_ATOMS: atom_id res chain seq x y z
N LEU A 3 33.20 -31.26 -50.68
CA LEU A 3 34.57 -31.68 -51.08
C LEU A 3 35.29 -32.35 -49.87
N GLY A 4 35.26 -31.70 -48.71
CA GLY A 4 35.84 -32.24 -47.44
C GLY A 4 34.97 -33.27 -46.73
N SER A 5 35.28 -33.58 -45.47
CA SER A 5 34.45 -34.52 -44.70
C SER A 5 33.04 -33.96 -44.53
N ASP A 6 32.10 -34.84 -44.23
CA ASP A 6 30.72 -34.44 -43.98
C ASP A 6 30.56 -33.80 -42.59
N GLN A 7 29.54 -32.97 -42.44
CA GLN A 7 29.34 -32.21 -41.19
C GLN A 7 27.88 -32.08 -40.73
N ILE A 8 27.71 -31.88 -39.44
CA ILE A 8 26.43 -31.46 -38.88
C ILE A 8 26.67 -30.46 -37.74
N CYS A 9 26.02 -29.31 -37.85
CA CYS A 9 26.13 -28.27 -36.85
C CYS A 9 24.86 -28.15 -36.04
N ILE A 10 24.99 -27.79 -34.77
CA ILE A 10 23.83 -27.40 -33.97
C ILE A 10 23.81 -25.89 -33.89
N GLY A 11 22.62 -25.33 -34.00
CA GLY A 11 22.46 -23.88 -34.03
C GLY A 11 21.06 -23.43 -33.68
N TYR A 12 20.83 -22.14 -33.82
CA TYR A 12 19.59 -21.53 -33.43
C TYR A 12 19.30 -20.40 -34.38
N HIS A 13 18.07 -19.94 -34.45
CA HIS A 13 17.72 -19.04 -35.52
C HIS A 13 18.05 -17.59 -35.21
N ALA A 14 17.75 -16.72 -36.17
CA ALA A 14 17.99 -15.29 -36.06
C ALA A 14 17.18 -14.61 -37.16
N ASN A 15 16.94 -13.32 -37.05
CA ASN A 15 16.06 -12.62 -38.00
C ASN A 15 16.35 -11.13 -38.05
N ASN A 16 15.45 -10.36 -38.67
CA ASN A 16 15.71 -8.94 -38.92
C ASN A 16 15.30 -8.04 -37.77
N SER A 17 14.76 -8.62 -36.70
CA SER A 17 14.31 -7.87 -35.52
C SER A 17 15.37 -6.93 -34.93
N THR A 18 14.95 -5.69 -34.68
CA THR A 18 15.77 -4.70 -33.98
C THR A 18 15.34 -4.51 -32.52
N LYS A 19 14.23 -5.14 -32.13
CA LYS A 19 13.69 -5.03 -30.78
C LYS A 19 14.73 -5.32 -29.72
N GLN A 20 14.80 -4.44 -28.74
CA GLN A 20 15.73 -4.57 -27.63
C GLN A 20 15.05 -4.80 -26.28
N VAL A 21 15.79 -5.42 -25.39
CA VAL A 21 15.29 -5.84 -24.10
C VAL A 21 16.37 -5.55 -23.06
N ASP A 22 15.98 -5.45 -21.79
CA ASP A 22 16.96 -5.33 -20.71
C ASP A 22 16.83 -6.51 -19.75
N THR A 23 17.81 -6.65 -18.87
CA THR A 23 18.06 -7.85 -18.10
C THR A 23 18.81 -7.39 -16.88
N ILE A 24 18.59 -7.96 -15.70
CA ILE A 24 19.37 -7.49 -14.53
C ILE A 24 20.85 -7.28 -14.82
N MET A 25 21.45 -8.18 -15.59
CA MET A 25 22.90 -8.10 -15.89
C MET A 25 23.29 -7.43 -17.20
N GLU A 26 22.33 -7.18 -18.09
CA GLU A 26 22.65 -6.58 -19.37
C GLU A 26 21.59 -5.65 -19.89
N LYS A 27 22.01 -4.59 -20.57
CA LYS A 27 21.08 -3.67 -21.18
C LYS A 27 21.06 -3.75 -22.69
N ASN A 28 20.02 -3.19 -23.29
CA ASN A 28 19.96 -2.99 -24.74
C ASN A 28 20.44 -4.24 -25.52
N VAL A 29 19.83 -5.37 -25.18
CA VAL A 29 20.09 -6.65 -25.81
C VAL A 29 19.08 -6.93 -26.91
N THR A 30 19.54 -7.06 -28.15
CA THR A 30 18.62 -7.30 -29.26
C THR A 30 18.09 -8.69 -29.20
N VAL A 31 16.91 -8.91 -29.75
CA VAL A 31 16.21 -10.16 -29.52
C VAL A 31 15.26 -10.48 -30.68
N THR A 32 14.92 -11.75 -30.85
CA THR A 32 14.02 -12.23 -31.93
C THR A 32 12.60 -11.66 -31.90
N HIS A 33 11.92 -11.86 -30.79
CA HIS A 33 10.57 -11.36 -30.59
C HIS A 33 10.46 -10.84 -29.14
N ALA A 34 9.56 -9.89 -28.95
CA ALA A 34 9.29 -9.32 -27.64
C ALA A 34 7.86 -8.83 -27.56
N GLN A 35 7.52 -8.19 -26.44
CA GLN A 35 6.16 -8.08 -25.96
C GLN A 35 6.08 -7.04 -24.89
N ASP A 36 5.40 -5.93 -25.13
CA ASP A 36 5.25 -4.92 -24.08
C ASP A 36 4.06 -5.27 -23.22
N ILE A 37 4.23 -5.34 -21.92
CA ILE A 37 3.08 -5.58 -21.09
C ILE A 37 2.58 -4.30 -20.42
N LEU A 38 3.03 -3.15 -20.89
CA LEU A 38 2.60 -1.89 -20.30
C LEU A 38 1.66 -1.23 -21.26
N GLU A 39 0.43 -1.04 -20.82
CA GLU A 39 -0.58 -0.42 -21.65
C GLU A 39 -0.40 1.10 -21.67
N LYS A 40 -0.36 1.67 -22.87
CA LYS A 40 0.04 3.05 -23.10
C LYS A 40 -0.99 3.85 -23.91
N THR A 41 -2.10 3.23 -24.32
CA THR A 41 -3.04 3.89 -25.20
C THR A 41 -4.47 3.91 -24.70
N HIS A 42 -5.14 4.98 -25.09
CA HIS A 42 -6.52 5.23 -24.76
C HIS A 42 -7.21 5.87 -25.96
N ASN A 43 -8.53 5.81 -25.97
CA ASN A 43 -9.30 6.20 -27.16
C ASN A 43 -9.69 7.68 -27.25
N GLY A 44 -9.36 8.47 -26.23
CA GLY A 44 -9.56 9.92 -26.26
C GLY A 44 -11.03 10.32 -26.08
N LYS A 45 -11.81 9.46 -25.42
CA LYS A 45 -13.25 9.59 -25.34
C LYS A 45 -13.82 9.32 -23.96
N LEU A 46 -14.94 9.99 -23.64
CA LEU A 46 -15.73 9.70 -22.44
C LEU A 46 -16.77 8.70 -22.81
N CYS A 47 -16.75 7.53 -22.16
CA CYS A 47 -17.58 6.41 -22.55
C CYS A 47 -18.48 5.94 -21.44
N ASP A 48 -19.46 5.13 -21.81
CA ASP A 48 -20.28 4.41 -20.85
C ASP A 48 -19.35 3.53 -20.05
N LEU A 49 -19.80 3.15 -18.87
CA LEU A 49 -19.01 2.31 -18.01
C LEU A 49 -19.83 1.07 -17.79
N ASN A 50 -19.38 -0.04 -18.38
CA ASN A 50 -20.16 -1.26 -18.47
C ASN A 50 -21.59 -1.04 -18.91
N GLY A 51 -21.71 -0.32 -20.01
CA GLY A 51 -23.00 -0.14 -20.66
C GLY A 51 -23.93 0.84 -19.98
N VAL A 52 -23.40 1.67 -19.07
CA VAL A 52 -24.19 2.76 -18.48
C VAL A 52 -23.57 4.14 -18.73
N LYS A 53 -24.39 5.03 -19.28
CA LYS A 53 -23.92 6.35 -19.63
C LYS A 53 -23.64 7.14 -18.37
N PRO A 54 -22.56 7.91 -18.38
CA PRO A 54 -22.33 8.80 -17.27
C PRO A 54 -23.19 10.07 -17.38
N LEU A 55 -23.31 10.75 -16.26
CA LEU A 55 -24.03 11.99 -16.17
C LEU A 55 -23.04 13.09 -16.41
N ILE A 56 -23.11 13.70 -17.59
CA ILE A 56 -22.21 14.78 -17.96
C ILE A 56 -22.93 16.11 -17.80
N LEU A 57 -22.76 16.74 -16.64
CA LEU A 57 -23.14 18.15 -16.45
C LEU A 57 -22.24 18.92 -17.36
N LYS A 58 -22.81 19.88 -18.04
CA LYS A 58 -22.07 20.63 -19.00
C LYS A 58 -21.52 21.81 -18.19
N ASP A 59 -22.15 22.97 -18.25
CA ASP A 59 -21.62 24.13 -17.55
C ASP A 59 -22.18 24.25 -16.13
N CYS A 60 -22.57 23.12 -15.54
CA CYS A 60 -23.17 23.13 -14.21
C CYS A 60 -22.43 22.33 -13.19
N SER A 61 -22.56 22.78 -11.95
CA SER A 61 -22.11 22.06 -10.79
C SER A 61 -23.24 21.16 -10.36
N VAL A 62 -22.91 20.17 -9.54
CA VAL A 62 -23.94 19.29 -9.02
C VAL A 62 -24.97 20.13 -8.27
N ALA A 63 -24.52 21.13 -7.53
CA ALA A 63 -25.42 21.94 -6.76
C ALA A 63 -26.34 22.73 -7.64
N GLY A 64 -25.76 23.41 -8.63
CA GLY A 64 -26.55 24.16 -9.60
C GLY A 64 -27.62 23.26 -10.21
N TRP A 65 -27.18 22.10 -10.66
CA TRP A 65 -28.06 21.12 -11.23
C TRP A 65 -29.18 20.69 -10.29
N LEU A 66 -28.88 20.44 -9.02
CA LEU A 66 -29.90 19.87 -8.11
C LEU A 66 -30.92 20.91 -7.74
N LEU A 67 -30.44 22.04 -7.26
CA LEU A 67 -31.30 23.14 -6.81
C LEU A 67 -32.03 23.78 -7.96
N GLY A 68 -31.58 23.53 -9.18
CA GLY A 68 -32.26 24.05 -10.33
C GLY A 68 -31.92 25.50 -10.60
N ASN A 69 -30.64 25.82 -10.60
CA ASN A 69 -30.16 27.09 -11.11
C ASN A 69 -30.76 27.30 -12.49
N PRO A 70 -31.38 28.47 -12.73
CA PRO A 70 -32.07 28.74 -13.99
C PRO A 70 -31.34 28.38 -15.29
N MET A 71 -30.00 28.39 -15.29
CA MET A 71 -29.24 28.03 -16.50
C MET A 71 -28.82 26.55 -16.57
N CYS A 72 -29.10 25.80 -15.51
CA CYS A 72 -28.87 24.36 -15.47
C CYS A 72 -30.11 23.53 -15.86
N ASP A 73 -31.30 24.12 -15.70
CA ASP A 73 -32.56 23.42 -16.02
C ASP A 73 -32.73 23.23 -17.53
N GLU A 74 -31.68 23.55 -18.28
CA GLU A 74 -31.48 22.98 -19.59
C GLU A 74 -31.21 21.48 -19.40
N PHE A 75 -32.11 20.82 -18.65
CA PHE A 75 -31.82 19.54 -18.03
C PHE A 75 -32.44 18.34 -18.78
N ILE A 76 -33.76 18.11 -18.62
CA ILE A 76 -34.46 16.87 -19.05
C ILE A 76 -33.57 15.62 -19.09
N ARG A 77 -33.75 14.72 -18.13
CA ARG A 77 -32.91 13.52 -18.00
C ARG A 77 -33.52 12.74 -16.82
N VAL A 78 -32.89 11.69 -16.27
CA VAL A 78 -31.69 11.00 -16.80
C VAL A 78 -31.90 9.54 -17.19
N PRO A 79 -32.31 8.68 -16.25
CA PRO A 79 -32.53 8.73 -14.82
C PRO A 79 -31.63 7.69 -14.15
N GLU A 80 -30.47 7.45 -14.74
CA GLU A 80 -29.54 6.45 -14.24
C GLU A 80 -28.17 6.78 -14.79
N TRP A 81 -27.13 6.57 -13.98
CA TRP A 81 -25.76 6.86 -14.41
C TRP A 81 -24.69 6.14 -13.60
N SER A 82 -23.51 6.02 -14.20
CA SER A 82 -22.43 5.25 -13.62
C SER A 82 -21.38 6.11 -12.93
N TYR A 83 -21.16 7.31 -13.45
CA TYR A 83 -20.31 8.27 -12.80
C TYR A 83 -20.76 9.64 -13.24
N ILE A 84 -20.23 10.67 -12.60
CA ILE A 84 -20.55 12.03 -12.98
C ILE A 84 -19.32 12.71 -13.53
N VAL A 85 -19.50 13.55 -14.53
CA VAL A 85 -18.38 14.36 -14.95
C VAL A 85 -18.74 15.84 -14.93
N GLU A 86 -17.89 16.61 -14.24
CA GLU A 86 -17.99 18.06 -14.09
C GLU A 86 -16.82 18.66 -14.87
N ARG A 87 -17.00 19.86 -15.41
CA ARG A 87 -15.89 20.66 -15.88
C ARG A 87 -15.07 21.04 -14.64
N ALA A 88 -13.83 21.42 -14.85
CA ALA A 88 -12.99 21.89 -13.75
C ALA A 88 -13.61 23.09 -13.01
N ASN A 89 -14.05 24.10 -13.75
CA ASN A 89 -14.70 25.29 -13.18
C ASN A 89 -16.04 25.56 -13.86
N PRO A 90 -17.07 24.79 -13.49
CA PRO A 90 -18.36 25.00 -14.15
C PRO A 90 -18.92 26.38 -13.81
N ALA A 91 -19.40 27.09 -14.82
CA ALA A 91 -19.78 28.48 -14.65
C ALA A 91 -21.07 28.72 -13.86
N ASN A 92 -21.97 27.74 -13.84
CA ASN A 92 -23.25 27.87 -13.14
C ASN A 92 -23.29 27.01 -11.89
N ASP A 93 -22.97 27.62 -10.76
CA ASP A 93 -22.99 26.96 -9.48
C ASP A 93 -24.16 27.55 -8.72
N LEU A 94 -23.88 28.23 -7.61
CA LEU A 94 -24.88 28.91 -6.81
C LEU A 94 -25.01 30.33 -7.30
N CYS A 95 -26.01 30.59 -8.12
CA CYS A 95 -26.24 31.93 -8.65
C CYS A 95 -26.36 32.90 -7.48
N TYR A 96 -27.30 32.65 -6.57
CA TYR A 96 -27.32 33.36 -5.32
C TYR A 96 -26.28 32.74 -4.40
N PRO A 97 -25.31 33.54 -3.95
CA PRO A 97 -24.17 32.97 -3.27
C PRO A 97 -24.54 32.37 -1.93
N GLY A 98 -23.74 31.42 -1.50
CA GLY A 98 -24.02 30.74 -0.25
C GLY A 98 -23.25 29.44 -0.20
N THR A 99 -23.98 28.35 -0.01
CA THR A 99 -23.44 27.15 0.58
C THR A 99 -24.38 26.01 0.48
N LEU A 100 -23.84 24.82 0.22
CA LEU A 100 -24.58 23.59 0.31
C LEU A 100 -23.83 22.70 1.27
N ASN A 101 -24.44 22.44 2.41
CA ASN A 101 -23.87 21.62 3.45
C ASN A 101 -23.56 20.18 3.05
N ASP A 102 -22.46 19.65 3.57
CA ASP A 102 -22.01 18.32 3.24
C ASP A 102 -22.06 18.09 1.72
N TYR A 103 -21.66 19.12 0.97
CA TYR A 103 -21.70 19.08 -0.49
C TYR A 103 -20.88 17.91 -0.99
N GLU A 104 -19.67 17.77 -0.47
CA GLU A 104 -18.77 16.75 -0.95
C GLU A 104 -19.35 15.36 -0.71
N GLU A 105 -19.95 15.14 0.45
CA GLU A 105 -20.53 13.83 0.75
C GLU A 105 -21.74 13.58 -0.10
N LEU A 106 -22.46 14.65 -0.39
CA LEU A 106 -23.62 14.53 -1.25
C LEU A 106 -23.22 14.13 -2.66
N LYS A 107 -22.24 14.81 -3.21
CA LYS A 107 -21.73 14.49 -4.52
C LYS A 107 -21.32 13.03 -4.57
N HIS A 108 -20.70 12.56 -3.50
CA HIS A 108 -20.23 11.17 -3.47
C HIS A 108 -21.40 10.22 -3.54
N LEU A 109 -22.40 10.45 -2.70
CA LEU A 109 -23.62 9.71 -2.73
C LEU A 109 -24.23 9.69 -4.12
N LEU A 110 -24.18 10.82 -4.82
CA LEU A 110 -24.80 10.91 -6.14
C LEU A 110 -23.94 10.44 -7.33
N SER A 111 -22.71 10.06 -7.09
CA SER A 111 -21.82 9.73 -8.18
C SER A 111 -22.30 8.58 -9.08
N ARG A 112 -22.92 7.56 -8.49
CA ARG A 112 -23.51 6.43 -9.24
C ARG A 112 -24.87 6.14 -8.66
N ILE A 113 -25.88 6.32 -9.51
CA ILE A 113 -27.26 6.24 -9.08
C ILE A 113 -28.02 5.33 -10.02
N ASN A 114 -28.82 4.46 -9.42
CA ASN A 114 -29.51 3.44 -10.18
C ASN A 114 -30.87 3.91 -10.71
N HIS A 115 -31.51 4.84 -9.99
CA HIS A 115 -32.73 5.50 -10.44
C HIS A 115 -32.91 6.85 -9.76
N PHE A 116 -33.26 7.86 -10.56
CA PHE A 116 -33.35 9.25 -10.11
C PHE A 116 -34.53 9.93 -10.79
N GLU A 117 -35.37 10.57 -10.03
CA GLU A 117 -36.62 11.13 -10.58
C GLU A 117 -37.12 12.32 -9.74
N LYS A 118 -37.17 13.47 -10.38
CA LYS A 118 -37.70 14.66 -9.77
C LYS A 118 -39.21 14.46 -9.52
N THR A 119 -39.72 14.82 -8.34
CA THR A 119 -41.17 14.93 -8.11
C THR A 119 -41.54 16.14 -7.28
N LEU A 120 -42.70 16.69 -7.63
CA LEU A 120 -43.32 17.77 -6.90
C LEU A 120 -43.68 17.25 -5.53
N ILE A 121 -43.14 17.86 -4.49
CA ILE A 121 -43.32 17.36 -3.14
C ILE A 121 -44.25 18.28 -2.36
N ILE A 122 -44.04 19.59 -2.44
CA ILE A 122 -45.02 20.54 -1.96
C ILE A 122 -45.22 21.68 -2.99
N PRO A 123 -46.44 21.83 -3.52
CA PRO A 123 -46.63 22.79 -4.60
C PRO A 123 -46.67 24.23 -4.14
N ARG A 124 -46.27 25.17 -5.01
CA ARG A 124 -46.31 26.63 -4.73
C ARG A 124 -47.69 27.16 -4.33
N SER A 125 -48.73 26.47 -4.79
CA SER A 125 -50.08 26.76 -4.36
C SER A 125 -50.43 25.99 -3.10
N SER A 126 -49.59 26.04 -2.08
CA SER A 126 -49.95 25.54 -0.77
C SER A 126 -49.25 26.39 0.24
N TRP A 127 -49.09 27.65 -0.17
CA TRP A 127 -48.53 28.73 0.65
C TRP A 127 -49.54 29.88 0.53
N PRO A 128 -50.75 29.67 1.04
CA PRO A 128 -51.78 30.67 0.78
C PRO A 128 -51.50 31.99 1.50
N ASN A 129 -50.88 31.94 2.68
CA ASN A 129 -50.65 33.15 3.49
C ASN A 129 -49.27 33.79 3.33
N HIS A 130 -48.48 33.27 2.40
CA HIS A 130 -47.18 33.83 2.06
C HIS A 130 -47.06 34.09 0.56
N GLU A 131 -46.05 34.86 0.20
CA GLU A 131 -45.88 35.33 -1.16
C GLU A 131 -44.79 34.52 -1.86
N THR A 132 -45.18 33.81 -2.91
CA THR A 132 -44.27 32.86 -3.57
C THR A 132 -43.52 33.47 -4.75
N SER A 133 -44.21 34.31 -5.51
CA SER A 133 -43.69 34.81 -6.77
C SER A 133 -42.73 36.02 -6.65
N LEU A 134 -42.42 36.47 -5.45
CA LEU A 134 -41.53 37.61 -5.30
C LEU A 134 -40.13 37.25 -4.86
N GLY A 135 -39.92 35.96 -4.62
CA GLY A 135 -38.63 35.45 -4.21
C GLY A 135 -37.66 35.25 -5.35
N VAL A 136 -37.05 36.35 -5.78
CA VAL A 136 -36.39 36.46 -7.07
C VAL A 136 -35.15 37.38 -6.95
N SER A 137 -34.16 37.22 -7.82
CA SER A 137 -32.94 38.04 -7.70
C SER A 137 -32.17 38.29 -8.99
N ALA A 138 -31.58 39.48 -9.10
CA ALA A 138 -30.70 39.82 -10.21
C ALA A 138 -29.41 39.01 -10.26
N ALA A 139 -29.06 38.35 -9.15
CA ALA A 139 -27.87 37.51 -9.09
C ALA A 139 -28.04 36.23 -9.90
N CYS A 140 -29.26 35.97 -10.34
CA CYS A 140 -29.69 34.62 -10.57
C CYS A 140 -30.79 34.68 -11.67
N PRO A 141 -30.46 35.31 -12.82
CA PRO A 141 -31.37 35.70 -13.90
C PRO A 141 -31.63 34.63 -14.94
N TYR A 142 -32.81 34.65 -15.58
CA TYR A 142 -33.06 33.72 -16.67
C TYR A 142 -33.21 34.38 -18.04
N GLN A 143 -34.38 34.90 -18.34
CA GLN A 143 -34.62 35.34 -19.70
C GLN A 143 -34.41 36.84 -19.73
N GLY A 144 -33.27 37.28 -19.20
CA GLY A 144 -33.01 38.70 -18.90
C GLY A 144 -33.72 39.15 -17.65
N ALA A 145 -34.95 38.67 -17.46
CA ALA A 145 -35.67 38.79 -16.20
C ALA A 145 -34.94 38.05 -15.11
N SER A 146 -34.96 38.62 -13.93
CA SER A 146 -34.31 38.02 -12.81
C SER A 146 -35.26 37.00 -12.19
N SER A 147 -34.74 35.83 -11.78
CA SER A 147 -35.54 34.78 -11.09
C SER A 147 -34.72 34.07 -9.99
N PHE A 148 -34.73 32.73 -9.95
CA PHE A 148 -34.22 31.95 -8.80
C PHE A 148 -34.15 30.44 -9.05
N PHE A 149 -33.39 29.74 -8.20
CA PHE A 149 -33.40 28.29 -8.17
C PHE A 149 -34.83 27.80 -8.36
N ARG A 150 -35.04 26.97 -9.38
CA ARG A 150 -36.38 26.54 -9.75
C ARG A 150 -37.00 25.46 -8.87
N ASN A 151 -36.19 24.67 -8.17
CA ASN A 151 -36.72 23.56 -7.39
C ASN A 151 -36.99 23.85 -5.93
N VAL A 152 -36.88 25.11 -5.58
CA VAL A 152 -37.02 25.51 -4.21
C VAL A 152 -37.68 26.92 -4.22
N VAL A 153 -38.30 27.32 -3.12
CA VAL A 153 -39.14 28.52 -3.13
C VAL A 153 -38.71 29.56 -2.10
N TRP A 154 -38.32 30.74 -2.57
CA TRP A 154 -37.95 31.81 -1.67
C TRP A 154 -39.20 32.55 -1.19
N LEU A 155 -39.79 32.07 -0.09
CA LEU A 155 -41.02 32.64 0.46
C LEU A 155 -40.73 33.96 1.10
N ILE A 156 -41.56 34.95 0.79
CA ILE A 156 -41.56 36.23 1.51
C ILE A 156 -42.95 36.59 2.07
N LYS A 157 -42.99 37.66 2.88
CA LYS A 157 -44.21 38.06 3.59
C LYS A 157 -45.35 38.48 2.65
N LYS A 158 -46.57 38.20 3.10
CA LYS A 158 -47.77 38.60 2.40
C LYS A 158 -48.55 39.55 3.28
N ASN A 159 -49.05 40.61 2.63
CA ASN A 159 -49.55 41.79 3.32
C ASN A 159 -48.40 42.27 4.19
N ASP A 160 -48.57 42.53 5.47
CA ASP A 160 -47.37 42.84 6.21
C ASP A 160 -47.14 41.76 7.22
N ALA A 161 -47.25 40.50 6.78
CA ALA A 161 -47.23 39.37 7.71
C ALA A 161 -46.51 38.13 7.15
N TYR A 162 -45.81 37.43 8.05
CA TYR A 162 -45.21 36.13 7.78
C TYR A 162 -45.66 35.28 8.94
N PRO A 163 -46.84 34.69 8.79
CA PRO A 163 -47.30 33.80 9.85
C PRO A 163 -46.41 32.58 9.94
N THR A 164 -46.34 32.00 11.13
CA THR A 164 -45.49 30.86 11.38
C THR A 164 -45.96 29.64 10.61
N ILE A 165 -45.04 29.04 9.86
CA ILE A 165 -45.28 27.86 9.04
C ILE A 165 -45.05 26.61 9.86
N LYS A 166 -46.03 25.72 9.84
CA LYS A 166 -45.87 24.36 10.35
C LYS A 166 -46.42 23.48 9.27
N ILE A 167 -45.55 22.85 8.50
CA ILE A 167 -45.98 21.94 7.47
C ILE A 167 -45.24 20.62 7.64
N SER A 168 -45.80 19.55 7.12
CA SER A 168 -45.06 18.31 7.13
C SER A 168 -45.36 17.50 5.87
N TYR A 169 -44.42 16.64 5.47
CA TYR A 169 -44.59 15.83 4.27
C TYR A 169 -44.18 14.39 4.58
N ASN A 170 -45.05 13.46 4.25
CA ASN A 170 -44.83 12.03 4.46
C ASN A 170 -44.42 11.41 3.13
N ASN A 171 -43.25 10.77 3.11
CA ASN A 171 -42.80 10.10 1.91
C ASN A 171 -43.61 8.82 1.76
N THR A 172 -44.53 8.81 0.80
CA THR A 172 -45.40 7.66 0.58
C THR A 172 -44.93 6.82 -0.60
N ASN A 173 -43.70 7.05 -1.03
CA ASN A 173 -43.17 6.33 -2.17
C ASN A 173 -42.43 5.09 -1.73
N ARG A 174 -42.17 4.21 -2.69
CA ARG A 174 -41.33 3.02 -2.48
C ARG A 174 -39.92 3.43 -2.15
N GLU A 175 -39.47 4.54 -2.76
CA GLU A 175 -38.08 4.98 -2.76
C GLU A 175 -37.73 5.99 -1.68
N ASP A 176 -36.51 5.89 -1.16
CA ASP A 176 -35.87 6.99 -0.45
C ASP A 176 -36.07 8.27 -1.27
N LEU A 177 -36.17 9.44 -0.64
CA LEU A 177 -36.06 10.65 -1.43
C LEU A 177 -35.24 11.76 -0.81
N LEU A 178 -34.55 12.44 -1.70
CA LEU A 178 -33.54 13.44 -1.36
C LEU A 178 -34.21 14.78 -1.40
N ILE A 179 -34.16 15.51 -0.28
CA ILE A 179 -34.87 16.80 -0.15
C ILE A 179 -33.88 17.88 0.22
N LEU A 180 -34.07 19.06 -0.38
CA LEU A 180 -33.23 20.21 -0.08
C LEU A 180 -34.09 21.40 0.28
N TRP A 181 -33.64 22.11 1.31
CA TRP A 181 -34.22 23.38 1.73
C TRP A 181 -33.06 24.26 2.11
N GLY A 182 -33.36 25.49 2.50
CA GLY A 182 -32.32 26.41 2.85
C GLY A 182 -32.80 27.51 3.76
N ILE A 183 -31.87 28.36 4.19
CA ILE A 183 -32.19 29.55 4.98
C ILE A 183 -31.46 30.74 4.40
N HIS A 184 -32.08 31.91 4.50
CA HIS A 184 -31.53 33.12 3.92
C HIS A 184 -31.00 33.98 5.00
N HIS A 185 -29.74 34.34 4.86
CA HIS A 185 -29.09 35.28 5.73
C HIS A 185 -29.21 36.68 5.13
N SER A 186 -30.04 37.53 5.72
CA SER A 186 -30.19 38.95 5.31
C SER A 186 -29.06 39.83 5.83
N ASN A 187 -29.01 41.08 5.38
CA ASN A 187 -27.87 41.96 5.65
C ASN A 187 -28.03 42.96 6.77
N ASN A 188 -29.26 43.36 7.05
CA ASN A 188 -29.51 44.27 8.17
C ASN A 188 -30.97 44.28 8.57
N ALA A 189 -31.23 44.86 9.74
CA ALA A 189 -32.56 44.90 10.31
C ALA A 189 -33.64 45.30 9.30
N ALA A 190 -33.33 46.24 8.42
CA ALA A 190 -34.31 46.74 7.43
C ALA A 190 -34.74 45.71 6.35
N GLU A 191 -33.77 45.06 5.73
CA GLU A 191 -34.04 44.04 4.75
C GLU A 191 -34.91 42.94 5.42
N GLN A 192 -34.54 42.58 6.65
CA GLN A 192 -35.29 41.60 7.45
C GLN A 192 -36.40 42.32 8.12
N THR A 193 -37.55 42.36 7.48
CA THR A 193 -38.75 43.14 7.93
C THR A 193 -39.37 43.53 6.62
N ASN A 194 -38.52 44.15 5.81
CA ASN A 194 -38.86 44.39 4.44
C ASN A 194 -39.25 43.11 3.71
N LEU A 195 -38.51 42.03 3.96
CA LEU A 195 -38.80 40.74 3.34
C LEU A 195 -39.67 39.84 4.18
N TYR A 196 -39.49 39.84 5.50
CA TYR A 196 -40.13 38.82 6.33
C TYR A 196 -40.98 39.30 7.50
N LYS A 197 -41.03 40.61 7.71
CA LYS A 197 -41.65 41.24 8.89
C LYS A 197 -40.99 40.95 10.22
N ASN A 198 -41.03 39.69 10.63
CA ASN A 198 -40.58 39.30 11.95
C ASN A 198 -39.07 39.47 12.04
N PRO A 199 -38.57 40.05 13.14
CA PRO A 199 -37.14 40.34 13.16
C PRO A 199 -36.34 39.17 13.69
N ASP A 200 -36.90 38.32 14.56
CA ASP A 200 -36.15 37.23 15.15
C ASP A 200 -36.69 35.88 14.69
N THR A 201 -36.00 35.28 13.72
CA THR A 201 -36.56 34.16 12.98
C THR A 201 -35.75 32.91 13.07
N TYR A 202 -36.37 31.82 12.64
CA TYR A 202 -35.73 30.52 12.64
C TYR A 202 -36.26 29.61 11.52
N VAL A 203 -35.58 28.49 11.32
CA VAL A 203 -36.04 27.42 10.46
C VAL A 203 -35.70 26.11 11.17
N SER A 204 -36.72 25.33 11.50
CA SER A 204 -36.48 24.07 12.18
C SER A 204 -36.98 22.93 11.29
N VAL A 205 -36.27 21.81 11.36
CA VAL A 205 -36.50 20.70 10.46
C VAL A 205 -36.30 19.41 11.22
N GLY A 206 -37.29 18.51 11.14
CA GLY A 206 -37.23 17.23 11.83
C GLY A 206 -37.67 16.04 11.00
N THR A 207 -36.95 14.94 11.12
CA THR A 207 -37.44 13.67 10.64
C THR A 207 -37.31 12.73 11.82
N SER A 208 -37.27 11.42 11.57
CA SER A 208 -37.01 10.48 12.64
C SER A 208 -35.55 10.56 13.06
N THR A 209 -34.73 11.06 12.15
CA THR A 209 -33.29 11.14 12.28
C THR A 209 -32.81 12.57 12.49
N LEU A 210 -33.37 13.49 11.71
CA LEU A 210 -32.86 14.83 11.64
C LEU A 210 -33.52 15.66 12.70
N ASN A 211 -32.75 16.54 13.32
CA ASN A 211 -33.26 17.48 14.30
C ASN A 211 -32.44 18.76 14.20
N GLN A 212 -32.78 19.65 13.27
CA GLN A 212 -31.97 20.86 13.07
C GLN A 212 -32.77 22.12 13.37
N ARG A 213 -32.05 23.17 13.78
CA ARG A 213 -32.66 24.48 13.91
C ARG A 213 -31.73 25.58 13.47
N LEU A 214 -32.14 26.33 12.45
CA LEU A 214 -31.26 27.26 11.79
C LEU A 214 -31.69 28.66 12.08
N VAL A 215 -30.73 29.55 12.24
CA VAL A 215 -31.00 30.93 12.57
C VAL A 215 -30.18 31.83 11.65
N PRO A 216 -30.81 32.83 11.02
CA PRO A 216 -30.04 33.69 10.16
C PRO A 216 -29.07 34.55 10.90
N LYS A 217 -27.82 34.56 10.43
CA LYS A 217 -26.82 35.56 10.82
C LYS A 217 -26.99 36.86 10.06
N ILE A 218 -27.48 37.90 10.72
CA ILE A 218 -27.69 39.18 10.06
C ILE A 218 -26.38 39.94 10.22
N ALA A 219 -25.64 40.06 9.13
CA ALA A 219 -24.35 40.76 9.17
C ALA A 219 -23.91 41.31 7.80
N THR A 220 -22.81 42.02 7.82
CA THR A 220 -22.30 42.63 6.62
C THR A 220 -21.29 41.71 5.98
N ARG A 221 -21.51 41.42 4.70
CA ARG A 221 -20.58 40.60 3.91
C ARG A 221 -20.29 41.24 2.58
N SER A 222 -19.15 40.91 2.00
CA SER A 222 -18.77 41.50 0.73
C SER A 222 -19.64 40.91 -0.36
N GLN A 223 -19.88 41.69 -1.40
CA GLN A 223 -20.73 41.25 -2.49
C GLN A 223 -20.14 40.12 -3.29
N VAL A 224 -20.99 39.16 -3.62
CA VAL A 224 -20.71 38.10 -4.58
C VAL A 224 -21.91 38.02 -5.52
N ASN A 225 -21.66 38.05 -6.83
CA ASN A 225 -22.72 38.29 -7.81
C ASN A 225 -23.60 39.48 -7.39
N GLY A 226 -22.95 40.55 -6.96
CA GLY A 226 -23.63 41.78 -6.52
C GLY A 226 -24.59 41.61 -5.35
N GLN A 227 -24.34 40.62 -4.50
CA GLN A 227 -25.23 40.32 -3.42
C GLN A 227 -24.42 40.04 -2.17
N SER A 228 -24.74 40.77 -1.10
CA SER A 228 -24.11 40.55 0.19
C SER A 228 -24.89 39.51 1.00
N GLY A 229 -26.12 39.24 0.58
CA GLY A 229 -26.90 38.20 1.19
C GLY A 229 -26.26 36.85 0.97
N ARG A 230 -26.75 35.84 1.68
CA ARG A 230 -26.13 34.56 1.63
C ARG A 230 -27.20 33.53 1.87
N MET A 231 -27.16 32.45 1.10
CA MET A 231 -28.15 31.40 1.27
C MET A 231 -27.53 30.05 1.51
N ASP A 232 -27.77 29.50 2.70
CA ASP A 232 -27.22 28.20 3.08
C ASP A 232 -28.29 27.11 2.88
N PHE A 233 -27.96 26.09 2.09
CA PHE A 233 -28.85 24.96 1.88
C PHE A 233 -28.36 23.75 2.60
N PHE A 234 -29.32 22.84 2.80
CA PHE A 234 -29.15 21.61 3.54
C PHE A 234 -29.95 20.53 2.85
N TRP A 235 -29.68 19.28 3.21
CA TRP A 235 -30.35 18.15 2.57
C TRP A 235 -30.54 16.96 3.50
N THR A 236 -31.49 16.12 3.17
CA THR A 236 -31.58 14.84 3.86
C THR A 236 -32.17 13.79 2.93
N ILE A 237 -32.07 12.54 3.35
CA ILE A 237 -32.68 11.46 2.61
C ILE A 237 -33.84 10.98 3.44
N LEU A 238 -35.05 11.29 3.02
CA LEU A 238 -36.23 10.90 3.80
C LEU A 238 -36.62 9.48 3.44
N LYS A 239 -36.48 8.56 4.39
CA LYS A 239 -36.78 7.16 4.12
C LYS A 239 -38.28 6.98 3.85
N PRO A 240 -38.68 5.91 3.11
CA PRO A 240 -40.09 5.65 2.87
C PRO A 240 -40.86 5.53 4.15
N ASN A 241 -42.02 6.17 4.23
CA ASN A 241 -42.86 6.11 5.40
C ASN A 241 -42.39 6.97 6.56
N ASP A 242 -41.33 7.72 6.37
CA ASP A 242 -40.97 8.74 7.34
C ASP A 242 -41.51 10.05 6.85
N ALA A 243 -41.56 11.04 7.73
CA ALA A 243 -42.00 12.37 7.36
C ALA A 243 -41.05 13.43 7.84
N ILE A 244 -40.98 14.50 7.05
CA ILE A 244 -40.18 15.66 7.37
C ILE A 244 -41.10 16.77 7.86
N HIS A 245 -40.66 17.52 8.87
CA HIS A 245 -41.49 18.50 9.55
C HIS A 245 -40.79 19.85 9.49
N PHE A 246 -41.39 20.83 8.80
CA PHE A 246 -40.78 22.15 8.69
C PHE A 246 -41.52 23.15 9.56
N GLU A 247 -40.77 24.06 10.17
CA GLU A 247 -41.36 25.16 10.92
C GLU A 247 -40.51 26.41 10.82
N SER A 248 -41.11 27.53 10.48
CA SER A 248 -40.35 28.74 10.30
C SER A 248 -41.26 29.94 10.29
N ASN A 249 -40.76 31.01 10.90
CA ASN A 249 -41.45 32.29 10.94
C ASN A 249 -40.66 33.32 10.13
N GLY A 250 -39.78 32.85 9.26
CA GLY A 250 -38.98 33.73 8.44
C GLY A 250 -37.73 33.08 7.87
N ASN A 251 -37.27 33.67 6.76
CA ASN A 251 -36.01 33.33 6.10
C ASN A 251 -35.94 31.94 5.49
N PHE A 252 -37.10 31.30 5.29
CA PHE A 252 -37.16 29.92 4.85
C PHE A 252 -37.10 29.83 3.34
N ILE A 253 -36.23 28.98 2.82
CA ILE A 253 -36.21 28.65 1.39
C ILE A 253 -36.71 27.22 1.24
N ALA A 254 -37.97 27.10 0.81
CA ALA A 254 -38.72 25.87 1.02
C ALA A 254 -38.66 24.92 -0.17
N PRO A 255 -38.70 23.60 0.10
CA PRO A 255 -38.67 22.66 -1.00
C PRO A 255 -39.92 22.78 -1.82
N GLU A 256 -39.81 22.63 -3.13
CA GLU A 256 -40.97 22.41 -3.97
C GLU A 256 -40.82 21.02 -4.55
N TYR A 257 -39.75 20.81 -5.32
CA TYR A 257 -39.41 19.48 -5.85
C TYR A 257 -38.37 18.77 -4.98
N ALA A 258 -38.40 17.46 -5.05
CA ALA A 258 -37.44 16.61 -4.37
C ALA A 258 -37.12 15.50 -5.36
N TYR A 259 -36.23 14.58 -5.01
CA TYR A 259 -35.84 13.58 -5.97
C TYR A 259 -35.93 12.21 -5.40
N LYS A 260 -36.52 11.29 -6.14
CA LYS A 260 -36.49 9.89 -5.75
C LYS A 260 -35.13 9.30 -6.10
N ILE A 261 -34.52 8.59 -5.16
CA ILE A 261 -33.24 7.94 -5.44
C ILE A 261 -33.27 6.49 -5.01
N VAL A 262 -32.60 5.67 -5.80
CA VAL A 262 -32.20 4.37 -5.33
C VAL A 262 -30.73 4.29 -5.64
N LYS A 263 -29.97 3.92 -4.62
CA LYS A 263 -28.55 3.74 -4.73
C LYS A 263 -28.21 2.28 -4.53
N LYS A 264 -27.43 1.73 -5.44
CA LYS A 264 -26.76 0.44 -5.19
C LYS A 264 -25.45 0.42 -5.95
N GLY A 265 -24.43 1.08 -5.40
CA GLY A 265 -23.13 1.19 -6.07
C GLY A 265 -22.50 2.57 -5.92
N ASP A 266 -21.16 2.63 -5.91
CA ASP A 266 -20.49 3.79 -5.35
C ASP A 266 -19.82 4.79 -6.27
N SER A 267 -18.91 4.43 -7.14
CA SER A 267 -18.35 5.48 -8.05
C SER A 267 -17.80 6.81 -7.41
N THR A 268 -17.67 7.85 -8.21
CA THR A 268 -17.02 9.11 -7.81
C THR A 268 -17.25 10.18 -8.89
N ILE A 269 -16.61 11.33 -8.73
CA ILE A 269 -16.77 12.44 -9.69
C ILE A 269 -15.54 12.67 -10.49
N MET A 270 -15.68 12.66 -11.82
CA MET A 270 -14.55 12.88 -12.73
C MET A 270 -14.50 14.34 -13.18
N LYS A 271 -13.31 14.93 -13.18
CA LYS A 271 -13.15 16.29 -13.72
C LYS A 271 -12.55 16.16 -15.09
N SER A 272 -13.31 16.57 -16.10
CA SER A 272 -12.88 16.47 -17.46
C SER A 272 -13.62 17.43 -18.34
N GLU A 273 -12.93 17.89 -19.37
CA GLU A 273 -13.47 18.91 -20.27
C GLU A 273 -14.08 18.27 -21.53
N MET A 274 -14.01 16.95 -21.62
CA MET A 274 -14.48 16.27 -22.80
C MET A 274 -15.99 16.08 -22.82
N GLU A 275 -16.44 15.53 -23.94
CA GLU A 275 -17.84 15.30 -24.21
C GLU A 275 -18.05 13.81 -24.52
N TYR A 276 -19.29 13.39 -24.40
CA TYR A 276 -19.65 11.99 -24.58
C TYR A 276 -19.21 11.49 -25.94
N GLY A 277 -18.50 10.35 -25.94
CA GLY A 277 -17.99 9.76 -27.18
C GLY A 277 -18.77 8.55 -27.70
N HIS A 278 -19.98 8.31 -27.18
CA HIS A 278 -20.82 7.20 -27.70
C HIS A 278 -20.06 5.85 -27.81
N CYS A 279 -19.21 5.55 -26.82
CA CYS A 279 -18.45 4.30 -26.74
C CYS A 279 -18.81 3.57 -25.45
N ASN A 280 -18.17 2.45 -25.19
CA ASN A 280 -18.31 1.76 -23.93
C ASN A 280 -16.97 1.24 -23.47
N THR A 281 -16.74 1.24 -22.16
CA THR A 281 -15.43 0.84 -21.62
C THR A 281 -15.61 0.18 -20.27
N LYS A 282 -14.56 -0.51 -19.81
CA LYS A 282 -14.47 -1.05 -18.43
C LYS A 282 -13.63 -0.16 -17.52
N CYS A 283 -12.87 0.74 -18.12
CA CYS A 283 -11.97 1.61 -17.42
C CYS A 283 -11.89 2.97 -18.11
N GLN A 284 -12.34 4.03 -17.42
CA GLN A 284 -12.39 5.38 -17.98
C GLN A 284 -11.40 6.29 -17.27
N THR A 285 -10.73 7.18 -18.02
CA THR A 285 -9.88 8.22 -17.45
C THR A 285 -10.38 9.53 -17.97
N PRO A 286 -9.99 10.63 -17.34
CA PRO A 286 -10.41 11.96 -17.79
C PRO A 286 -9.92 12.39 -19.17
N ILE A 287 -8.87 11.74 -19.69
CA ILE A 287 -8.39 12.03 -21.04
C ILE A 287 -8.73 10.94 -22.05
N GLY A 288 -9.40 9.88 -21.60
CA GLY A 288 -9.84 8.83 -22.51
C GLY A 288 -9.96 7.47 -21.86
N ALA A 289 -10.63 6.55 -22.55
CA ALA A 289 -10.96 5.24 -22.00
C ALA A 289 -9.90 4.25 -22.38
N ILE A 290 -9.70 3.23 -21.55
CA ILE A 290 -8.70 2.21 -21.81
C ILE A 290 -9.36 0.81 -21.89
N ASN A 291 -9.06 0.10 -22.99
CA ASN A 291 -9.52 -1.26 -23.27
C ASN A 291 -8.31 -2.18 -23.39
N SER A 292 -7.95 -2.86 -22.32
CA SER A 292 -6.88 -3.86 -22.41
C SER A 292 -6.88 -4.88 -21.27
N SER A 293 -6.16 -5.96 -21.50
CA SER A 293 -5.99 -7.00 -20.47
C SER A 293 -4.58 -6.99 -19.94
N MET A 294 -3.82 -5.98 -20.34
CA MET A 294 -2.49 -5.80 -19.86
C MET A 294 -2.49 -5.43 -18.38
N PRO A 295 -1.51 -5.93 -17.63
CA PRO A 295 -1.56 -5.72 -16.18
C PRO A 295 -1.15 -4.35 -15.65
N PHE A 296 -0.47 -3.53 -16.46
CA PHE A 296 -0.05 -2.22 -15.99
C PHE A 296 -0.38 -1.17 -17.02
N HIS A 297 -0.53 0.07 -16.58
CA HIS A 297 -0.71 1.19 -17.50
C HIS A 297 -0.08 2.46 -16.98
N ASN A 298 0.02 3.47 -17.84
CA ASN A 298 0.67 4.73 -17.47
C ASN A 298 -0.03 5.95 -18.01
N ILE A 299 -1.31 5.81 -18.32
CA ILE A 299 -2.06 6.89 -18.92
C ILE A 299 -2.37 8.02 -17.95
N HIS A 300 -2.90 7.66 -16.79
CA HIS A 300 -3.54 8.65 -15.89
C HIS A 300 -3.99 8.01 -14.57
N PRO A 301 -3.65 8.62 -13.43
CA PRO A 301 -3.97 8.03 -12.11
C PRO A 301 -5.46 8.04 -11.73
N LEU A 302 -6.24 9.02 -12.18
CA LEU A 302 -7.63 9.16 -11.75
C LEU A 302 -8.57 8.32 -12.63
N THR A 303 -8.43 7.00 -12.53
CA THR A 303 -9.26 6.09 -13.28
C THR A 303 -10.55 5.90 -12.54
N ILE A 304 -11.61 5.56 -13.27
CA ILE A 304 -12.80 4.99 -12.64
C ILE A 304 -13.23 3.80 -13.47
N GLY A 305 -13.35 2.65 -12.81
CA GLY A 305 -13.52 1.37 -13.45
C GLY A 305 -12.58 0.30 -12.91
N GLU A 306 -12.48 -0.79 -13.66
CA GLU A 306 -11.67 -1.94 -13.34
C GLU A 306 -10.43 -1.85 -14.22
N CYS A 307 -9.34 -1.37 -13.66
CA CYS A 307 -8.20 -0.95 -14.48
C CYS A 307 -6.89 -1.71 -14.23
N PRO A 308 -5.92 -1.62 -15.17
CA PRO A 308 -4.59 -2.13 -14.87
C PRO A 308 -3.98 -1.26 -13.83
N LYS A 309 -2.76 -1.58 -13.41
CA LYS A 309 -2.18 -0.87 -12.29
C LYS A 309 -1.25 0.22 -12.76
N TYR A 310 -1.49 1.41 -12.23
CA TYR A 310 -0.82 2.62 -12.68
C TYR A 310 0.63 2.60 -12.21
N VAL A 311 1.56 2.90 -13.14
CA VAL A 311 3.01 2.95 -12.83
C VAL A 311 3.70 4.12 -13.50
N LYS A 312 4.87 4.49 -12.99
CA LYS A 312 5.72 5.47 -13.66
C LYS A 312 6.68 4.67 -14.49
N SER A 313 6.32 4.42 -15.75
CA SER A 313 7.15 3.63 -16.63
C SER A 313 6.81 3.88 -18.08
N ASN A 314 7.78 3.78 -18.98
CA ASN A 314 7.52 3.99 -20.40
C ASN A 314 7.46 2.71 -21.21
N LYS A 315 8.02 1.64 -20.65
CA LYS A 315 8.09 0.37 -21.33
C LYS A 315 8.16 -0.72 -20.32
N LEU A 316 7.48 -1.81 -20.59
CA LEU A 316 7.73 -3.04 -19.85
C LEU A 316 7.82 -4.16 -20.87
N VAL A 317 9.02 -4.31 -21.43
CA VAL A 317 9.24 -5.22 -22.55
C VAL A 317 9.82 -6.54 -22.12
N LEU A 318 9.04 -7.59 -22.36
CA LEU A 318 9.44 -8.95 -22.06
C LEU A 318 9.98 -9.66 -23.29
N ALA A 319 11.15 -10.29 -23.13
CA ALA A 319 11.70 -11.14 -24.17
C ALA A 319 10.88 -12.42 -24.29
N THR A 320 10.57 -12.79 -25.53
CA THR A 320 10.04 -14.12 -25.88
C THR A 320 11.03 -14.91 -26.76
N GLY A 321 11.72 -14.24 -27.68
CA GLY A 321 12.75 -14.87 -28.50
C GLY A 321 14.13 -14.96 -27.86
N LEU A 322 15.17 -15.06 -28.71
CA LEU A 322 16.56 -15.30 -28.30
C LEU A 322 17.39 -14.11 -28.67
N ARG A 323 18.66 -14.12 -28.24
CA ARG A 323 19.59 -13.08 -28.68
C ARG A 323 19.74 -13.11 -30.18
N ASN A 324 19.71 -11.93 -30.79
CA ASN A 324 19.81 -11.80 -32.24
C ASN A 324 21.15 -11.18 -32.58
N SER A 325 21.97 -11.94 -33.30
CA SER A 325 23.30 -11.48 -33.76
C SER A 325 23.23 -10.80 -35.15
N PRO A 326 24.32 -10.13 -35.57
CA PRO A 326 24.34 -9.54 -36.91
C PRO A 326 24.15 -10.56 -38.04
N GLY B 1 23.56 -18.88 -15.15
CA GLY B 1 23.32 -17.98 -16.31
C GLY B 1 23.67 -18.75 -17.56
N LEU B 2 24.51 -18.16 -18.42
CA LEU B 2 24.88 -18.84 -19.63
C LEU B 2 25.13 -20.31 -19.31
N PHE B 3 24.45 -21.12 -20.09
CA PHE B 3 24.82 -22.48 -20.31
C PHE B 3 25.84 -22.38 -21.43
N GLY B 4 26.55 -23.45 -21.70
CA GLY B 4 27.64 -23.42 -22.69
C GLY B 4 27.67 -22.27 -23.71
N ALA B 5 26.64 -22.20 -24.55
CA ALA B 5 26.72 -21.31 -25.68
C ALA B 5 25.43 -21.09 -26.39
N ILE B 6 24.98 -19.84 -26.33
CA ILE B 6 24.27 -19.22 -27.42
C ILE B 6 25.39 -18.36 -27.97
N ALA B 7 25.56 -17.15 -27.44
CA ALA B 7 26.68 -16.33 -27.91
C ALA B 7 27.91 -16.77 -27.16
N GLY B 8 28.27 -18.05 -27.31
CA GLY B 8 29.41 -18.64 -26.61
C GLY B 8 30.15 -19.43 -27.65
N PHE B 9 30.35 -20.72 -27.38
CA PHE B 9 30.91 -21.61 -28.40
C PHE B 9 30.11 -21.71 -29.71
N ILE B 10 28.96 -21.05 -29.81
CA ILE B 10 28.26 -20.95 -31.08
C ILE B 10 28.07 -19.51 -31.49
N GLU B 11 28.99 -19.06 -32.32
CA GLU B 11 29.20 -17.64 -32.55
C GLU B 11 27.88 -16.87 -32.79
N GLY B 12 27.06 -17.33 -33.72
CA GLY B 12 25.80 -16.61 -34.05
C GLY B 12 24.68 -17.58 -34.41
N GLY B 13 23.61 -17.10 -35.05
CA GLY B 13 22.41 -17.92 -35.32
C GLY B 13 22.16 -18.02 -36.79
N TRP B 14 21.40 -19.04 -37.19
CA TRP B 14 21.13 -19.29 -38.60
C TRP B 14 20.03 -18.34 -39.10
N GLN B 15 20.43 -17.20 -39.60
CA GLN B 15 19.53 -16.34 -40.38
C GLN B 15 18.67 -17.14 -41.38
N GLY B 16 19.18 -18.26 -41.86
CA GLY B 16 18.50 -19.03 -42.90
C GLY B 16 17.61 -20.14 -42.40
N MET B 17 17.66 -20.43 -41.10
CA MET B 17 16.76 -21.44 -40.52
C MET B 17 15.46 -20.75 -40.15
N VAL B 18 14.37 -21.17 -40.78
CA VAL B 18 13.13 -20.41 -40.71
C VAL B 18 11.92 -21.24 -40.30
N ASP B 19 12.14 -22.50 -39.97
CA ASP B 19 11.05 -23.46 -39.69
C ASP B 19 10.96 -23.73 -38.19
N GLY B 20 11.85 -23.12 -37.42
CA GLY B 20 11.86 -23.28 -35.97
C GLY B 20 12.88 -22.38 -35.31
N TRP B 21 13.11 -22.61 -34.03
CA TRP B 21 13.99 -21.76 -33.23
C TRP B 21 15.38 -22.39 -33.03
N TYR B 22 15.42 -23.70 -32.81
CA TYR B 22 16.66 -24.48 -32.71
C TYR B 22 16.73 -25.65 -33.71
N GLY B 23 17.90 -25.87 -34.28
CA GLY B 23 18.05 -26.97 -35.20
C GLY B 23 19.46 -27.21 -35.75
N TYR B 24 19.51 -27.92 -36.87
CA TYR B 24 20.76 -28.38 -37.37
C TYR B 24 20.98 -27.95 -38.81
N HIS B 25 22.25 -27.69 -39.11
CA HIS B 25 22.74 -27.47 -40.47
C HIS B 25 23.78 -28.54 -40.84
N HIS B 26 23.55 -29.21 -41.96
CA HIS B 26 24.43 -30.26 -42.42
C HIS B 26 25.02 -29.88 -43.77
N SER B 27 26.13 -30.54 -44.12
CA SER B 27 26.59 -30.61 -45.50
C SER B 27 27.24 -31.98 -45.77
N ASN B 28 26.85 -32.60 -46.87
CA ASN B 28 27.50 -33.81 -47.38
C ASN B 28 27.54 -33.75 -48.91
N GLU B 29 27.84 -34.85 -49.58
CA GLU B 29 27.90 -34.81 -51.06
C GLU B 29 26.51 -34.65 -51.71
N GLN B 30 25.46 -35.10 -51.03
CA GLN B 30 24.09 -34.93 -51.55
C GLN B 30 23.61 -33.50 -51.53
N GLY B 31 24.20 -32.68 -50.66
CA GLY B 31 23.83 -31.28 -50.56
C GLY B 31 23.98 -30.81 -49.13
N SER B 32 23.31 -29.69 -48.82
CA SER B 32 23.36 -29.06 -47.51
C SER B 32 22.03 -28.41 -47.17
N GLY B 33 21.80 -28.14 -45.90
CA GLY B 33 20.55 -27.49 -45.51
C GLY B 33 20.26 -27.35 -44.03
N TYR B 34 19.29 -26.51 -43.73
CA TYR B 34 18.84 -26.32 -42.37
C TYR B 34 17.61 -27.18 -42.12
N ALA B 35 17.46 -27.62 -40.89
CA ALA B 35 16.27 -28.35 -40.48
C ALA B 35 16.08 -28.19 -38.96
N ALA B 36 14.95 -27.61 -38.56
CA ALA B 36 14.72 -27.27 -37.16
C ALA B 36 14.29 -28.49 -36.37
N ASP B 37 14.69 -28.51 -35.11
CA ASP B 37 14.17 -29.49 -34.17
C ASP B 37 12.77 -29.06 -33.73
N LYS B 38 11.81 -29.55 -34.51
CA LYS B 38 10.40 -29.29 -34.33
C LYS B 38 9.99 -29.46 -32.85
N GLU B 39 10.29 -30.62 -32.28
CA GLU B 39 9.83 -31.00 -30.95
C GLU B 39 10.40 -30.08 -29.88
N SER B 40 11.68 -29.78 -30.02
CA SER B 40 12.41 -28.94 -29.08
C SER B 40 11.98 -27.47 -29.11
N THR B 41 11.57 -27.01 -30.28
CA THR B 41 11.14 -25.65 -30.50
C THR B 41 9.77 -25.43 -29.89
N GLN B 42 8.91 -26.44 -30.01
CA GLN B 42 7.54 -26.34 -29.51
C GLN B 42 7.50 -26.28 -28.01
N LYS B 43 8.40 -27.02 -27.36
CA LYS B 43 8.57 -26.97 -25.93
C LYS B 43 8.79 -25.53 -25.44
N ALA B 44 9.72 -24.87 -26.10
CA ALA B 44 10.14 -23.53 -25.76
C ALA B 44 9.06 -22.50 -26.12
N ILE B 45 8.45 -22.61 -27.29
CA ILE B 45 7.32 -21.73 -27.61
C ILE B 45 6.22 -21.85 -26.54
N ASP B 46 6.02 -23.05 -26.02
CA ASP B 46 4.97 -23.24 -25.06
C ASP B 46 5.37 -22.64 -23.73
N GLY B 47 6.58 -22.94 -23.29
CA GLY B 47 7.05 -22.43 -22.02
C GLY B 47 7.04 -20.91 -21.96
N VAL B 48 7.57 -20.29 -22.99
CA VAL B 48 7.65 -18.85 -23.07
C VAL B 48 6.28 -18.19 -23.08
N THR B 49 5.37 -18.63 -23.94
CA THR B 49 4.07 -17.96 -23.99
C THR B 49 3.26 -18.24 -22.71
N ASN B 50 3.57 -19.36 -22.07
CA ASN B 50 3.00 -19.65 -20.79
C ASN B 50 3.49 -18.69 -19.74
N LYS B 51 4.78 -18.35 -19.80
CA LYS B 51 5.34 -17.35 -18.89
C LYS B 51 4.62 -16.00 -19.04
N VAL B 52 4.50 -15.52 -20.25
CA VAL B 52 3.90 -14.24 -20.49
C VAL B 52 2.46 -14.25 -20.04
N ASN B 53 1.72 -15.27 -20.42
CA ASN B 53 0.31 -15.33 -20.00
C ASN B 53 0.14 -15.36 -18.48
N SER B 54 1.03 -16.06 -17.77
CA SER B 54 0.96 -16.10 -16.32
C SER B 54 1.15 -14.71 -15.72
N ILE B 55 2.13 -13.97 -16.20
CA ILE B 55 2.39 -12.62 -15.76
C ILE B 55 1.19 -11.67 -15.94
N ILE B 56 0.46 -11.91 -17.00
CA ILE B 56 -0.78 -11.19 -17.27
C ILE B 56 -1.96 -11.70 -16.43
N ASP B 57 -2.19 -13.00 -16.50
CA ASP B 57 -3.39 -13.60 -15.92
C ASP B 57 -3.43 -13.58 -14.39
N LYS B 58 -2.28 -13.56 -13.74
CA LYS B 58 -2.25 -13.60 -12.26
C LYS B 58 -2.57 -12.28 -11.60
N MET B 59 -2.42 -11.19 -12.32
CA MET B 59 -2.92 -9.89 -11.89
C MET B 59 -4.36 -10.05 -11.54
N ASN B 60 -5.11 -10.83 -12.36
CA ASN B 60 -6.59 -11.24 -12.18
C ASN B 60 -7.36 -10.71 -10.94
N THR B 61 -6.88 -9.57 -10.47
CA THR B 61 -7.53 -8.73 -9.54
C THR B 61 -7.13 -7.42 -10.13
N GLN B 62 -8.03 -6.97 -10.98
CA GLN B 62 -8.32 -5.60 -11.17
C GLN B 62 -9.60 -5.54 -10.30
N PHE B 63 -10.13 -4.35 -10.00
CA PHE B 63 -11.12 -4.23 -8.96
C PHE B 63 -12.16 -3.08 -9.23
N GLU B 64 -11.85 -1.82 -8.92
CA GLU B 64 -12.78 -0.67 -8.95
C GLU B 64 -12.24 0.58 -8.17
N ALA B 65 -12.78 1.75 -8.61
CA ALA B 65 -12.00 2.98 -8.73
C ALA B 65 -12.58 4.47 -8.54
N VAL B 66 -11.64 5.45 -8.58
CA VAL B 66 -11.88 6.83 -8.22
C VAL B 66 -10.72 7.87 -8.37
N GLY B 67 -11.18 9.13 -8.42
CA GLY B 67 -10.47 10.39 -8.17
C GLY B 67 -10.64 11.22 -6.86
N ARG B 68 -11.10 12.48 -6.93
CA ARG B 68 -10.58 13.58 -6.00
C ARG B 68 -11.52 14.52 -5.18
N GLU B 69 -11.92 14.11 -3.99
CA GLU B 69 -13.15 14.58 -3.42
C GLU B 69 -13.09 15.26 -2.07
N PHE B 70 -11.90 15.64 -1.61
CA PHE B 70 -11.80 16.37 -0.33
C PHE B 70 -11.65 17.86 -0.54
N ASN B 71 -12.07 18.65 0.43
CA ASN B 71 -12.09 20.07 0.19
C ASN B 71 -11.00 20.83 0.88
N ASN B 72 -11.08 22.13 0.76
CA ASN B 72 -10.03 22.98 1.16
C ASN B 72 -9.67 22.93 2.67
N LEU B 73 -10.57 22.50 3.54
CA LEU B 73 -10.25 22.24 4.95
C LEU B 73 -10.18 20.73 5.32
N GLU B 74 -9.80 19.92 4.34
CA GLU B 74 -9.59 18.50 4.49
C GLU B 74 -8.29 18.13 3.79
N ARG B 75 -7.29 18.99 3.93
CA ARG B 75 -6.03 18.83 3.26
C ARG B 75 -5.23 17.70 3.84
N ARG B 76 -5.32 17.53 5.14
CA ARG B 76 -4.68 16.40 5.84
C ARG B 76 -5.14 15.04 5.38
N ILE B 77 -6.43 14.89 5.14
CA ILE B 77 -6.98 13.66 4.65
C ILE B 77 -6.53 13.46 3.21
N GLU B 78 -6.59 14.51 2.38
CA GLU B 78 -6.12 14.40 0.99
C GLU B 78 -4.67 13.98 0.90
N ASN B 79 -3.85 14.48 1.83
CA ASN B 79 -2.47 14.11 1.86
C ASN B 79 -2.27 12.65 2.20
N LEU B 80 -3.14 12.15 3.06
CA LEU B 80 -3.19 10.73 3.35
C LEU B 80 -3.48 9.95 2.08
N ASN B 81 -4.43 10.38 1.28
CA ASN B 81 -4.69 9.72 0.02
C ASN B 81 -3.49 9.84 -0.93
N LYS B 82 -2.89 11.01 -0.97
CA LYS B 82 -1.73 11.15 -1.80
C LYS B 82 -0.69 10.07 -1.42
N LYS B 83 -0.36 10.00 -0.14
CA LYS B 83 0.65 9.09 0.30
C LYS B 83 0.33 7.67 -0.15
N MET B 84 -0.94 7.28 0.01
CA MET B 84 -1.35 5.95 -0.35
C MET B 84 -1.20 5.72 -1.85
N GLU B 85 -1.76 6.62 -2.63
CA GLU B 85 -1.67 6.56 -4.08
C GLU B 85 -0.21 6.43 -4.57
N ASP B 86 0.63 7.34 -4.12
CA ASP B 86 2.06 7.34 -4.44
C ASP B 86 2.72 6.05 -3.98
N GLY B 87 2.34 5.59 -2.81
CA GLY B 87 2.96 4.42 -2.21
C GLY B 87 2.73 3.20 -3.07
N PHE B 88 1.51 3.03 -3.54
CA PHE B 88 1.19 1.92 -4.42
C PHE B 88 1.89 2.08 -5.72
N LEU B 89 1.93 3.29 -6.25
CA LEU B 89 2.64 3.49 -7.53
C LEU B 89 4.13 3.14 -7.41
N ASP B 90 4.75 3.50 -6.30
CA ASP B 90 6.11 3.11 -6.09
C ASP B 90 6.23 1.57 -6.01
N VAL B 91 5.32 0.90 -5.34
CA VAL B 91 5.42 -0.53 -5.20
C VAL B 91 5.23 -1.22 -6.53
N TRP B 92 4.18 -0.88 -7.27
CA TRP B 92 3.96 -1.56 -8.54
C TRP B 92 5.04 -1.23 -9.53
N THR B 93 5.50 0.01 -9.53
CA THR B 93 6.51 0.37 -10.48
C THR B 93 7.79 -0.49 -10.28
N TYR B 94 8.24 -0.64 -9.05
CA TYR B 94 9.47 -1.38 -8.76
C TYR B 94 9.29 -2.84 -9.10
N ASN B 95 8.20 -3.42 -8.65
CA ASN B 95 7.94 -4.85 -8.89
C ASN B 95 7.87 -5.19 -10.36
N ALA B 96 7.26 -4.32 -11.16
CA ALA B 96 7.17 -4.59 -12.58
C ALA B 96 8.55 -4.43 -13.22
N GLU B 97 9.30 -3.39 -12.87
CA GLU B 97 10.57 -3.21 -13.56
C GLU B 97 11.44 -4.41 -13.31
N LEU B 98 11.49 -4.86 -12.04
CA LEU B 98 12.37 -5.97 -11.70
C LEU B 98 11.86 -7.29 -12.19
N LEU B 99 10.57 -7.44 -12.23
CA LEU B 99 10.02 -8.65 -12.76
C LEU B 99 10.55 -8.78 -14.17
N VAL B 100 10.37 -7.74 -14.97
CA VAL B 100 10.76 -7.76 -16.36
C VAL B 100 12.23 -8.10 -16.52
N LEU B 101 13.07 -7.41 -15.77
CA LEU B 101 14.49 -7.62 -15.85
C LEU B 101 14.84 -9.04 -15.48
N MET B 102 14.38 -9.50 -14.31
CA MET B 102 14.72 -10.82 -13.84
C MET B 102 14.22 -11.89 -14.77
N GLU B 103 13.01 -11.74 -15.24
CA GLU B 103 12.42 -12.76 -16.07
C GLU B 103 13.00 -12.79 -17.49
N ASN B 104 13.49 -11.66 -17.98
CA ASN B 104 14.25 -11.67 -19.22
C ASN B 104 15.60 -12.38 -19.11
N GLU B 105 16.36 -12.10 -18.06
CA GLU B 105 17.54 -12.87 -17.81
C GLU B 105 17.18 -14.35 -17.97
N ARG B 106 16.10 -14.81 -17.34
CA ARG B 106 15.81 -16.24 -17.27
C ARG B 106 15.26 -16.81 -18.57
N THR B 107 14.56 -15.98 -19.32
CA THR B 107 14.09 -16.36 -20.64
C THR B 107 15.28 -16.59 -21.56
N LEU B 108 16.27 -15.71 -21.51
CA LEU B 108 17.42 -15.88 -22.39
C LEU B 108 18.21 -17.12 -22.03
N ASP B 109 18.55 -17.34 -20.75
CA ASP B 109 19.29 -18.58 -20.49
C ASP B 109 18.46 -19.86 -20.61
N PHE B 110 17.14 -19.75 -20.63
CA PHE B 110 16.28 -20.89 -20.98
C PHE B 110 16.61 -21.37 -22.39
N HIS B 111 16.62 -20.43 -23.34
CA HIS B 111 16.99 -20.74 -24.70
C HIS B 111 18.40 -21.36 -24.77
N ASP B 112 19.33 -20.77 -24.03
CA ASP B 112 20.68 -21.26 -23.97
C ASP B 112 20.68 -22.74 -23.59
N SER B 113 19.99 -23.10 -22.51
CA SER B 113 19.98 -24.49 -22.06
C SER B 113 19.36 -25.41 -23.10
N ASN B 114 18.33 -24.94 -23.78
CA ASN B 114 17.64 -25.76 -24.77
C ASN B 114 18.59 -26.20 -25.88
N VAL B 115 19.37 -25.24 -26.35
CA VAL B 115 20.38 -25.48 -27.36
C VAL B 115 21.46 -26.44 -26.83
N LYS B 116 22.07 -26.09 -25.70
CA LYS B 116 23.13 -26.92 -25.17
C LYS B 116 22.68 -28.34 -24.93
N ASN B 117 21.42 -28.52 -24.58
CA ASN B 117 20.88 -29.86 -24.38
C ASN B 117 20.76 -30.63 -25.70
N LEU B 118 20.70 -29.89 -26.80
CA LEU B 118 20.66 -30.49 -28.12
C LEU B 118 22.05 -30.89 -28.62
N TYR B 119 23.04 -29.98 -28.48
CA TYR B 119 24.42 -30.35 -28.70
C TYR B 119 24.67 -31.64 -27.97
N ASP B 120 24.34 -31.70 -26.70
CA ASP B 120 24.66 -32.87 -25.91
C ASP B 120 23.94 -34.14 -26.33
N LYS B 121 22.72 -34.03 -26.85
CA LYS B 121 21.97 -35.21 -27.32
C LYS B 121 22.72 -35.85 -28.48
N VAL B 122 23.20 -35.01 -29.38
CA VAL B 122 23.95 -35.43 -30.53
C VAL B 122 25.37 -35.92 -30.15
N ARG B 123 26.06 -35.13 -29.36
CA ARG B 123 27.39 -35.50 -28.94
C ARG B 123 27.42 -36.88 -28.30
N LEU B 124 26.45 -37.22 -27.47
CA LEU B 124 26.47 -38.51 -26.78
C LEU B 124 26.07 -39.68 -27.68
N GLN B 125 25.80 -39.42 -28.95
CA GLN B 125 25.28 -40.43 -29.85
C GLN B 125 26.39 -40.87 -30.78
N LEU B 126 27.00 -39.88 -31.42
CA LEU B 126 28.27 -40.06 -32.11
C LEU B 126 29.29 -40.01 -31.00
N ARG B 127 30.55 -40.31 -31.27
CA ARG B 127 31.55 -39.98 -30.26
C ARG B 127 32.90 -39.96 -30.90
N ASP B 128 33.54 -41.13 -31.02
CA ASP B 128 34.77 -41.22 -31.79
C ASP B 128 34.43 -41.38 -33.27
N ASN B 129 33.15 -41.47 -33.60
CA ASN B 129 32.72 -41.39 -34.99
C ASN B 129 32.77 -39.99 -35.58
N ALA B 130 32.97 -38.97 -34.73
CA ALA B 130 33.14 -37.59 -35.20
C ALA B 130 33.97 -36.70 -34.29
N LYS B 131 34.55 -35.68 -34.90
CA LYS B 131 35.42 -34.71 -34.22
C LYS B 131 34.52 -33.62 -33.66
N GLU B 132 34.69 -33.25 -32.39
CA GLU B 132 34.04 -32.04 -31.85
C GLU B 132 34.83 -30.80 -32.30
N LEU B 133 34.48 -30.25 -33.45
CA LEU B 133 35.12 -29.02 -33.90
C LEU B 133 35.17 -27.92 -32.83
N GLY B 134 34.14 -27.87 -31.98
CA GLY B 134 34.12 -26.92 -30.84
C GLY B 134 33.48 -25.57 -31.12
N ASN B 135 32.99 -25.41 -32.37
CA ASN B 135 32.21 -24.26 -32.77
C ASN B 135 30.74 -24.64 -32.91
N GLY B 136 30.40 -25.83 -32.44
CA GLY B 136 29.04 -26.31 -32.45
C GLY B 136 28.82 -27.34 -33.54
N CYS B 137 29.89 -27.66 -34.26
CA CYS B 137 29.78 -28.62 -35.35
C CYS B 137 30.49 -29.92 -35.04
N PHE B 138 30.10 -30.94 -35.80
CA PHE B 138 30.76 -32.22 -35.78
C PHE B 138 31.27 -32.55 -37.18
N GLU B 139 32.53 -32.92 -37.27
CA GLU B 139 33.07 -33.43 -38.52
C GLU B 139 33.05 -34.95 -38.46
N PHE B 140 32.25 -35.56 -39.32
CA PHE B 140 32.16 -37.01 -39.36
C PHE B 140 33.44 -37.66 -39.88
N TYR B 141 33.87 -38.71 -39.19
CA TYR B 141 34.98 -39.50 -39.65
C TYR B 141 34.51 -40.40 -40.80
N HIS B 142 33.36 -41.00 -40.65
CA HIS B 142 32.76 -41.72 -41.76
C HIS B 142 31.97 -40.82 -42.67
N LYS B 143 31.40 -41.41 -43.70
CA LYS B 143 30.61 -40.66 -44.65
C LYS B 143 29.15 -40.82 -44.27
N CYS B 144 28.45 -39.69 -44.17
CA CYS B 144 27.07 -39.69 -43.62
C CYS B 144 26.06 -39.06 -44.56
N ASP B 145 25.32 -39.92 -45.24
CA ASP B 145 24.34 -39.50 -46.22
C ASP B 145 23.08 -38.93 -45.53
N ASN B 146 22.09 -38.53 -46.33
CA ASN B 146 20.88 -37.88 -45.82
C ASN B 146 20.06 -38.82 -44.96
N GLU B 147 19.99 -40.08 -45.31
CA GLU B 147 19.28 -41.03 -44.45
C GLU B 147 19.99 -41.11 -43.10
N CYS B 148 21.32 -41.05 -43.12
CA CYS B 148 22.12 -41.02 -41.90
C CYS B 148 21.93 -39.72 -41.14
N MET B 149 22.03 -38.59 -41.83
CA MET B 149 21.79 -37.26 -41.24
C MET B 149 20.49 -37.18 -40.44
N GLU B 150 19.38 -37.65 -41.03
CA GLU B 150 18.10 -37.73 -40.33
C GLU B 150 18.16 -38.63 -39.10
N SER B 151 18.99 -39.66 -39.13
CA SER B 151 19.03 -40.62 -38.02
C SER B 151 19.62 -40.02 -36.76
N VAL B 152 20.35 -38.92 -36.88
CA VAL B 152 20.89 -38.23 -35.71
C VAL B 152 19.92 -37.14 -35.26
N ARG B 153 19.27 -36.50 -36.24
CA ARG B 153 18.24 -35.51 -35.98
C ARG B 153 17.08 -36.08 -35.17
N ASN B 154 16.85 -37.39 -35.26
CA ASN B 154 15.79 -38.03 -34.50
C ASN B 154 16.25 -39.05 -33.45
N GLY B 155 17.52 -38.99 -33.04
CA GLY B 155 18.05 -39.80 -31.94
C GLY B 155 18.03 -41.29 -32.17
N THR B 156 18.33 -41.71 -33.39
CA THR B 156 18.39 -43.14 -33.72
C THR B 156 19.66 -43.50 -34.50
N TYR B 157 20.70 -42.69 -34.36
CA TYR B 157 21.96 -42.95 -35.04
C TYR B 157 22.55 -44.29 -34.61
N ASP B 158 23.15 -44.99 -35.57
CA ASP B 158 23.64 -46.35 -35.38
C ASP B 158 25.19 -46.38 -35.24
N TYR B 159 25.69 -46.24 -34.01
CA TYR B 159 27.14 -46.24 -33.78
C TYR B 159 27.76 -47.53 -34.25
N PRO B 160 27.32 -48.68 -33.69
CA PRO B 160 27.94 -49.95 -34.07
C PRO B 160 28.08 -50.17 -35.59
N LYS B 161 27.24 -49.51 -36.37
CA LYS B 161 27.34 -49.57 -37.81
C LYS B 161 28.63 -49.01 -38.42
N TYR B 162 28.94 -47.76 -38.11
CA TYR B 162 30.04 -47.06 -38.77
C TYR B 162 31.39 -47.08 -38.00
N SER B 163 31.38 -47.65 -36.81
CA SER B 163 32.49 -47.62 -35.89
C SER B 163 33.46 -48.57 -36.45
N GLU B 164 34.21 -48.12 -37.42
CA GLU B 164 34.95 -49.07 -38.19
C GLU B 164 35.49 -48.36 -39.37
N GLU B 165 34.57 -47.87 -40.20
CA GLU B 165 34.91 -46.96 -41.26
C GLU B 165 35.60 -45.73 -40.68
N ALA B 166 35.21 -45.38 -39.45
CA ALA B 166 35.83 -44.31 -38.70
C ALA B 166 37.23 -44.68 -38.22
N ILE B 167 37.35 -45.80 -37.50
CA ILE B 167 38.65 -46.26 -36.99
C ILE B 167 39.73 -46.24 -38.09
N LEU B 168 39.24 -46.56 -39.28
CA LEU B 168 40.03 -46.57 -40.49
C LEU B 168 40.44 -45.17 -40.93
N LYS B 169 39.52 -44.20 -40.86
CA LYS B 169 39.88 -42.83 -41.19
C LYS B 169 40.71 -42.12 -40.09
N ARG B 170 40.72 -42.63 -38.87
CA ARG B 170 41.69 -42.13 -37.91
C ARG B 170 43.12 -42.62 -38.22
N GLU B 171 43.24 -43.85 -38.72
CA GLU B 171 44.55 -44.35 -39.17
C GLU B 171 45.03 -43.75 -40.50
N GLU B 172 44.17 -42.99 -41.16
CA GLU B 172 44.58 -42.26 -42.35
C GLU B 172 45.06 -40.85 -42.01
N ILE B 173 44.38 -40.20 -41.05
CA ILE B 173 44.73 -38.83 -40.67
C ILE B 173 46.00 -38.80 -39.84
N SER B 174 46.34 -39.89 -39.17
CA SER B 174 47.64 -39.99 -38.47
C SER B 174 48.77 -40.49 -39.39
N SER B 175 48.80 -40.01 -40.63
CA SER B 175 49.78 -40.40 -41.63
C SER B 175 49.63 -39.59 -42.94
N GLY B 176 50.52 -39.81 -43.90
CA GLY B 176 50.42 -39.10 -45.17
C GLY B 176 49.48 -39.85 -46.08
N LEU C 3 23.45 -62.01 -17.94
CA LEU C 3 24.01 -62.58 -19.21
C LEU C 3 24.98 -61.56 -19.87
N GLY C 4 24.52 -60.31 -20.04
CA GLY C 4 25.33 -59.24 -20.63
C GLY C 4 26.33 -58.60 -19.67
N SER C 5 26.93 -57.48 -20.10
CA SER C 5 27.91 -56.75 -19.28
C SER C 5 27.28 -56.13 -18.03
N ASP C 6 28.13 -55.77 -17.07
CA ASP C 6 27.70 -55.05 -15.87
C ASP C 6 27.31 -53.60 -16.16
N GLN C 7 26.43 -53.05 -15.32
CA GLN C 7 25.93 -51.70 -15.49
C GLN C 7 25.72 -50.96 -14.19
N ILE C 8 25.75 -49.64 -14.27
CA ILE C 8 25.29 -48.79 -13.17
C ILE C 8 24.59 -47.55 -13.73
N CYS C 9 23.37 -47.32 -13.27
CA CYS C 9 22.59 -46.18 -13.73
C CYS C 9 22.51 -45.14 -12.64
N ILE C 10 22.45 -43.87 -13.04
CA ILE C 10 22.10 -42.79 -12.11
C ILE C 10 20.64 -42.44 -12.31
N GLY C 11 19.94 -42.21 -11.21
CA GLY C 11 18.52 -41.96 -11.28
C GLY C 11 17.98 -41.18 -10.10
N TYR C 12 16.67 -41.04 -10.09
CA TYR C 12 16.00 -40.23 -9.10
C TYR C 12 14.68 -40.91 -8.82
N HIS C 13 14.08 -40.60 -7.69
CA HIS C 13 12.95 -41.42 -7.27
C HIS C 13 11.63 -40.94 -7.89
N ALA C 14 10.57 -41.66 -7.57
CA ALA C 14 9.24 -41.35 -8.04
C ALA C 14 8.27 -42.10 -7.13
N ASN C 15 7.00 -41.71 -7.12
CA ASN C 15 6.04 -42.35 -6.23
C ASN C 15 4.64 -42.22 -6.81
N ASN C 16 3.62 -42.54 -6.03
CA ASN C 16 2.25 -42.51 -6.52
C ASN C 16 1.46 -41.19 -6.20
N SER C 17 2.17 -40.16 -5.73
CA SER C 17 1.62 -38.79 -5.59
C SER C 17 0.92 -38.29 -6.85
N THR C 18 -0.26 -37.73 -6.65
CA THR C 18 -1.01 -37.04 -7.70
C THR C 18 -0.91 -35.50 -7.59
N LYS C 19 -0.31 -35.01 -6.49
CA LYS C 19 -0.20 -33.57 -6.25
C LYS C 19 0.38 -32.84 -7.44
N GLN C 20 -0.28 -31.76 -7.82
CA GLN C 20 0.15 -30.92 -8.94
C GLN C 20 0.62 -29.50 -8.54
N VAL C 21 1.48 -28.93 -9.37
CA VAL C 21 2.08 -27.65 -9.10
C VAL C 21 2.12 -26.86 -10.41
N ASP C 22 2.23 -25.54 -10.32
CA ASP C 22 2.39 -24.71 -11.53
C ASP C 22 3.73 -23.96 -11.45
N THR C 23 4.12 -23.38 -12.57
CA THR C 23 5.49 -22.94 -12.82
C THR C 23 5.31 -21.84 -13.84
N ILE C 24 6.08 -20.77 -13.81
CA ILE C 24 5.90 -19.73 -14.87
C ILE C 24 5.72 -20.30 -16.26
N MET C 25 6.48 -21.35 -16.57
CA MET C 25 6.44 -21.96 -17.92
C MET C 25 5.53 -23.15 -18.12
N GLU C 26 5.04 -23.76 -17.04
CA GLU C 26 4.25 -24.97 -17.17
C GLU C 26 3.17 -25.04 -16.15
N LYS C 27 2.04 -25.60 -16.55
CA LYS C 27 0.93 -25.81 -15.61
C LYS C 27 0.71 -27.27 -15.26
N ASN C 28 -0.01 -27.49 -14.19
CA ASN C 28 -0.50 -28.82 -13.86
C ASN C 28 0.62 -29.89 -14.00
N VAL C 29 1.74 -29.62 -13.33
CA VAL C 29 2.89 -30.53 -13.28
C VAL C 29 2.87 -31.38 -12.04
N THR C 30 2.79 -32.70 -12.21
CA THR C 30 2.72 -33.61 -11.07
C THR C 30 4.08 -33.71 -10.40
N VAL C 31 4.09 -33.99 -9.11
CA VAL C 31 5.28 -33.81 -8.31
C VAL C 31 5.26 -34.73 -7.10
N THR C 32 6.44 -35.04 -6.57
CA THR C 32 6.60 -35.98 -5.44
C THR C 32 5.93 -35.56 -4.13
N HIS C 33 6.28 -34.37 -3.66
CA HIS C 33 5.71 -33.79 -2.45
C HIS C 33 5.48 -32.29 -2.74
N ALA C 34 4.51 -31.73 -2.02
CA ALA C 34 4.22 -30.29 -2.10
C ALA C 34 3.62 -29.79 -0.78
N GLN C 35 3.22 -28.53 -0.78
CA GLN C 35 3.14 -27.73 0.42
C GLN C 35 2.35 -26.48 0.14
N ASP C 36 1.17 -26.33 0.76
CA ASP C 36 0.40 -25.11 0.57
C ASP C 36 0.84 -24.10 1.59
N ILE C 37 1.19 -22.90 1.14
CA ILE C 37 1.52 -21.86 2.10
C ILE C 37 0.38 -20.87 2.29
N LEU C 38 -0.81 -21.24 1.84
CA LEU C 38 -1.97 -20.38 1.99
C LEU C 38 -2.84 -20.96 3.05
N GLU C 39 -3.04 -20.22 4.13
CA GLU C 39 -3.88 -20.65 5.23
C GLU C 39 -5.36 -20.46 4.89
N LYS C 40 -6.13 -21.52 5.08
CA LYS C 40 -7.51 -21.58 4.58
C LYS C 40 -8.50 -22.00 5.64
N THR C 41 -8.04 -22.23 6.88
CA THR C 41 -8.94 -22.70 7.93
C THR C 41 -8.94 -21.88 9.23
N HIS C 42 -10.09 -21.91 9.88
CA HIS C 42 -10.35 -21.21 11.12
C HIS C 42 -11.21 -22.08 12.01
N ASN C 43 -11.26 -21.77 13.30
CA ASN C 43 -11.94 -22.63 14.26
C ASN C 43 -13.44 -22.37 14.47
N GLY C 44 -13.97 -21.35 13.84
CA GLY C 44 -15.42 -21.07 13.90
C GLY C 44 -15.88 -20.46 15.23
N LYS C 45 -14.96 -19.79 15.92
CA LYS C 45 -15.18 -19.32 17.29
C LYS C 45 -14.69 -17.90 17.58
N LEU C 46 -15.37 -17.21 18.50
CA LEU C 46 -14.91 -15.92 19.01
C LEU C 46 -14.10 -16.19 20.21
N CYS C 47 -12.83 -15.74 20.19
CA CYS C 47 -11.87 -16.10 21.20
C CYS C 47 -11.26 -14.90 21.88
N ASP C 48 -10.63 -15.17 23.02
CA ASP C 48 -9.78 -14.18 23.67
C ASP C 48 -8.71 -13.78 22.67
N LEU C 49 -8.14 -12.60 22.87
CA LEU C 49 -7.08 -12.12 22.00
C LEU C 49 -5.88 -11.94 22.90
N ASN C 50 -4.88 -12.80 22.71
CA ASN C 50 -3.74 -12.90 23.63
C ASN C 50 -4.13 -12.96 25.11
N GLY C 51 -5.03 -13.88 25.41
CA GLY C 51 -5.43 -14.13 26.77
C GLY C 51 -6.36 -13.12 27.40
N VAL C 52 -6.98 -12.25 26.58
CA VAL C 52 -7.97 -11.28 27.10
C VAL C 52 -9.31 -11.42 26.39
N LYS C 53 -10.33 -11.63 27.20
CA LYS C 53 -11.66 -11.86 26.68
C LYS C 53 -12.17 -10.56 26.03
N PRO C 54 -12.83 -10.69 24.90
CA PRO C 54 -13.49 -9.53 24.34
C PRO C 54 -14.77 -9.23 25.07
N LEU C 55 -15.23 -8.00 24.91
CA LEU C 55 -16.49 -7.54 25.47
C LEU C 55 -17.58 -7.80 24.45
N ILE C 56 -18.39 -8.81 24.69
CA ILE C 56 -19.44 -9.20 23.77
C ILE C 56 -20.75 -8.66 24.30
N LEU C 57 -21.13 -7.48 23.82
CA LEU C 57 -22.49 -6.99 23.99
C LEU C 57 -23.38 -7.93 23.20
N LYS C 58 -24.48 -8.31 23.79
CA LYS C 58 -25.30 -9.28 23.11
C LYS C 58 -26.27 -8.42 22.33
N ASP C 59 -27.45 -8.16 22.87
CA ASP C 59 -28.44 -7.37 22.14
C ASP C 59 -28.33 -5.86 22.43
N CYS C 60 -27.14 -5.40 22.82
CA CYS C 60 -26.94 -3.99 23.14
C CYS C 60 -25.92 -3.31 22.31
N SER C 61 -26.17 -2.02 22.12
CA SER C 61 -25.21 -1.15 21.48
C SER C 61 -24.31 -0.62 22.56
N VAL C 62 -23.17 -0.07 22.15
CA VAL C 62 -22.24 0.52 23.12
C VAL C 62 -22.97 1.59 23.89
N ALA C 63 -23.79 2.35 23.19
CA ALA C 63 -24.52 3.43 23.83
C ALA C 63 -25.51 2.92 24.87
N GLY C 64 -26.33 1.97 24.45
CA GLY C 64 -27.30 1.37 25.36
C GLY C 64 -26.58 0.88 26.60
N TRP C 65 -25.50 0.15 26.38
CA TRP C 65 -24.68 -0.37 27.44
C TRP C 65 -24.12 0.71 28.38
N LEU C 66 -23.62 1.82 27.84
CA LEU C 66 -22.96 2.83 28.69
C LEU C 66 -23.96 3.62 29.50
N LEU C 67 -24.96 4.17 28.81
CA LEU C 67 -26.01 4.92 29.46
C LEU C 67 -26.88 4.10 30.40
N GLY C 68 -26.85 2.79 30.24
CA GLY C 68 -27.62 1.92 31.09
C GLY C 68 -29.08 1.82 30.69
N ASN C 69 -29.33 1.58 29.41
CA ASN C 69 -30.66 1.23 28.93
C ASN C 69 -31.17 0.07 29.78
N PRO C 70 -32.40 0.18 30.34
CA PRO C 70 -32.92 -0.82 31.25
C PRO C 70 -32.83 -2.29 30.82
N MET C 71 -32.77 -2.58 29.52
CA MET C 71 -32.57 -3.97 29.01
C MET C 71 -31.11 -4.40 28.74
N CYS C 72 -30.20 -3.45 28.85
CA CYS C 72 -28.76 -3.70 28.79
C CYS C 72 -28.09 -3.93 30.18
N ASP C 73 -28.70 -3.43 31.26
CA ASP C 73 -28.15 -3.60 32.63
C ASP C 73 -28.29 -5.03 33.15
N GLU C 74 -28.68 -5.93 32.25
CA GLU C 74 -28.38 -7.34 32.36
C GLU C 74 -26.84 -7.51 32.22
N PHE C 75 -26.09 -6.71 32.97
CA PHE C 75 -24.69 -6.40 32.65
C PHE C 75 -23.68 -7.17 33.52
N ILE C 76 -23.50 -6.77 34.79
CA ILE C 76 -22.41 -7.24 35.67
C ILE C 76 -21.13 -7.66 34.90
N ARG C 77 -20.10 -6.83 35.00
CA ARG C 77 -18.86 -7.05 34.28
C ARG C 77 -17.93 -5.90 34.71
N VAL C 78 -16.77 -5.64 34.09
CA VAL C 78 -16.11 -6.51 33.10
C VAL C 78 -14.78 -7.05 33.60
N PRO C 79 -13.79 -6.18 33.91
CA PRO C 79 -13.54 -4.80 33.76
C PRO C 79 -12.33 -4.53 32.84
N GLU C 80 -12.15 -5.38 31.83
CA GLU C 80 -11.04 -5.29 30.93
C GLU C 80 -11.44 -6.03 29.69
N TRP C 81 -11.02 -5.54 28.52
CA TRP C 81 -11.28 -6.27 27.28
C TRP C 81 -10.35 -5.89 26.13
N SER C 82 -10.28 -6.75 25.12
CA SER C 82 -9.32 -6.60 24.06
C SER C 82 -9.97 -6.04 22.82
N TYR C 83 -11.22 -6.40 22.59
CA TYR C 83 -11.95 -5.85 21.49
C TYR C 83 -13.40 -5.95 21.87
N ILE C 84 -14.24 -5.29 21.11
CA ILE C 84 -15.67 -5.34 21.36
C ILE C 84 -16.35 -6.05 20.21
N VAL C 85 -17.37 -6.84 20.50
CA VAL C 85 -18.19 -7.35 19.40
C VAL C 85 -19.65 -7.05 19.56
N GLU C 86 -20.20 -6.43 18.51
CA GLU C 86 -21.58 -5.97 18.43
C GLU C 86 -22.25 -6.87 17.42
N ARG C 87 -23.55 -7.13 17.59
CA ARG C 87 -24.37 -7.67 16.52
C ARG C 87 -24.43 -6.59 15.44
N ALA C 88 -24.79 -6.99 14.23
CA ALA C 88 -25.01 -6.03 13.16
C ALA C 88 -26.06 -4.97 13.49
N ASN C 89 -27.24 -5.39 13.97
CA ASN C 89 -28.32 -4.46 14.41
C ASN C 89 -28.80 -4.76 15.82
N PRO C 90 -28.04 -4.33 16.84
CA PRO C 90 -28.44 -4.68 18.19
C PRO C 90 -29.75 -3.98 18.54
N ALA C 91 -30.68 -4.71 19.15
CA ALA C 91 -32.05 -4.20 19.33
C ALA C 91 -32.17 -3.12 20.37
N ASN C 92 -31.29 -3.09 21.37
CA ASN C 92 -31.38 -2.15 22.47
C ASN C 92 -30.34 -1.09 22.37
N ASP C 93 -30.71 0.03 21.77
CA ASP C 93 -29.80 1.13 21.57
C ASP C 93 -30.33 2.19 22.49
N LEU C 94 -30.80 3.30 21.92
CA LEU C 94 -31.39 4.38 22.67
C LEU C 94 -32.90 4.16 22.78
N CYS C 95 -33.36 3.67 23.93
CA CYS C 95 -34.78 3.44 24.16
C CYS C 95 -35.53 4.71 23.94
N TYR C 96 -35.15 5.77 24.65
CA TYR C 96 -35.65 7.10 24.34
C TYR C 96 -34.81 7.62 23.19
N PRO C 97 -35.47 7.94 22.08
CA PRO C 97 -34.73 8.25 20.87
C PRO C 97 -33.89 9.52 20.99
N GLY C 98 -32.83 9.58 20.20
CA GLY C 98 -31.94 10.70 20.24
C GLY C 98 -30.60 10.37 19.61
N THR C 99 -29.55 10.55 20.39
CA THR C 99 -28.22 10.78 19.84
C THR C 99 -27.15 10.71 20.89
N LEU C 100 -26.00 10.16 20.52
CA LEU C 100 -24.79 10.24 21.33
C LEU C 100 -23.67 10.84 20.47
N ASN C 101 -23.22 12.03 20.84
CA ASN C 101 -22.21 12.77 20.14
C ASN C 101 -20.84 12.10 20.08
N ASP C 102 -20.17 12.27 18.94
CA ASP C 102 -18.91 11.62 18.69
C ASP C 102 -18.98 10.14 19.07
N TYR C 103 -20.11 9.51 18.76
CA TYR C 103 -20.34 8.11 19.09
C TYR C 103 -19.22 7.24 18.52
N GLU C 104 -18.93 7.42 17.25
CA GLU C 104 -17.95 6.57 16.58
C GLU C 104 -16.55 6.68 17.19
N GLU C 105 -16.15 7.90 17.55
CA GLU C 105 -14.85 8.08 18.18
C GLU C 105 -14.88 7.49 19.58
N LEU C 106 -16.02 7.57 20.25
CA LEU C 106 -16.12 7.03 21.60
C LEU C 106 -15.99 5.53 21.57
N LYS C 107 -16.72 4.90 20.67
CA LYS C 107 -16.57 3.47 20.46
C LYS C 107 -15.11 3.08 20.22
N HIS C 108 -14.41 3.85 19.42
CA HIS C 108 -13.01 3.53 19.12
C HIS C 108 -12.15 3.59 20.35
N LEU C 109 -12.30 4.67 21.09
CA LEU C 109 -11.65 4.82 22.37
C LEU C 109 -11.93 3.60 23.26
N LEU C 110 -13.16 3.10 23.24
CA LEU C 110 -13.51 2.02 24.15
C LEU C 110 -13.23 0.62 23.62
N SER C 111 -12.74 0.51 22.40
CA SER C 111 -12.56 -0.81 21.80
C SER C 111 -11.66 -1.76 22.60
N ARG C 112 -10.59 -1.22 23.18
CA ARG C 112 -9.66 -1.99 24.02
C ARG C 112 -9.33 -1.17 25.23
N ILE C 113 -9.68 -1.72 26.37
CA ILE C 113 -9.61 -1.01 27.63
C ILE C 113 -8.94 -1.90 28.64
N ASN C 114 -8.04 -1.30 29.38
CA ASN C 114 -7.24 -2.03 30.31
C ASN C 114 -7.87 -2.14 31.69
N HIS C 115 -8.66 -1.13 32.08
CA HIS C 115 -9.45 -1.16 33.31
C HIS C 115 -10.67 -0.25 33.19
N PHE C 116 -11.82 -0.78 33.60
CA PHE C 116 -13.11 -0.10 33.45
C PHE C 116 -13.94 -0.34 34.71
N GLU C 117 -14.45 0.72 35.34
CA GLU C 117 -15.20 0.56 36.62
C GLU C 117 -16.23 1.64 36.81
N LYS C 118 -17.48 1.23 36.89
CA LYS C 118 -18.57 2.13 37.14
C LYS C 118 -18.40 2.71 38.56
N THR C 119 -18.58 4.02 38.76
CA THR C 119 -18.73 4.60 40.12
C THR C 119 -19.78 5.67 40.18
N LEU C 120 -20.45 5.70 41.33
CA LEU C 120 -21.42 6.72 41.64
C LEU C 120 -20.67 8.02 41.72
N ILE C 121 -21.05 8.98 40.89
CA ILE C 121 -20.35 10.24 40.83
C ILE C 121 -21.14 11.38 41.49
N ILE C 122 -22.43 11.49 41.18
CA ILE C 122 -23.32 12.34 41.94
C ILE C 122 -24.64 11.59 42.26
N PRO C 123 -24.95 11.41 43.55
CA PRO C 123 -26.10 10.57 43.89
C PRO C 123 -27.43 11.26 43.70
N ARG C 124 -28.48 10.49 43.40
CA ARG C 124 -29.85 11.03 43.24
C ARG C 124 -30.34 11.84 44.44
N SER C 125 -29.82 11.52 45.62
CA SER C 125 -30.09 12.29 46.81
C SER C 125 -29.11 13.44 46.94
N SER C 126 -28.95 14.23 45.89
CA SER C 126 -28.25 15.50 45.99
C SER C 126 -28.88 16.43 45.00
N TRP C 127 -30.18 16.22 44.82
CA TRP C 127 -31.05 17.06 44.01
C TRP C 127 -32.24 17.38 44.90
N PRO C 128 -32.00 18.12 45.98
CA PRO C 128 -33.07 18.28 46.95
C PRO C 128 -34.21 19.14 46.41
N ASN C 129 -33.91 20.11 45.56
CA ASN C 129 -34.94 21.02 45.05
C ASN C 129 -35.54 20.66 43.71
N HIS C 130 -35.16 19.48 43.19
CA HIS C 130 -35.71 18.95 41.96
C HIS C 130 -36.24 17.54 42.13
N GLU C 131 -37.01 17.09 41.16
CA GLU C 131 -37.70 15.84 41.28
C GLU C 131 -36.97 14.78 40.45
N THR C 132 -36.48 13.74 41.12
CA THR C 132 -35.64 12.72 40.47
C THR C 132 -36.43 11.50 39.93
N SER C 133 -37.43 11.09 40.70
CA SER C 133 -38.12 9.83 40.44
C SER C 133 -39.24 9.93 39.40
N LEU C 134 -39.44 11.09 38.78
CA LEU C 134 -40.51 11.24 37.77
C LEU C 134 -39.99 11.29 36.34
N GLY C 135 -38.67 11.25 36.18
CA GLY C 135 -38.03 11.26 34.88
C GLY C 135 -38.00 9.90 34.23
N VAL C 136 -39.13 9.56 33.62
CA VAL C 136 -39.44 8.20 33.26
C VAL C 136 -40.27 8.15 31.97
N SER C 137 -40.22 7.04 31.22
CA SER C 137 -40.95 6.98 29.95
C SER C 137 -41.38 5.59 29.50
N ALA C 138 -42.54 5.54 28.85
CA ALA C 138 -43.03 4.28 28.24
C ALA C 138 -42.14 3.77 27.08
N ALA C 139 -41.29 4.63 26.55
CA ALA C 139 -40.42 4.28 25.43
C ALA C 139 -39.33 3.33 25.88
N CYS C 140 -39.22 3.18 27.19
CA CYS C 140 -37.97 2.87 27.78
C CYS C 140 -38.27 2.12 29.11
N PRO C 141 -39.07 1.03 29.02
CA PRO C 141 -39.67 0.27 30.14
C PRO C 141 -38.82 -0.82 30.72
N TYR C 142 -38.99 -1.11 32.01
CA TYR C 142 -38.29 -2.23 32.64
C TYR C 142 -39.16 -3.39 33.11
N GLN C 143 -39.74 -3.28 34.29
CA GLN C 143 -40.40 -4.44 34.85
C GLN C 143 -41.87 -4.26 34.51
N GLY C 144 -42.15 -4.00 33.23
CA GLY C 144 -43.48 -3.59 32.78
C GLY C 144 -43.75 -2.14 33.12
N ALA C 145 -43.29 -1.72 34.29
CA ALA C 145 -43.26 -0.31 34.65
C ALA C 145 -42.30 0.43 33.73
N SER C 146 -42.69 1.64 33.38
CA SER C 146 -41.88 2.43 32.51
C SER C 146 -40.80 3.11 33.36
N SER C 147 -39.55 3.20 32.84
CA SER C 147 -38.42 3.87 33.54
C SER C 147 -37.51 4.56 32.54
N PHE C 148 -36.20 4.35 32.63
CA PHE C 148 -35.19 5.21 31.94
C PHE C 148 -33.75 4.73 32.06
N PHE C 149 -32.88 5.27 31.20
CA PHE C 149 -31.46 5.02 31.32
C PHE C 149 -31.07 5.07 32.80
N ARG C 150 -30.45 4.01 33.31
CA ARG C 150 -30.17 3.89 34.72
C ARG C 150 -28.99 4.69 35.25
N ASN C 151 -28.05 5.04 34.38
CA ASN C 151 -26.83 5.72 34.83
C ASN C 151 -26.87 7.20 34.75
N VAL C 152 -28.02 7.74 34.44
CA VAL C 152 -28.16 9.16 34.26
C VAL C 152 -29.57 9.53 34.76
N VAL C 153 -29.80 10.80 35.07
CA VAL C 153 -31.06 11.21 35.77
C VAL C 153 -31.87 12.26 35.04
N TRP C 154 -33.09 11.94 34.65
CA TRP C 154 -33.93 12.90 33.99
C TRP C 154 -34.65 13.78 35.03
N LEU C 155 -34.01 14.88 35.40
CA LEU C 155 -34.52 15.78 36.43
C LEU C 155 -35.69 16.55 35.90
N ILE C 156 -36.77 16.61 36.70
CA ILE C 156 -37.90 17.50 36.41
C ILE C 156 -38.24 18.43 37.61
N LYS C 157 -39.12 19.39 37.36
CA LYS C 157 -39.43 20.44 38.33
C LYS C 157 -40.06 19.89 39.61
N LYS C 158 -39.77 20.55 40.72
CA LYS C 158 -40.35 20.23 42.01
C LYS C 158 -41.16 21.43 42.47
N ASN C 159 -42.34 21.12 43.01
CA ASN C 159 -43.39 22.11 43.26
C ASN C 159 -43.68 22.75 41.92
N ASP C 160 -43.69 24.05 41.78
CA ASP C 160 -43.80 24.51 40.41
C ASP C 160 -42.53 25.24 40.04
N ALA C 161 -41.39 24.63 40.38
CA ALA C 161 -40.11 25.32 40.23
C ALA C 161 -38.96 24.40 39.76
N TYR C 162 -38.06 24.98 38.94
CA TYR C 162 -36.80 24.37 38.55
C TYR C 162 -35.78 25.44 38.81
N PRO C 163 -35.29 25.47 40.03
CA PRO C 163 -34.23 26.42 40.33
C PRO C 163 -32.97 26.11 39.56
N THR C 164 -32.18 27.13 39.26
CA THR C 164 -30.98 26.98 38.47
C THR C 164 -29.95 26.15 39.21
N ILE C 165 -29.49 25.09 38.54
CA ILE C 165 -28.49 24.19 39.06
C ILE C 165 -27.10 24.70 38.77
N LYS C 166 -26.27 24.76 39.80
CA LYS C 166 -24.82 24.99 39.67
C LYS C 166 -24.18 23.94 40.52
N ILE C 167 -23.69 22.87 39.90
CA ILE C 167 -23.05 21.83 40.65
C ILE C 167 -21.69 21.57 40.03
N SER C 168 -20.77 21.01 40.79
CA SER C 168 -19.52 20.63 40.21
C SER C 168 -18.99 19.36 40.85
N TYR C 169 -18.19 18.61 40.12
CA TYR C 169 -17.62 17.36 40.63
C TYR C 169 -16.12 17.33 40.32
N ASN C 170 -15.30 17.05 41.33
CA ASN C 170 -13.85 16.99 41.20
C ASN C 170 -13.47 15.52 41.14
N ASN C 171 -12.77 15.12 40.06
CA ASN C 171 -12.29 13.75 39.95
C ASN C 171 -11.11 13.56 40.89
N THR C 172 -11.34 12.84 41.98
CA THR C 172 -10.31 12.65 43.00
C THR C 172 -9.67 11.28 42.88
N ASN C 173 -9.90 10.62 41.76
CA ASN C 173 -9.36 9.29 41.57
C ASN C 173 -8.01 9.34 40.86
N ARG C 174 -7.30 8.21 40.89
CA ARG C 174 -6.05 8.03 40.17
C ARG C 174 -6.32 8.13 38.69
N GLU C 175 -7.50 7.63 38.28
CA GLU C 175 -7.85 7.38 36.89
C GLU C 175 -8.63 8.50 36.22
N ASP C 176 -8.35 8.71 34.92
CA ASP C 176 -9.26 9.44 34.05
C ASP C 176 -10.66 8.89 34.33
N LEU C 177 -11.70 9.70 34.15
CA LEU C 177 -13.03 9.10 34.09
C LEU C 177 -13.96 9.68 33.06
N LEU C 178 -14.79 8.78 32.54
CA LEU C 178 -15.64 9.03 31.40
C LEU C 178 -16.98 9.37 31.95
N ILE C 179 -17.51 10.53 31.57
CA ILE C 179 -18.75 11.04 32.07
C ILE C 179 -19.70 11.32 30.93
N LEU C 180 -20.99 11.01 31.13
CA LEU C 180 -22.02 11.30 30.16
C LEU C 180 -23.18 12.03 30.78
N TRP C 181 -23.66 13.03 30.06
CA TRP C 181 -24.83 13.80 30.41
C TRP C 181 -25.58 14.03 29.11
N GLY C 182 -26.74 14.67 29.21
CA GLY C 182 -27.54 14.93 28.03
C GLY C 182 -28.49 16.09 28.18
N ILE C 183 -29.18 16.41 27.10
CA ILE C 183 -30.21 17.44 27.13
C ILE C 183 -31.46 16.89 26.44
N HIS C 184 -32.61 17.36 26.90
CA HIS C 184 -33.89 16.89 26.39
C HIS C 184 -34.53 17.94 25.57
N HIS C 185 -34.85 17.57 24.35
CA HIS C 185 -35.59 18.41 23.44
C HIS C 185 -37.07 18.07 23.56
N SER C 186 -37.84 18.99 24.17
CA SER C 186 -39.29 18.86 24.28
C SER C 186 -40.02 19.21 22.98
N ASN C 187 -41.34 18.97 22.93
CA ASN C 187 -42.12 19.13 21.69
C ASN C 187 -42.93 20.44 21.52
N ASN C 188 -43.31 21.07 22.62
CA ASN C 188 -44.01 22.36 22.55
C ASN C 188 -44.01 23.09 23.87
N ALA C 189 -44.33 24.38 23.78
CA ALA C 189 -44.32 25.24 24.94
C ALA C 189 -44.97 24.60 26.19
N ALA C 190 -46.05 23.85 26.02
CA ALA C 190 -46.76 23.24 27.15
C ALA C 190 -45.98 22.14 27.88
N GLU C 191 -45.42 21.20 27.14
CA GLU C 191 -44.60 20.15 27.70
C GLU C 191 -43.45 20.80 28.49
N GLN C 192 -42.84 21.81 27.89
CA GLN C 192 -41.78 22.56 28.51
C GLN C 192 -42.42 23.59 29.39
N THR C 193 -42.62 23.27 30.66
CA THR C 193 -43.34 24.17 31.65
C THR C 193 -44.00 23.15 32.49
N ASN C 194 -44.71 22.28 31.80
CA ASN C 194 -45.23 21.13 32.44
C ASN C 194 -44.10 20.30 33.09
N LEU C 195 -42.98 20.16 32.41
CA LEU C 195 -41.84 19.38 32.92
C LEU C 195 -40.82 20.22 33.65
N TYR C 196 -40.57 21.43 33.16
CA TYR C 196 -39.47 22.22 33.70
C TYR C 196 -39.76 23.62 34.22
N LYS C 197 -41.00 24.05 34.11
CA LYS C 197 -41.44 25.43 34.37
C LYS C 197 -40.86 26.48 33.43
N ASN C 198 -39.55 26.66 33.48
CA ASN C 198 -38.92 27.76 32.78
C ASN C 198 -38.98 27.51 31.28
N PRO C 199 -39.30 28.54 30.47
CA PRO C 199 -39.50 28.24 29.06
C PRO C 199 -38.23 28.34 28.27
N ASP C 200 -37.26 29.18 28.69
CA ASP C 200 -36.03 29.36 27.91
C ASP C 200 -34.86 28.85 28.71
N THR C 201 -34.41 27.66 28.34
CA THR C 201 -33.49 26.92 29.16
C THR C 201 -32.19 26.60 28.44
N TYR C 202 -31.23 26.15 29.23
CA TYR C 202 -29.93 25.78 28.74
C TYR C 202 -29.26 24.71 29.61
N VAL C 203 -28.16 24.17 29.09
CA VAL C 203 -27.30 23.29 29.83
C VAL C 203 -25.88 23.66 29.48
N SER C 204 -25.10 24.09 30.46
CA SER C 204 -23.72 24.47 30.18
C SER C 204 -22.78 23.56 30.99
N VAL C 205 -21.63 23.26 30.40
CA VAL C 205 -20.73 22.27 30.93
C VAL C 205 -19.30 22.72 30.70
N GLY C 206 -18.51 22.72 31.76
CA GLY C 206 -17.12 23.14 31.68
C GLY C 206 -16.13 22.24 32.41
N THR C 207 -15.00 22.00 31.79
CA THR C 207 -13.87 21.46 32.50
C THR C 207 -12.72 22.39 32.21
N SER C 208 -11.49 21.92 32.37
CA SER C 208 -10.35 22.75 31.98
C SER C 208 -10.28 22.84 30.47
N THR C 209 -10.89 21.85 29.82
CA THR C 209 -10.86 21.65 28.37
C THR C 209 -12.20 21.94 27.70
N LEU C 210 -13.27 21.46 28.32
CA LEU C 210 -14.57 21.53 27.72
C LEU C 210 -15.20 22.87 28.03
N ASN C 211 -15.88 23.42 27.05
CA ASN C 211 -16.68 24.61 27.24
C ASN C 211 -17.92 24.56 26.34
N GLN C 212 -18.98 23.90 26.79
CA GLN C 212 -20.17 23.70 25.93
C GLN C 212 -21.41 24.37 26.51
N ARG C 213 -22.32 24.76 25.63
CA ARG C 213 -23.61 25.28 26.04
C ARG C 213 -24.73 24.81 25.14
N LEU C 214 -25.66 24.04 25.70
CA LEU C 214 -26.66 23.36 24.91
C LEU C 214 -28.00 23.98 25.15
N VAL C 215 -28.80 24.04 24.10
CA VAL C 215 -30.13 24.64 24.14
C VAL C 215 -31.15 23.73 23.48
N PRO C 216 -32.28 23.47 24.14
CA PRO C 216 -33.26 22.60 23.53
C PRO C 216 -33.93 23.23 22.33
N LYS C 217 -33.97 22.47 21.23
CA LYS C 217 -34.81 22.76 20.09
C LYS C 217 -36.24 22.28 20.34
N ILE C 218 -37.15 23.21 20.60
CA ILE C 218 -38.56 22.84 20.81
C ILE C 218 -39.23 22.82 19.43
N ALA C 219 -39.51 21.63 18.92
CA ALA C 219 -40.13 21.51 17.62
C ALA C 219 -40.92 20.22 17.47
N THR C 220 -41.58 20.08 16.32
CA THR C 220 -42.38 18.93 16.03
C THR C 220 -41.53 17.91 15.25
N ARG C 221 -41.48 16.68 15.77
CA ARG C 221 -40.78 15.59 15.10
C ARG C 221 -41.64 14.34 15.06
N SER C 222 -41.34 13.46 14.11
CA SER C 222 -42.10 12.23 13.96
C SER C 222 -41.77 11.30 15.12
N GLN C 223 -42.74 10.51 15.52
CA GLN C 223 -42.55 9.60 16.65
C GLN C 223 -41.56 8.49 16.35
N VAL C 224 -40.73 8.21 17.34
CA VAL C 224 -39.86 7.03 17.37
C VAL C 224 -40.01 6.40 18.75
N ASN C 225 -40.26 5.09 18.80
CA ASN C 225 -40.72 4.43 20.04
C ASN C 225 -41.84 5.25 20.68
N GLY C 226 -42.77 5.70 19.84
CA GLY C 226 -43.92 6.49 20.29
C GLY C 226 -43.62 7.82 20.98
N GLN C 227 -42.50 8.41 20.63
CA GLN C 227 -42.05 9.61 21.30
C GLN C 227 -41.51 10.58 20.27
N SER C 228 -42.04 11.79 20.28
CA SER C 228 -41.55 12.85 19.40
C SER C 228 -40.44 13.62 20.06
N GLY C 229 -40.30 13.46 21.38
CA GLY C 229 -39.19 14.05 22.10
C GLY C 229 -37.86 13.45 21.65
N ARG C 230 -36.77 14.07 22.05
CA ARG C 230 -35.47 13.66 21.56
C ARG C 230 -34.47 13.97 22.65
N MET C 231 -33.55 13.05 22.87
CA MET C 231 -32.52 13.26 23.85
C MET C 231 -31.12 13.12 23.32
N ASP C 232 -30.37 14.22 23.34
CA ASP C 232 -28.98 14.21 22.85
C ASP C 232 -28.02 14.09 24.02
N PHE C 233 -27.14 13.12 23.97
CA PHE C 233 -26.12 12.95 24.99
C PHE C 233 -24.76 13.31 24.46
N PHE C 234 -23.88 13.56 25.44
CA PHE C 234 -22.51 14.03 25.25
C PHE C 234 -21.60 13.35 26.25
N TRP C 235 -20.30 13.42 26.03
CA TRP C 235 -19.34 12.82 26.93
C TRP C 235 -18.02 13.56 27.02
N THR C 236 -17.29 13.35 28.11
CA THR C 236 -15.91 13.81 28.18
C THR C 236 -15.09 12.89 29.06
N ILE C 237 -13.79 13.06 28.99
CA ILE C 237 -12.91 12.32 29.85
C ILE C 237 -12.36 13.30 30.87
N LEU C 238 -12.82 13.25 32.11
CA LEU C 238 -12.35 14.18 33.12
C LEU C 238 -11.04 13.71 33.74
N LYS C 239 -9.96 14.44 33.48
CA LYS C 239 -8.63 14.02 33.94
C LYS C 239 -8.60 14.09 35.47
N PRO C 240 -7.70 13.31 36.10
CA PRO C 240 -7.59 13.34 37.55
C PRO C 240 -7.28 14.73 38.04
N ASN C 241 -7.97 15.15 39.08
CA ASN C 241 -7.76 16.46 39.69
C ASN C 241 -8.38 17.61 38.92
N ASP C 242 -9.08 17.30 37.83
CA ASP C 242 -9.88 18.32 37.18
C ASP C 242 -11.30 18.16 37.68
N ALA C 243 -12.11 19.19 37.43
CA ALA C 243 -13.50 19.17 37.82
C ALA C 243 -14.40 19.59 36.67
N ILE C 244 -15.59 19.00 36.66
CA ILE C 244 -16.61 19.31 35.67
C ILE C 244 -17.66 20.18 36.35
N HIS C 245 -18.19 21.16 35.61
CA HIS C 245 -19.06 22.18 36.18
C HIS C 245 -20.32 22.21 35.38
N PHE C 246 -21.43 21.88 36.02
CA PHE C 246 -22.70 21.85 35.32
C PHE C 246 -23.53 23.03 35.74
N GLU C 247 -24.28 23.58 34.80
CA GLU C 247 -25.26 24.61 35.11
C GLU C 247 -26.47 24.49 34.18
N SER C 248 -27.66 24.51 34.75
CA SER C 248 -28.86 24.36 33.94
C SER C 248 -30.08 24.78 34.71
N ASN C 249 -31.01 25.40 33.98
CA ASN C 249 -32.29 25.81 34.52
C ASN C 249 -33.41 25.03 33.86
N GLY C 250 -33.06 23.91 33.25
CA GLY C 250 -34.03 23.09 32.55
C GLY C 250 -33.46 22.14 31.52
N ASN C 251 -34.19 21.06 31.30
CA ASN C 251 -33.92 20.06 30.26
C ASN C 251 -32.67 19.20 30.45
N PHE C 252 -32.14 19.17 31.65
CA PHE C 252 -30.86 18.57 31.92
C PHE C 252 -31.04 17.11 32.21
N ILE C 253 -30.24 16.27 31.57
CA ILE C 253 -30.17 14.88 31.91
C ILE C 253 -28.82 14.65 32.58
N ALA C 254 -28.85 14.50 33.88
CA ALA C 254 -27.63 14.63 34.69
C ALA C 254 -26.95 13.31 35.02
N PRO C 255 -25.64 13.35 35.16
CA PRO C 255 -24.90 12.13 35.40
C PRO C 255 -25.22 11.66 36.78
N GLU C 256 -25.32 10.36 36.98
CA GLU C 256 -25.31 9.78 38.30
C GLU C 256 -24.06 8.94 38.41
N TYR C 257 -23.94 7.90 37.56
CA TYR C 257 -22.72 7.11 37.47
C TYR C 257 -21.80 7.56 36.32
N ALA C 258 -20.52 7.26 36.49
CA ALA C 258 -19.51 7.55 35.50
C ALA C 258 -18.60 6.36 35.52
N TYR C 259 -17.57 6.36 34.69
CA TYR C 259 -16.71 5.18 34.60
C TYR C 259 -15.27 5.55 34.71
N LYS C 260 -14.53 4.82 35.52
CA LYS C 260 -13.09 4.95 35.55
C LYS C 260 -12.51 4.22 34.35
N ILE C 261 -11.60 4.84 33.61
CA ILE C 261 -10.95 4.16 32.48
C ILE C 261 -9.46 4.34 32.54
N VAL C 262 -8.76 3.29 32.14
CA VAL C 262 -7.37 3.43 31.78
C VAL C 262 -7.25 2.77 30.43
N LYS C 263 -6.66 3.51 29.50
CA LYS C 263 -6.43 3.05 28.16
C LYS C 263 -4.95 2.92 27.93
N LYS C 264 -4.53 1.77 27.41
CA LYS C 264 -3.19 1.64 26.85
C LYS C 264 -3.22 0.60 25.75
N GLY C 265 -3.71 0.99 24.57
CA GLY C 265 -3.88 0.06 23.47
C GLY C 265 -5.16 0.27 22.71
N ASP C 266 -5.14 -0.03 21.42
CA ASP C 266 -6.13 0.52 20.53
C ASP C 266 -7.24 -0.37 19.98
N SER C 267 -7.00 -1.49 19.32
CA SER C 267 -8.16 -2.30 18.85
C SER C 267 -9.28 -1.62 18.01
N THR C 268 -10.45 -2.22 17.94
CA THR C 268 -11.55 -1.75 17.09
C THR C 268 -12.83 -2.56 17.43
N ILE C 269 -13.90 -2.34 16.66
CA ILE C 269 -15.17 -3.00 16.92
C ILE C 269 -15.47 -4.02 15.88
N MET C 270 -15.72 -5.25 16.30
CA MET C 270 -16.05 -6.36 15.36
C MET C 270 -17.54 -6.55 15.26
N LYS C 271 -18.03 -6.74 14.04
CA LYS C 271 -19.46 -7.03 13.86
C LYS C 271 -19.56 -8.51 13.61
N SER C 272 -20.22 -9.21 14.51
CA SER C 272 -20.38 -10.62 14.41
C SER C 272 -21.55 -11.12 15.21
N GLU C 273 -22.17 -12.16 14.71
CA GLU C 273 -23.37 -12.71 15.30
C GLU C 273 -23.02 -13.90 16.23
N MET C 274 -21.74 -14.24 16.35
CA MET C 274 -21.32 -15.38 17.13
C MET C 274 -21.25 -15.09 18.63
N GLU C 275 -20.97 -16.16 19.37
CA GLU C 275 -20.89 -16.13 20.80
C GLU C 275 -19.54 -16.71 21.27
N TYR C 276 -19.20 -16.39 22.51
CA TYR C 276 -17.88 -16.68 23.02
C TYR C 276 -17.63 -18.15 22.93
N GLY C 277 -16.49 -18.52 22.39
CA GLY C 277 -16.09 -19.92 22.25
C GLY C 277 -15.07 -20.42 23.25
N HIS C 278 -14.81 -19.68 24.32
CA HIS C 278 -13.87 -20.14 25.38
C HIS C 278 -12.51 -20.64 24.84
N CYS C 279 -11.98 -19.96 23.83
CA CYS C 279 -10.67 -20.25 23.24
C CYS C 279 -9.75 -19.04 23.37
N ASN C 280 -8.56 -19.15 22.81
CA ASN C 280 -7.67 -18.03 22.74
C ASN C 280 -7.01 -18.01 21.37
N THR C 281 -6.74 -16.83 20.84
CA THR C 281 -6.12 -16.72 19.52
C THR C 281 -5.24 -15.49 19.46
N LYS C 282 -4.39 -15.43 18.43
CA LYS C 282 -3.57 -14.24 18.09
C LYS C 282 -4.20 -13.42 17.00
N CYS C 283 -5.16 -14.03 16.30
CA CYS C 283 -5.79 -13.46 15.12
C CYS C 283 -7.27 -13.93 15.06
N GLN C 284 -8.19 -12.99 15.21
CA GLN C 284 -9.60 -13.25 15.22
C GLN C 284 -10.26 -12.67 13.99
N THR C 285 -11.22 -13.40 13.41
CA THR C 285 -12.08 -12.90 12.36
C THR C 285 -13.52 -13.04 12.82
N PRO C 286 -14.46 -12.35 12.17
CA PRO C 286 -15.86 -12.39 12.57
C PRO C 286 -16.50 -13.76 12.37
N ILE C 287 -15.90 -14.62 11.54
CA ILE C 287 -16.40 -15.97 11.36
C ILE C 287 -15.54 -17.06 12.01
N GLY C 288 -14.45 -16.67 12.66
CA GLY C 288 -13.67 -17.61 13.42
C GLY C 288 -12.22 -17.19 13.54
N ALA C 289 -11.50 -17.82 14.47
CA ALA C 289 -10.13 -17.45 14.81
C ALA C 289 -9.14 -18.28 14.00
N ILE C 290 -7.99 -17.70 13.72
CA ILE C 290 -6.97 -18.38 12.90
C ILE C 290 -5.68 -18.53 13.71
N ASN C 291 -5.14 -19.75 13.73
CA ASN C 291 -3.89 -20.13 14.38
C ASN C 291 -2.94 -20.67 13.32
N SER C 292 -2.08 -19.82 12.77
CA SER C 292 -1.05 -20.31 11.86
C SER C 292 0.16 -19.38 11.71
N SER C 293 1.24 -19.96 11.19
CA SER C 293 2.47 -19.21 10.88
C SER C 293 2.67 -19.06 9.38
N MET C 294 1.65 -19.45 8.64
CA MET C 294 1.64 -19.32 7.21
C MET C 294 1.58 -17.86 6.83
N PRO C 295 2.25 -17.46 5.76
CA PRO C 295 2.34 -16.04 5.47
C PRO C 295 1.14 -15.43 4.77
N PHE C 296 0.23 -16.24 4.22
CA PHE C 296 -0.99 -15.68 3.58
C PHE C 296 -2.24 -16.41 4.00
N HIS C 297 -3.39 -15.75 3.90
CA HIS C 297 -4.68 -16.41 4.18
C HIS C 297 -5.77 -15.85 3.32
N ASN C 298 -6.91 -16.52 3.31
CA ASN C 298 -8.04 -16.10 2.48
C ASN C 298 -9.41 -16.21 3.18
N ILE C 299 -9.41 -16.20 4.50
CA ILE C 299 -10.61 -16.42 5.29
C ILE C 299 -11.55 -15.23 5.25
N HIS C 300 -11.01 -14.05 5.53
CA HIS C 300 -11.83 -12.86 5.81
C HIS C 300 -10.95 -11.61 5.97
N PRO C 301 -11.32 -10.49 5.31
CA PRO C 301 -10.54 -9.25 5.39
C PRO C 301 -10.58 -8.48 6.74
N LEU C 302 -11.67 -8.56 7.48
CA LEU C 302 -11.80 -7.79 8.76
C LEU C 302 -11.22 -8.53 9.97
N THR C 303 -9.91 -8.72 9.94
CA THR C 303 -9.22 -9.39 11.03
C THR C 303 -9.00 -8.40 12.16
N ILE C 304 -8.89 -8.89 13.39
CA ILE C 304 -8.25 -8.10 14.46
C ILE C 304 -7.25 -9.02 15.18
N GLY C 305 -6.00 -8.56 15.25
CA GLY C 305 -4.88 -9.33 15.72
C GLY C 305 -3.66 -9.23 14.81
N GLU C 306 -2.74 -10.16 15.02
CA GLU C 306 -1.51 -10.28 14.26
C GLU C 306 -1.70 -11.42 13.25
N CYS C 307 -2.00 -11.09 12.00
CA CYS C 307 -2.47 -12.07 11.03
C CYS C 307 -1.57 -12.26 9.80
N PRO C 308 -1.79 -13.34 9.03
CA PRO C 308 -1.15 -13.46 7.74
C PRO C 308 -1.76 -12.49 6.81
N LYS C 309 -1.31 -12.44 5.57
CA LYS C 309 -1.76 -11.41 4.68
C LYS C 309 -2.85 -11.91 3.78
N TYR C 310 -3.94 -11.16 3.75
CA TYR C 310 -5.14 -11.54 3.05
C TYR C 310 -4.94 -11.46 1.55
N VAL C 311 -5.34 -12.52 0.84
CA VAL C 311 -5.29 -12.56 -0.62
C VAL C 311 -6.55 -13.14 -1.26
N LYS C 312 -6.76 -12.87 -2.55
CA LYS C 312 -7.79 -13.57 -3.33
C LYS C 312 -7.11 -14.74 -3.99
N SER C 313 -7.07 -15.87 -3.32
CA SER C 313 -6.41 -17.05 -3.86
C SER C 313 -6.92 -18.32 -3.19
N ASN C 314 -6.94 -19.43 -3.93
CA ASN C 314 -7.44 -20.68 -3.39
C ASN C 314 -6.34 -21.65 -3.03
N LYS C 315 -5.16 -21.44 -3.57
CA LYS C 315 -4.04 -22.32 -3.37
C LYS C 315 -2.76 -21.55 -3.54
N LEU C 316 -1.79 -21.82 -2.70
CA LEU C 316 -0.44 -21.38 -2.95
C LEU C 316 0.48 -22.56 -2.70
N VAL C 317 0.60 -23.40 -3.73
CA VAL C 317 1.27 -24.68 -3.60
C VAL C 317 2.70 -24.63 -4.12
N LEU C 318 3.63 -24.88 -3.20
CA LEU C 318 5.04 -24.93 -3.48
C LEU C 318 5.52 -26.34 -3.66
N ALA C 319 6.27 -26.56 -4.72
CA ALA C 319 6.93 -27.85 -4.95
C ALA C 319 8.07 -28.00 -3.97
N THR C 320 8.15 -29.18 -3.38
CA THR C 320 9.33 -29.63 -2.61
C THR C 320 10.00 -30.82 -3.29
N GLY C 321 9.21 -31.75 -3.83
CA GLY C 321 9.75 -32.90 -4.58
C GLY C 321 10.09 -32.62 -6.03
N LEU C 322 10.10 -33.66 -6.85
CA LEU C 322 10.55 -33.62 -8.25
C LEU C 322 9.40 -33.95 -9.15
N ARG C 323 9.63 -33.83 -10.47
CA ARG C 323 8.61 -34.28 -11.42
C ARG C 323 8.34 -35.74 -11.25
N ASN C 324 7.07 -36.11 -11.23
CA ASN C 324 6.66 -37.46 -11.06
C ASN C 324 6.12 -37.96 -12.40
N SER C 325 6.79 -38.97 -12.96
CA SER C 325 6.44 -39.52 -14.28
C SER C 325 5.37 -40.64 -14.22
N PRO C 326 4.77 -41.00 -15.36
CA PRO C 326 3.76 -42.07 -15.38
C PRO C 326 4.25 -43.41 -14.84
N GLY D 1 17.30 -23.35 -17.45
CA GLY D 1 16.20 -24.26 -17.10
C GLY D 1 16.77 -25.66 -17.05
N LEU D 2 16.14 -26.60 -17.75
CA LEU D 2 16.62 -27.96 -17.73
C LEU D 2 18.14 -27.97 -17.83
N PHE D 3 18.71 -28.65 -16.85
CA PHE D 3 20.04 -29.17 -16.92
C PHE D 3 19.86 -30.47 -17.66
N GLY D 4 20.95 -31.07 -18.09
CA GLY D 4 20.88 -32.27 -18.92
C GLY D 4 19.55 -33.03 -18.90
N ALA D 5 19.19 -33.57 -17.74
CA ALA D 5 18.11 -34.53 -17.72
C ALA D 5 17.59 -34.87 -16.37
N ILE D 6 16.33 -34.51 -16.15
CA ILE D 6 15.43 -35.29 -15.34
C ILE D 6 14.60 -35.95 -16.43
N ALA D 7 13.55 -35.30 -16.92
CA ALA D 7 12.81 -35.87 -18.05
C ALA D 7 13.54 -35.47 -19.30
N GLY D 8 14.79 -35.90 -19.40
CA GLY D 8 15.63 -35.61 -20.57
C GLY D 8 16.29 -36.92 -20.93
N PHE D 9 17.63 -36.91 -20.97
CA PHE D 9 18.37 -38.17 -21.16
C PHE D 9 18.11 -39.26 -20.12
N ILE D 10 17.28 -38.99 -19.11
CA ILE D 10 16.83 -40.04 -18.19
C ILE D 10 15.31 -40.04 -18.19
N GLU D 11 14.67 -40.59 -19.22
CA GLU D 11 13.22 -40.81 -19.15
C GLU D 11 12.95 -41.46 -17.79
N GLY D 12 12.06 -40.87 -16.99
CA GLY D 12 11.57 -41.49 -15.75
C GLY D 12 12.44 -41.72 -14.52
N GLY D 13 11.74 -41.97 -13.42
CA GLY D 13 12.33 -42.06 -12.09
C GLY D 13 12.08 -43.44 -11.50
N TRP D 14 12.90 -43.83 -10.53
CA TRP D 14 12.85 -45.18 -9.97
C TRP D 14 11.70 -45.28 -8.96
N GLN D 15 10.52 -45.64 -9.44
CA GLN D 15 9.43 -46.02 -8.54
C GLN D 15 9.89 -46.93 -7.39
N GLY D 16 10.94 -47.71 -7.61
CA GLY D 16 11.42 -48.67 -6.62
C GLY D 16 12.49 -48.16 -5.68
N MET D 17 13.04 -46.97 -5.93
CA MET D 17 14.02 -46.39 -5.00
C MET D 17 13.27 -45.59 -3.94
N VAL D 18 13.41 -45.98 -2.69
CA VAL D 18 12.52 -45.50 -1.64
C VAL D 18 13.25 -44.95 -0.41
N ASP D 19 14.57 -44.91 -0.47
CA ASP D 19 15.42 -44.53 0.68
C ASP D 19 15.99 -43.11 0.50
N GLY D 20 15.70 -42.48 -0.64
CA GLY D 20 16.20 -41.15 -0.94
C GLY D 20 15.62 -40.61 -2.23
N TRP D 21 16.14 -39.49 -2.69
CA TRP D 21 15.57 -38.77 -3.82
C TRP D 21 16.36 -39.01 -5.11
N TYR D 22 17.69 -39.05 -4.96
CA TYR D 22 18.60 -39.40 -6.06
C TYR D 22 19.52 -40.60 -5.71
N GLY D 23 19.74 -41.48 -6.67
CA GLY D 23 20.61 -42.60 -6.43
C GLY D 23 20.86 -43.50 -7.63
N TYR D 24 21.33 -44.70 -7.32
CA TYR D 24 21.86 -45.55 -8.35
C TYR D 24 21.16 -46.90 -8.37
N HIS D 25 21.00 -47.41 -9.58
CA HIS D 25 20.56 -48.78 -9.83
C HIS D 25 21.65 -49.54 -10.57
N HIS D 26 22.05 -50.66 -10.01
CA HIS D 26 23.10 -51.48 -10.59
C HIS D 26 22.53 -52.84 -11.00
N SER D 27 23.25 -53.52 -11.89
CA SER D 27 23.08 -54.95 -12.12
C SER D 27 24.42 -55.60 -12.46
N ASN D 28 24.73 -56.69 -11.76
CA ASN D 28 25.89 -57.52 -12.06
C ASN D 28 25.50 -58.99 -11.83
N GLU D 29 26.46 -59.91 -11.82
CA GLU D 29 26.12 -61.32 -11.62
C GLU D 29 25.66 -61.62 -10.18
N GLN D 30 26.11 -60.84 -9.20
CA GLN D 30 25.66 -61.01 -7.82
C GLN D 30 24.21 -60.62 -7.59
N GLY D 31 23.67 -59.76 -8.46
CA GLY D 31 22.28 -59.34 -8.36
C GLY D 31 22.12 -57.93 -8.89
N SER D 32 21.00 -57.30 -8.51
CA SER D 32 20.68 -55.92 -8.91
C SER D 32 19.88 -55.21 -7.81
N GLY D 33 19.90 -53.89 -7.82
CA GLY D 33 19.20 -53.13 -6.78
C GLY D 33 19.38 -51.62 -6.79
N TYR D 34 18.51 -50.96 -6.04
CA TYR D 34 18.56 -49.52 -5.89
C TYR D 34 19.26 -49.13 -4.59
N ALA D 35 19.93 -47.99 -4.61
CA ALA D 35 20.58 -47.45 -3.42
C ALA D 35 20.75 -45.94 -3.57
N ALA D 36 20.16 -45.18 -2.66
CA ALA D 36 20.11 -43.73 -2.79
C ALA D 36 21.41 -43.13 -2.36
N ASP D 37 21.76 -42.01 -2.99
CA ASP D 37 22.86 -41.20 -2.54
C ASP D 37 22.39 -40.37 -1.33
N LYS D 38 22.58 -40.97 -0.17
CA LYS D 38 22.23 -40.41 1.12
C LYS D 38 22.71 -38.95 1.22
N GLU D 39 24.00 -38.72 0.98
CA GLU D 39 24.62 -37.40 1.18
C GLU D 39 24.03 -36.33 0.25
N SER D 40 23.81 -36.71 -1.00
CA SER D 40 23.29 -35.83 -2.04
C SER D 40 21.81 -35.48 -1.86
N THR D 41 21.08 -36.44 -1.30
CA THR D 41 19.66 -36.25 -1.04
C THR D 41 19.45 -35.29 0.14
N GLN D 42 20.31 -35.39 1.14
CA GLN D 42 20.22 -34.56 2.32
C GLN D 42 20.52 -33.08 2.02
N LYS D 43 21.44 -32.84 1.09
CA LYS D 43 21.73 -31.49 0.59
C LYS D 43 20.46 -30.83 0.07
N ALA D 44 19.75 -31.56 -0.78
CA ALA D 44 18.57 -31.08 -1.43
C ALA D 44 17.41 -30.94 -0.47
N ILE D 45 17.21 -31.91 0.41
CA ILE D 45 16.19 -31.79 1.44
C ILE D 45 16.47 -30.54 2.26
N ASP D 46 17.74 -30.23 2.49
CA ASP D 46 18.04 -29.07 3.29
C ASP D 46 17.80 -27.79 2.55
N GLY D 47 18.27 -27.71 1.31
CA GLY D 47 18.06 -26.53 0.50
C GLY D 47 16.59 -26.19 0.30
N VAL D 48 15.80 -27.20 -0.05
CA VAL D 48 14.38 -27.03 -0.29
C VAL D 48 13.61 -26.57 0.95
N THR D 49 13.81 -27.24 2.08
CA THR D 49 13.07 -26.84 3.28
C THR D 49 13.58 -25.49 3.81
N ASN D 50 14.82 -25.17 3.50
CA ASN D 50 15.33 -23.85 3.78
C ASN D 50 14.64 -22.78 2.94
N LYS D 51 14.36 -23.08 1.68
CA LYS D 51 13.61 -22.18 0.82
C LYS D 51 12.24 -21.92 1.38
N VAL D 52 11.53 -22.98 1.72
CA VAL D 52 10.16 -22.83 2.23
C VAL D 52 10.18 -22.03 3.51
N ASN D 53 11.07 -22.37 4.43
CA ASN D 53 11.14 -21.65 5.68
C ASN D 53 11.46 -20.20 5.51
N SER D 54 12.33 -19.88 4.58
CA SER D 54 12.63 -18.47 4.30
C SER D 54 11.37 -17.71 3.81
N ILE D 55 10.62 -18.28 2.89
CA ILE D 55 9.41 -17.67 2.38
C ILE D 55 8.37 -17.39 3.45
N ILE D 56 8.37 -18.25 4.44
CA ILE D 56 7.54 -18.06 5.61
C ILE D 56 8.16 -17.03 6.57
N ASP D 57 9.40 -17.28 6.96
CA ASP D 57 10.02 -16.55 8.07
C ASP D 57 10.30 -15.09 7.75
N LYS D 58 10.46 -14.75 6.49
CA LYS D 58 10.79 -13.37 6.13
C LYS D 58 9.60 -12.43 6.16
N MET D 59 8.39 -12.96 6.09
CA MET D 59 7.18 -12.20 6.33
C MET D 59 7.31 -11.53 7.66
N ASN D 60 7.86 -12.26 8.65
CA ASN D 60 8.22 -11.82 10.07
C ASN D 60 7.89 -10.36 10.48
N THR D 61 6.90 -9.84 9.78
CA THR D 61 6.20 -8.66 10.14
C THR D 61 4.81 -9.11 9.73
N GLN D 62 4.15 -9.65 10.74
CA GLN D 62 2.76 -9.54 10.93
C GLN D 62 2.77 -8.39 11.95
N PHE D 63 1.64 -7.76 12.23
CA PHE D 63 1.68 -6.51 12.93
C PHE D 63 0.45 -6.32 13.86
N GLU D 64 -0.71 -5.89 13.33
CA GLU D 64 -1.92 -5.49 14.13
C GLU D 64 -2.94 -4.68 13.29
N ALA D 65 -4.21 -4.76 13.79
CA ALA D 65 -5.41 -4.87 12.94
C ALA D 65 -6.87 -4.32 13.33
N VAL D 66 -7.78 -4.39 12.32
CA VAL D 66 -9.10 -3.82 12.35
C VAL D 66 -10.08 -4.09 11.14
N GLY D 67 -11.38 -3.92 11.48
CA GLY D 67 -12.51 -3.62 10.61
C GLY D 67 -13.08 -2.18 10.37
N ARG D 68 -14.35 -1.89 10.72
CA ARG D 68 -15.22 -0.96 9.89
C ARG D 68 -16.03 0.21 10.50
N GLU D 69 -15.43 1.38 10.66
CA GLU D 69 -15.85 2.29 11.72
C GLU D 69 -16.30 3.70 11.32
N PHE D 70 -16.55 3.96 10.05
CA PHE D 70 -16.96 5.30 9.60
C PHE D 70 -18.43 5.34 9.30
N ASN D 71 -19.06 6.51 9.40
CA ASN D 71 -20.51 6.51 9.35
C ASN D 71 -21.06 6.97 8.01
N ASN D 72 -22.38 7.03 7.95
CA ASN D 72 -23.06 7.32 6.75
C ASN D 72 -22.70 8.64 6.06
N LEU D 73 -22.18 9.63 6.80
CA LEU D 73 -21.63 10.86 6.18
C LEU D 73 -20.10 10.96 6.19
N GLU D 74 -19.47 9.80 6.17
CA GLU D 74 -18.04 9.71 6.10
C GLU D 74 -17.71 8.66 5.05
N ARG D 75 -18.47 8.68 3.98
CA ARG D 75 -18.36 7.70 2.93
C ARG D 75 -17.08 7.88 2.15
N ARG D 76 -16.69 9.14 1.95
CA ARG D 76 -15.44 9.45 1.31
C ARG D 76 -14.23 8.83 2.02
N ILE D 77 -14.21 8.90 3.34
CA ILE D 77 -13.10 8.36 4.10
C ILE D 77 -13.12 6.83 4.04
N GLU D 78 -14.29 6.23 4.19
CA GLU D 78 -14.40 4.79 4.04
C GLU D 78 -13.93 4.29 2.69
N ASN D 79 -14.23 5.04 1.64
CA ASN D 79 -13.79 4.69 0.30
C ASN D 79 -12.25 4.75 0.15
N LEU D 80 -11.65 5.67 0.86
CA LEU D 80 -10.23 5.72 1.01
C LEU D 80 -9.70 4.43 1.61
N ASN D 81 -10.33 3.97 2.69
CA ASN D 81 -9.94 2.71 3.30
C ASN D 81 -10.18 1.55 2.32
N LYS D 82 -11.30 1.58 1.61
CA LYS D 82 -11.52 0.53 0.65
C LYS D 82 -10.35 0.45 -0.33
N LYS D 83 -10.05 1.57 -0.94
CA LYS D 83 -8.98 1.60 -1.92
C LYS D 83 -7.67 1.02 -1.36
N MET D 84 -7.34 1.41 -0.13
CA MET D 84 -6.15 0.94 0.54
C MET D 84 -6.20 -0.56 0.75
N GLU D 85 -7.26 -1.03 1.37
CA GLU D 85 -7.47 -2.42 1.60
C GLU D 85 -7.35 -3.24 0.31
N ASP D 86 -8.10 -2.88 -0.71
CA ASP D 86 -8.04 -3.52 -2.01
C ASP D 86 -6.64 -3.46 -2.61
N GLY D 87 -5.98 -2.33 -2.46
CA GLY D 87 -4.69 -2.09 -3.05
C GLY D 87 -3.68 -3.05 -2.51
N PHE D 88 -3.67 -3.23 -1.19
CA PHE D 88 -2.81 -4.20 -0.56
C PHE D 88 -3.17 -5.61 -0.96
N LEU D 89 -4.45 -5.92 -1.05
CA LEU D 89 -4.83 -7.26 -1.48
C LEU D 89 -4.36 -7.55 -2.91
N ASP D 90 -4.47 -6.56 -3.80
CA ASP D 90 -3.97 -6.74 -5.16
C ASP D 90 -2.46 -6.98 -5.17
N VAL D 91 -1.72 -6.24 -4.36
CA VAL D 91 -0.28 -6.39 -4.31
C VAL D 91 0.11 -7.74 -3.75
N TRP D 92 -0.42 -8.11 -2.60
CA TRP D 92 0.00 -9.37 -2.02
C TRP D 92 -0.44 -10.51 -2.89
N THR D 93 -1.62 -10.42 -3.48
CA THR D 93 -2.10 -11.52 -4.29
C THR D 93 -1.15 -11.80 -5.45
N TYR D 94 -0.74 -10.74 -6.14
CA TYR D 94 0.14 -10.91 -7.32
C TYR D 94 1.48 -11.44 -6.92
N ASN D 95 2.07 -10.83 -5.89
CA ASN D 95 3.41 -11.21 -5.42
C ASN D 95 3.49 -12.63 -4.95
N ALA D 96 2.44 -13.10 -4.28
CA ALA D 96 2.42 -14.49 -3.89
C ALA D 96 2.22 -15.43 -5.08
N GLU D 97 1.32 -15.12 -6.00
CA GLU D 97 1.12 -16.04 -7.10
C GLU D 97 2.40 -16.20 -7.90
N LEU D 98 3.06 -15.09 -8.19
CA LEU D 98 4.31 -15.16 -8.99
C LEU D 98 5.48 -15.73 -8.23
N LEU D 99 5.54 -15.48 -6.93
CA LEU D 99 6.59 -16.06 -6.15
C LEU D 99 6.52 -17.56 -6.31
N VAL D 100 5.34 -18.12 -6.07
CA VAL D 100 5.12 -19.54 -6.16
C VAL D 100 5.53 -20.07 -7.53
N LEU D 101 5.03 -19.45 -8.59
CA LEU D 101 5.33 -19.90 -9.94
C LEU D 101 6.82 -19.87 -10.22
N MET D 102 7.45 -18.73 -9.99
CA MET D 102 8.87 -18.59 -10.24
C MET D 102 9.71 -19.54 -9.42
N GLU D 103 9.38 -19.67 -8.15
CA GLU D 103 10.19 -20.47 -7.26
C GLU D 103 9.97 -21.97 -7.50
N ASN D 104 8.81 -22.36 -8.01
CA ASN D 104 8.65 -23.71 -8.47
C ASN D 104 9.46 -24.01 -9.71
N GLU D 105 9.45 -23.15 -10.70
CA GLU D 105 10.34 -23.36 -11.82
C GLU D 105 11.73 -23.68 -11.25
N ARG D 106 12.21 -22.92 -10.29
CA ARG D 106 13.59 -23.05 -9.85
C ARG D 106 13.85 -24.25 -8.96
N THR D 107 12.84 -24.63 -8.19
CA THR D 107 12.90 -25.85 -7.39
C THR D 107 13.04 -27.07 -8.28
N LEU D 108 12.29 -27.11 -9.36
CA LEU D 108 12.40 -28.25 -10.26
C LEU D 108 13.76 -28.29 -10.94
N ASP D 109 14.25 -27.19 -11.52
CA ASP D 109 15.55 -27.33 -12.16
C ASP D 109 16.71 -27.45 -11.13
N PHE D 110 16.44 -27.16 -9.86
CA PHE D 110 17.43 -27.47 -8.81
C PHE D 110 17.66 -28.97 -8.76
N HIS D 111 16.57 -29.72 -8.71
CA HIS D 111 16.63 -31.18 -8.70
C HIS D 111 17.35 -31.68 -9.93
N ASP D 112 17.01 -31.09 -11.08
CA ASP D 112 17.68 -31.43 -12.32
C ASP D 112 19.19 -31.30 -12.19
N SER D 113 19.67 -30.16 -11.70
CA SER D 113 21.12 -29.95 -11.56
C SER D 113 21.75 -30.93 -10.58
N ASN D 114 21.04 -31.26 -9.51
CA ASN D 114 21.58 -32.19 -8.52
C ASN D 114 21.87 -33.55 -9.12
N VAL D 115 20.92 -34.04 -9.91
CA VAL D 115 21.06 -35.30 -10.60
C VAL D 115 22.20 -35.22 -11.58
N LYS D 116 22.17 -34.23 -12.47
CA LYS D 116 23.22 -34.11 -13.46
C LYS D 116 24.60 -34.00 -12.82
N ASN D 117 24.70 -33.39 -11.64
CA ASN D 117 25.98 -33.30 -10.93
C ASN D 117 26.44 -34.66 -10.41
N LEU D 118 25.49 -35.59 -10.26
CA LEU D 118 25.79 -36.95 -9.84
C LEU D 118 26.26 -37.81 -10.98
N TYR D 119 25.53 -37.78 -12.09
CA TYR D 119 26.02 -38.37 -13.32
C TYR D 119 27.49 -37.94 -13.50
N ASP D 120 27.75 -36.65 -13.43
CA ASP D 120 29.09 -36.14 -13.66
C ASP D 120 30.14 -36.59 -12.63
N LYS D 121 29.75 -36.80 -11.38
CA LYS D 121 30.71 -37.26 -10.36
C LYS D 121 31.21 -38.66 -10.68
N VAL D 122 30.27 -39.50 -11.09
CA VAL D 122 30.53 -40.85 -11.51
C VAL D 122 31.28 -40.89 -12.84
N ARG D 123 30.77 -40.15 -13.82
CA ARG D 123 31.40 -40.11 -15.11
C ARG D 123 32.89 -39.75 -15.01
N LEU D 124 33.25 -38.78 -14.16
CA LEU D 124 34.64 -38.33 -14.06
C LEU D 124 35.53 -39.26 -13.20
N GLN D 125 34.96 -40.39 -12.77
CA GLN D 125 35.67 -41.37 -11.97
C GLN D 125 36.06 -42.58 -12.83
N LEU D 126 35.05 -43.18 -13.45
CA LEU D 126 35.24 -44.12 -14.55
C LEU D 126 35.57 -43.27 -15.75
N ARG D 127 35.99 -43.85 -16.87
CA ARG D 127 36.04 -43.06 -18.10
C ARG D 127 36.00 -43.98 -19.29
N ASP D 128 37.17 -44.44 -19.71
CA ASP D 128 37.25 -45.42 -20.76
C ASP D 128 37.07 -46.81 -20.14
N ASN D 129 36.92 -46.86 -18.81
CA ASN D 129 36.48 -48.08 -18.12
C ASN D 129 34.99 -48.38 -18.28
N ALA D 130 34.21 -47.42 -18.79
CA ALA D 130 32.80 -47.68 -19.12
C ALA D 130 32.23 -46.83 -20.27
N LYS D 131 31.20 -47.37 -20.92
CA LYS D 131 30.52 -46.76 -22.07
C LYS D 131 29.44 -45.86 -21.50
N GLU D 132 29.38 -44.61 -21.96
CA GLU D 132 28.23 -43.75 -21.64
C GLU D 132 27.05 -44.15 -22.54
N LEU D 133 26.22 -45.08 -22.08
CA LEU D 133 25.03 -45.47 -22.84
C LEU D 133 24.19 -44.27 -23.27
N GLY D 134 24.17 -43.20 -22.46
CA GLY D 134 23.51 -41.96 -22.82
C GLY D 134 22.05 -41.92 -22.39
N ASN D 135 21.59 -42.96 -21.72
CA ASN D 135 20.27 -43.01 -21.10
C ASN D 135 20.41 -42.86 -19.58
N GLY D 136 21.62 -42.51 -19.15
CA GLY D 136 21.91 -42.33 -17.74
C GLY D 136 22.65 -43.50 -17.14
N CYS D 137 22.94 -44.50 -17.97
CA CYS D 137 23.64 -45.68 -17.47
C CYS D 137 25.06 -45.75 -17.99
N PHE D 138 25.86 -46.53 -17.29
CA PHE D 138 27.20 -46.85 -17.69
C PHE D 138 27.32 -48.36 -17.84
N GLU D 139 27.82 -48.80 -19.00
CA GLU D 139 28.11 -50.21 -19.23
C GLU D 139 29.59 -50.40 -18.96
N PHE D 140 29.88 -51.16 -17.90
CA PHE D 140 31.25 -51.42 -17.54
C PHE D 140 31.93 -52.30 -18.59
N TYR D 141 33.12 -51.89 -18.99
CA TYR D 141 33.91 -52.71 -19.89
C TYR D 141 34.50 -53.88 -19.08
N HIS D 142 35.00 -53.58 -17.87
CA HIS D 142 35.43 -54.64 -16.97
C HIS D 142 34.26 -55.21 -16.16
N LYS D 143 34.56 -56.15 -15.29
CA LYS D 143 33.56 -56.78 -14.45
C LYS D 143 33.59 -56.13 -13.06
N CYS D 144 32.44 -55.68 -12.58
CA CYS D 144 32.37 -54.88 -11.35
C CYS D 144 31.41 -55.48 -10.32
N ASP D 145 31.99 -56.13 -9.31
CA ASP D 145 31.23 -56.77 -8.23
C ASP D 145 30.66 -55.75 -7.25
N ASN D 146 29.97 -56.23 -6.22
CA ASN D 146 29.32 -55.38 -5.22
C ASN D 146 30.29 -54.52 -4.41
N GLU D 147 31.44 -55.07 -4.04
CA GLU D 147 32.44 -54.25 -3.37
C GLU D 147 32.92 -53.13 -4.28
N CYS D 148 33.03 -53.42 -5.59
CA CYS D 148 33.36 -52.43 -6.62
C CYS D 148 32.23 -51.42 -6.78
N MET D 149 30.99 -51.91 -6.93
CA MET D 149 29.77 -51.06 -7.03
C MET D 149 29.69 -49.99 -5.92
N GLU D 150 29.86 -50.40 -4.67
CA GLU D 150 29.93 -49.47 -3.56
C GLU D 150 31.10 -48.48 -3.65
N SER D 151 32.21 -48.86 -4.28
CA SER D 151 33.37 -47.98 -4.38
C SER D 151 33.14 -46.78 -5.30
N VAL D 152 32.13 -46.86 -6.19
CA VAL D 152 31.77 -45.71 -7.04
C VAL D 152 30.69 -44.89 -6.35
N ARG D 153 29.78 -45.58 -5.65
CA ARG D 153 28.74 -44.94 -4.85
C ARG D 153 29.30 -44.01 -3.79
N ASN D 154 30.53 -44.28 -3.33
CA ASN D 154 31.16 -43.42 -2.32
C ASN D 154 32.43 -42.69 -2.80
N GLY D 155 32.61 -42.57 -4.11
CA GLY D 155 33.71 -41.78 -4.67
C GLY D 155 35.11 -42.26 -4.36
N THR D 156 35.32 -43.58 -4.38
CA THR D 156 36.65 -44.16 -4.14
C THR D 156 36.99 -45.25 -5.18
N TYR D 157 36.37 -45.19 -6.35
CA TYR D 157 36.63 -46.15 -7.41
C TYR D 157 38.11 -46.08 -7.83
N ASP D 158 38.68 -47.24 -8.17
CA ASP D 158 40.11 -47.40 -8.46
C ASP D 158 40.35 -47.57 -9.98
N TYR D 159 40.51 -46.46 -10.70
CA TYR D 159 40.73 -46.51 -12.15
C TYR D 159 41.98 -47.32 -12.46
N PRO D 160 43.15 -46.89 -11.94
CA PRO D 160 44.40 -47.59 -12.32
C PRO D 160 44.33 -49.11 -12.17
N LYS D 161 43.43 -49.60 -11.31
CA LYS D 161 43.21 -51.01 -11.14
C LYS D 161 42.71 -51.75 -12.41
N TYR D 162 41.59 -51.33 -12.97
CA TYR D 162 40.90 -52.10 -14.00
C TYR D 162 41.25 -51.72 -15.45
N SER D 163 42.15 -50.74 -15.65
CA SER D 163 42.60 -50.48 -17.05
C SER D 163 43.10 -51.83 -17.53
N GLU D 164 43.27 -51.96 -18.84
CA GLU D 164 43.76 -53.19 -19.47
C GLU D 164 42.61 -54.17 -19.60
N GLU D 165 42.01 -54.57 -18.46
CA GLU D 165 40.87 -55.50 -18.51
C GLU D 165 39.80 -54.90 -19.40
N ALA D 166 39.69 -53.58 -19.31
CA ALA D 166 38.87 -52.81 -20.22
C ALA D 166 39.45 -52.72 -21.64
N ILE D 167 40.70 -52.25 -21.76
CA ILE D 167 41.36 -52.09 -23.09
C ILE D 167 41.19 -53.36 -23.90
N LEU D 168 41.23 -54.47 -23.17
CA LEU D 168 41.10 -55.79 -23.71
C LEU D 168 39.71 -56.04 -24.25
N LYS D 169 38.68 -55.63 -23.50
CA LYS D 169 37.31 -55.79 -23.99
C LYS D 169 36.94 -54.80 -25.09
N ARG D 170 37.68 -53.70 -25.25
CA ARG D 170 37.48 -52.87 -26.43
C ARG D 170 38.05 -53.53 -27.69
N GLU D 171 39.16 -54.25 -27.55
CA GLU D 171 39.71 -55.02 -28.67
C GLU D 171 38.93 -56.30 -28.98
N GLU D 172 37.96 -56.65 -28.13
CA GLU D 172 37.06 -57.77 -28.41
C GLU D 172 35.80 -57.30 -29.15
N ILE D 173 35.27 -56.14 -28.76
CA ILE D 173 34.03 -55.62 -29.35
C ILE D 173 34.28 -55.10 -30.77
N SER D 174 35.52 -54.68 -31.07
CA SER D 174 35.91 -54.27 -32.41
C SER D 174 36.45 -55.44 -33.26
N SER D 175 35.80 -56.61 -33.16
CA SER D 175 36.21 -57.81 -33.91
C SER D 175 35.24 -59.00 -33.75
N GLY D 176 35.49 -60.06 -34.53
CA GLY D 176 34.65 -61.27 -34.61
C GLY D 176 35.42 -62.59 -34.59
N LEU E 3 59.52 -33.03 -12.40
CA LEU E 3 59.80 -34.49 -12.60
C LEU E 3 58.69 -35.14 -13.45
N GLY E 4 57.42 -34.95 -13.06
CA GLY E 4 56.27 -35.52 -13.77
C GLY E 4 55.86 -34.73 -15.00
N SER E 5 54.69 -35.05 -15.56
CA SER E 5 54.16 -34.34 -16.74
C SER E 5 53.78 -32.89 -16.41
N ASP E 6 53.65 -32.07 -17.45
CA ASP E 6 53.19 -30.69 -17.32
C ASP E 6 51.67 -30.61 -17.05
N GLN E 7 51.25 -29.53 -16.40
CA GLN E 7 49.85 -29.36 -16.00
C GLN E 7 49.34 -27.95 -16.17
N ILE E 8 48.03 -27.85 -16.33
CA ILE E 8 47.33 -26.58 -16.22
C ILE E 8 45.96 -26.81 -15.56
N CYS E 9 45.69 -26.04 -14.51
CA CYS E 9 44.42 -26.14 -13.80
C CYS E 9 43.54 -24.91 -14.07
N ILE E 10 42.23 -25.12 -14.07
CA ILE E 10 41.29 -23.98 -14.07
C ILE E 10 40.78 -23.82 -12.67
N GLY E 11 40.67 -22.57 -12.24
CA GLY E 11 40.25 -22.27 -10.87
C GLY E 11 39.70 -20.88 -10.70
N TYR E 12 39.42 -20.52 -9.46
CA TYR E 12 38.74 -19.27 -9.14
C TYR E 12 39.31 -18.76 -7.86
N HIS E 13 39.15 -17.47 -7.60
CA HIS E 13 39.95 -16.90 -6.53
C HIS E 13 39.28 -17.04 -5.18
N ALA E 14 39.97 -16.56 -4.16
CA ALA E 14 39.50 -16.62 -2.78
C ALA E 14 40.35 -15.62 -2.00
N ASN E 15 39.89 -15.23 -0.82
CA ASN E 15 40.60 -14.20 -0.05
C ASN E 15 40.26 -14.32 1.43
N ASN E 16 40.63 -13.31 2.22
CA ASN E 16 40.50 -13.40 3.66
C ASN E 16 39.19 -12.81 4.20
N SER E 17 38.31 -12.40 3.28
CA SER E 17 36.95 -11.92 3.63
C SER E 17 36.19 -12.86 4.57
N THR E 18 35.59 -12.28 5.62
CA THR E 18 34.68 -12.99 6.52
C THR E 18 33.20 -12.66 6.24
N LYS E 19 32.95 -11.72 5.33
CA LYS E 19 31.59 -11.29 4.97
C LYS E 19 30.69 -12.47 4.61
N GLN E 20 29.50 -12.48 5.22
CA GLN E 20 28.53 -13.55 5.03
C GLN E 20 27.25 -13.08 4.35
N VAL E 21 26.61 -14.00 3.68
CA VAL E 21 25.44 -13.69 2.88
C VAL E 21 24.42 -14.82 3.09
N ASP E 22 23.16 -14.55 2.82
CA ASP E 22 22.16 -15.59 2.86
C ASP E 22 21.54 -15.75 1.45
N THR E 23 20.80 -16.81 1.29
CA THR E 23 20.40 -17.30 -0.03
C THR E 23 19.14 -18.04 0.23
N ILE E 24 18.14 -18.00 -0.66
CA ILE E 24 16.91 -18.78 -0.38
C ILE E 24 17.19 -20.20 0.16
N MET E 25 18.20 -20.86 -0.38
CA MET E 25 18.52 -22.23 0.05
C MET E 25 19.60 -22.39 1.11
N GLU E 26 20.36 -21.35 1.40
CA GLU E 26 21.46 -21.47 2.36
C GLU E 26 21.69 -20.24 3.19
N LYS E 27 22.10 -20.43 4.44
CA LYS E 27 22.41 -19.31 5.32
C LYS E 27 23.89 -19.16 5.65
N ASN E 28 24.25 -17.97 6.14
CA ASN E 28 25.60 -17.75 6.64
C ASN E 28 26.70 -18.31 5.72
N VAL E 29 26.62 -17.94 4.44
CA VAL E 29 27.58 -18.35 3.40
C VAL E 29 28.63 -17.29 3.20
N THR E 30 29.89 -17.64 3.47
CA THR E 30 30.98 -16.66 3.37
C THR E 30 31.26 -16.37 1.91
N VAL E 31 31.76 -15.19 1.62
CA VAL E 31 31.82 -14.72 0.25
C VAL E 31 32.95 -13.68 0.06
N THR E 32 33.41 -13.54 -1.17
CA THR E 32 34.54 -12.67 -1.50
C THR E 32 34.31 -11.17 -1.21
N HIS E 33 33.23 -10.65 -1.79
CA HIS E 33 32.83 -9.26 -1.60
C HIS E 33 31.33 -9.24 -1.46
N ALA E 34 30.84 -8.22 -0.78
CA ALA E 34 29.40 -7.97 -0.63
C ALA E 34 29.11 -6.48 -0.44
N GLN E 35 27.85 -6.18 -0.17
CA GLN E 35 27.27 -4.89 -0.45
C GLN E 35 25.95 -4.78 0.27
N ASP E 36 25.86 -3.91 1.27
CA ASP E 36 24.60 -3.71 1.94
C ASP E 36 23.81 -2.67 1.17
N ILE E 37 22.57 -2.98 0.82
CA ILE E 37 21.74 -1.97 0.18
C ILE E 37 20.75 -1.34 1.16
N LEU E 38 20.96 -1.55 2.45
CA LEU E 38 20.05 -0.99 3.44
C LEU E 38 20.74 0.14 4.14
N GLU E 39 20.20 1.35 4.00
CA GLU E 39 20.79 2.52 4.60
C GLU E 39 20.44 2.59 6.07
N LYS E 40 21.46 2.78 6.89
CA LYS E 40 21.35 2.62 8.34
C LYS E 40 21.88 3.81 9.11
N THR E 41 22.36 4.84 8.42
CA THR E 41 22.96 5.94 9.12
C THR E 41 22.37 7.31 8.76
N HIS E 42 22.44 8.18 9.75
CA HIS E 42 21.99 9.54 9.63
C HIS E 42 22.97 10.47 10.37
N ASN E 43 22.92 11.76 10.06
CA ASN E 43 23.89 12.70 10.57
C ASN E 43 23.57 13.35 11.92
N GLY E 44 22.41 13.06 12.48
CA GLY E 44 22.06 13.49 13.85
C GLY E 44 21.71 14.97 13.92
N LYS E 45 21.25 15.52 12.79
CA LYS E 45 21.06 16.97 12.63
C LYS E 45 19.76 17.34 11.95
N LEU E 46 19.22 18.51 12.30
CA LEU E 46 18.10 19.12 11.58
C LEU E 46 18.62 20.03 10.53
N CYS E 47 18.29 19.77 9.27
CA CYS E 47 18.93 20.43 8.13
C CYS E 47 17.93 21.14 7.26
N ASP E 48 18.44 21.99 6.38
CA ASP E 48 17.66 22.55 5.30
C ASP E 48 17.15 21.42 4.46
N LEU E 49 16.09 21.68 3.72
CA LEU E 49 15.51 20.66 2.83
C LEU E 49 15.56 21.24 1.43
N ASN E 50 16.41 20.66 0.61
CA ASN E 50 16.77 21.21 -0.70
C ASN E 50 17.07 22.70 -0.66
N GLY E 51 17.97 23.06 0.27
CA GLY E 51 18.44 24.42 0.37
C GLY E 51 17.47 25.42 0.99
N VAL E 52 16.44 24.94 1.68
CA VAL E 52 15.56 25.82 2.43
C VAL E 52 15.50 25.48 3.90
N LYS E 53 15.77 26.48 4.74
CA LYS E 53 15.81 26.29 6.16
C LYS E 53 14.41 25.99 6.67
N PRO E 54 14.28 25.03 7.59
CA PRO E 54 13.02 24.86 8.24
C PRO E 54 12.77 25.94 9.32
N LEU E 55 11.51 26.08 9.68
CA LEU E 55 11.09 26.99 10.72
C LEU E 55 11.11 26.22 12.02
N ILE E 56 12.10 26.51 12.86
CA ILE E 56 12.22 25.83 14.13
C ILE E 56 11.73 26.74 15.22
N LEU E 57 10.47 26.55 15.61
CA LEU E 57 9.95 27.13 16.83
C LEU E 57 10.67 26.43 17.95
N LYS E 58 11.11 27.21 18.90
CA LYS E 58 11.91 26.67 19.96
C LYS E 58 10.87 26.27 21.01
N ASP E 59 10.66 27.12 22.01
CA ASP E 59 9.72 26.80 23.05
C ASP E 59 8.28 27.29 22.72
N CYS E 60 7.96 27.44 21.43
CA CYS E 60 6.66 27.93 21.02
C CYS E 60 5.86 26.98 20.17
N SER E 61 4.56 27.08 20.32
CA SER E 61 3.64 26.40 19.46
C SER E 61 3.37 27.30 18.28
N VAL E 62 2.81 26.72 17.21
CA VAL E 62 2.47 27.51 16.05
C VAL E 62 1.53 28.62 16.50
N ALA E 63 0.59 28.28 17.37
CA ALA E 63 -0.40 29.22 17.79
C ALA E 63 0.22 30.38 18.58
N GLY E 64 1.02 30.02 19.57
CA GLY E 64 1.76 31.02 20.35
C GLY E 64 2.50 31.95 19.42
N TRP E 65 3.23 31.36 18.50
CA TRP E 65 3.97 32.10 17.52
C TRP E 65 3.08 33.05 16.70
N LEU E 66 1.92 32.60 16.23
CA LEU E 66 1.17 33.38 15.28
C LEU E 66 0.48 34.52 15.97
N LEU E 67 -0.23 34.19 17.04
CA LEU E 67 -0.95 35.19 17.85
C LEU E 67 -0.01 36.15 18.59
N GLY E 68 1.25 35.78 18.72
CA GLY E 68 2.22 36.65 19.35
C GLY E 68 2.13 36.60 20.86
N ASN E 69 2.11 35.40 21.41
CA ASN E 69 2.36 35.20 22.82
C ASN E 69 3.63 35.95 23.22
N PRO E 70 3.58 36.78 24.26
CA PRO E 70 4.70 37.63 24.67
C PRO E 70 6.06 36.98 24.76
N MET E 71 6.14 35.67 25.01
CA MET E 71 7.45 34.98 25.06
C MET E 71 7.91 34.35 23.73
N CYS E 72 7.02 34.38 22.74
CA CYS E 72 7.32 33.90 21.41
C CYS E 72 7.81 35.01 20.47
N ASP E 73 7.49 36.25 20.77
CA ASP E 73 7.92 37.41 19.96
C ASP E 73 9.42 37.72 20.10
N GLU E 74 10.14 36.85 20.80
CA GLU E 74 11.58 36.78 20.64
C GLU E 74 11.91 36.18 19.27
N PHE E 75 11.26 36.73 18.24
CA PHE E 75 10.98 36.06 16.95
C PHE E 75 12.05 36.36 15.88
N ILE E 76 12.05 37.58 15.36
CA ILE E 76 12.82 37.99 14.16
C ILE E 76 13.10 36.86 13.17
N ARG E 77 12.38 36.89 12.05
CA ARG E 77 12.46 35.85 11.01
C ARG E 77 11.52 36.34 9.87
N VAL E 78 11.14 35.53 8.85
CA VAL E 78 11.75 34.22 8.54
C VAL E 78 12.39 34.24 7.20
N PRO E 79 11.64 34.48 6.11
CA PRO E 79 10.23 34.58 5.78
C PRO E 79 9.84 33.48 4.79
N GLU E 80 10.49 32.34 4.90
CA GLU E 80 10.30 31.24 3.99
C GLU E 80 10.80 30.01 4.67
N TRP E 81 10.10 28.89 4.48
CA TRP E 81 10.54 27.65 5.10
C TRP E 81 9.99 26.43 4.43
N SER E 82 10.66 25.30 4.67
CA SER E 82 10.34 24.06 3.98
C SER E 82 9.51 23.11 4.85
N TYR E 83 9.73 23.15 6.14
CA TYR E 83 8.92 22.39 7.06
C TYR E 83 9.00 23.08 8.38
N ILE E 84 8.15 22.67 9.32
CA ILE E 84 8.16 23.25 10.65
C ILE E 84 8.57 22.21 11.65
N VAL E 85 9.34 22.62 12.66
CA VAL E 85 9.60 21.68 13.75
C VAL E 85 9.21 22.27 15.10
N GLU E 86 8.38 21.51 15.82
CA GLU E 86 7.87 21.84 17.14
C GLU E 86 8.49 20.89 18.12
N ARG E 87 8.70 21.34 19.36
CA ARG E 87 9.01 20.44 20.44
C ARG E 87 7.75 19.60 20.67
N ALA E 88 7.89 18.47 21.34
CA ALA E 88 6.73 17.66 21.71
C ALA E 88 5.69 18.42 22.57
N ASN E 89 6.16 19.12 23.62
CA ASN E 89 5.32 19.96 24.51
C ASN E 89 5.88 21.35 24.67
N PRO E 90 5.67 22.21 23.66
CA PRO E 90 6.29 23.54 23.74
C PRO E 90 5.63 24.30 24.85
N ALA E 91 6.43 24.98 25.65
CA ALA E 91 5.91 25.58 26.88
C ALA E 91 5.05 26.82 26.68
N ASN E 92 5.24 27.54 25.57
CA ASN E 92 4.50 28.77 25.29
C ASN E 92 3.47 28.60 24.19
N ASP E 93 2.25 28.25 24.58
CA ASP E 93 1.18 27.98 23.65
C ASP E 93 0.24 29.15 23.84
N LEU E 94 -0.98 28.86 24.29
CA LEU E 94 -1.97 29.85 24.57
C LEU E 94 -1.82 30.24 26.01
N CYS E 95 -1.13 31.36 26.26
CA CYS E 95 -0.95 31.86 27.62
C CYS E 95 -2.33 32.03 28.25
N TYR E 96 -3.20 32.81 27.63
CA TYR E 96 -4.60 32.84 28.03
C TYR E 96 -5.30 31.65 27.41
N PRO E 97 -5.89 30.80 28.26
CA PRO E 97 -6.35 29.51 27.78
C PRO E 97 -7.53 29.64 26.82
N GLY E 98 -7.68 28.66 25.96
CA GLY E 98 -8.74 28.70 24.99
C GLY E 98 -8.50 27.72 23.89
N THR E 99 -8.47 28.25 22.67
CA THR E 99 -8.69 27.46 21.49
C THR E 99 -8.36 28.21 20.23
N LEU E 100 -7.80 27.50 19.25
CA LEU E 100 -7.63 28.01 17.91
C LEU E 100 -8.32 27.02 16.99
N ASN E 101 -9.39 27.48 16.38
CA ASN E 101 -10.19 26.68 15.45
C ASN E 101 -9.45 26.16 14.23
N ASP E 102 -9.78 24.94 13.82
CA ASP E 102 -9.11 24.31 12.67
C ASP E 102 -7.61 24.40 12.79
N TYR E 103 -7.11 24.25 14.02
CA TYR E 103 -5.68 24.44 14.31
C TYR E 103 -4.89 23.50 13.44
N GLU E 104 -5.30 22.25 13.40
CA GLU E 104 -4.55 21.25 12.71
C GLU E 104 -4.46 21.51 11.21
N GLU E 105 -5.55 21.94 10.62
CA GLU E 105 -5.54 22.29 9.20
C GLU E 105 -4.72 23.54 8.98
N LEU E 106 -4.73 24.46 9.93
CA LEU E 106 -3.92 25.66 9.79
C LEU E 106 -2.44 25.36 9.81
N LYS E 107 -2.02 24.55 10.77
CA LYS E 107 -0.65 24.09 10.84
C LYS E 107 -0.25 23.44 9.51
N HIS E 108 -1.15 22.65 8.92
CA HIS E 108 -0.81 21.97 7.67
C HIS E 108 -0.59 22.94 6.54
N LEU E 109 -1.50 23.90 6.41
CA LEU E 109 -1.34 25.00 5.50
C LEU E 109 0.00 25.73 5.69
N LEU E 110 0.43 25.91 6.92
CA LEU E 110 1.65 26.65 7.18
C LEU E 110 2.95 25.84 7.16
N SER E 111 2.84 24.53 6.96
CA SER E 111 4.02 23.66 7.08
C SER E 111 5.12 24.01 6.11
N ARG E 112 4.77 24.42 4.89
CA ARG E 112 5.75 24.91 3.88
C ARG E 112 5.21 26.13 3.21
N ILE E 113 5.95 27.22 3.36
CA ILE E 113 5.52 28.52 2.94
C ILE E 113 6.60 29.18 2.16
N ASN E 114 6.21 29.77 1.06
CA ASN E 114 7.16 30.33 0.15
C ASN E 114 7.50 31.78 0.48
N HIS E 115 6.55 32.51 1.06
CA HIS E 115 6.79 33.88 1.57
C HIS E 115 5.79 34.23 2.68
N PHE E 116 6.30 34.81 3.76
CA PHE E 116 5.54 35.08 4.96
C PHE E 116 5.98 36.41 5.53
N GLU E 117 5.03 37.29 5.80
CA GLU E 117 5.37 38.65 6.25
C GLU E 117 4.25 39.24 7.11
N LYS E 118 4.59 39.58 8.34
CA LYS E 118 3.68 40.23 9.23
C LYS E 118 3.41 41.65 8.68
N THR E 119 2.15 42.10 8.68
CA THR E 119 1.83 43.54 8.47
C THR E 119 0.72 44.04 9.36
N LEU E 120 0.86 45.30 9.76
CA LEU E 120 -0.14 46.03 10.50
C LEU E 120 -1.36 46.17 9.63
N ILE E 121 -2.49 45.64 10.08
CA ILE E 121 -3.69 45.59 9.28
C ILE E 121 -4.73 46.57 9.78
N ILE E 122 -4.95 46.58 11.10
CA ILE E 122 -5.71 47.67 11.69
C ILE E 122 -5.01 48.18 12.96
N PRO E 123 -4.63 49.46 12.96
CA PRO E 123 -3.82 49.93 14.07
C PRO E 123 -4.61 50.20 15.33
N ARG E 124 -3.97 50.06 16.49
CA ARG E 124 -4.60 50.30 17.80
C ARG E 124 -5.25 51.70 17.88
N SER E 125 -4.73 52.62 17.09
CA SER E 125 -5.28 53.96 17.01
C SER E 125 -6.32 54.01 15.95
N SER E 126 -7.25 53.09 15.98
CA SER E 126 -8.46 53.21 15.17
C SER E 126 -9.58 52.55 15.95
N TRP E 127 -9.46 52.66 17.27
CA TRP E 127 -10.46 52.26 18.24
C TRP E 127 -10.65 53.45 19.17
N PRO E 128 -11.13 54.57 18.61
CA PRO E 128 -11.14 55.78 19.44
C PRO E 128 -12.13 55.68 20.61
N ASN E 129 -13.23 54.96 20.44
CA ASN E 129 -14.28 54.90 21.49
C ASN E 129 -14.21 53.69 22.41
N HIS E 130 -13.15 52.91 22.27
CA HIS E 130 -12.88 51.78 23.13
C HIS E 130 -11.48 51.88 23.75
N GLU E 131 -11.25 51.07 24.75
CA GLU E 131 -10.02 51.10 25.50
C GLU E 131 -9.09 49.95 25.05
N THR E 132 -7.93 50.30 24.51
CA THR E 132 -7.01 49.31 23.91
C THR E 132 -5.93 48.79 24.88
N SER E 133 -5.42 49.67 25.73
CA SER E 133 -4.28 49.34 26.56
C SER E 133 -4.60 48.58 27.86
N LEU E 134 -5.87 48.24 28.11
CA LEU E 134 -6.23 47.57 29.36
C LEU E 134 -6.51 46.10 29.20
N GLY E 135 -6.42 45.63 27.98
CA GLY E 135 -6.68 44.25 27.66
C GLY E 135 -5.48 43.36 27.90
N VAL E 136 -5.32 42.97 29.16
CA VAL E 136 -4.09 42.43 29.73
C VAL E 136 -4.36 41.39 30.84
N SER E 137 -3.45 40.46 31.08
CA SER E 137 -3.71 39.39 32.04
C SER E 137 -2.51 38.79 32.70
N ALA E 138 -2.67 38.41 33.96
CA ALA E 138 -1.60 37.71 34.69
C ALA E 138 -1.28 36.32 34.13
N ALA E 139 -2.16 35.78 33.30
CA ALA E 139 -1.95 34.47 32.71
C ALA E 139 -0.89 34.47 31.65
N CYS E 140 -0.46 35.67 31.28
CA CYS E 140 0.07 35.90 29.97
C CYS E 140 1.05 37.09 30.06
N PRO E 141 2.04 36.98 30.97
CA PRO E 141 2.95 38.03 31.42
C PRO E 141 4.22 38.18 30.62
N TYR E 142 4.79 39.39 30.59
CA TYR E 142 6.04 39.59 29.90
C TYR E 142 7.22 39.95 30.80
N GLN E 143 7.34 41.21 31.17
CA GLN E 143 8.56 41.63 31.83
C GLN E 143 8.20 41.68 33.31
N GLY E 144 7.61 40.60 33.80
CA GLY E 144 6.99 40.55 35.11
C GLY E 144 5.64 41.23 35.15
N ALA E 145 5.52 42.34 34.43
CA ALA E 145 4.24 42.95 34.16
C ALA E 145 3.40 42.01 33.35
N SER E 146 2.11 42.02 33.61
CA SER E 146 1.20 41.19 32.91
C SER E 146 0.81 41.90 31.61
N SER E 147 0.70 41.13 30.51
CA SER E 147 0.25 41.65 29.21
C SER E 147 -0.59 40.62 28.43
N PHE E 148 -0.31 40.39 27.14
CA PHE E 148 -1.22 39.68 26.22
C PHE E 148 -0.63 39.39 24.86
N PHE E 149 -1.27 38.48 24.13
CA PHE E 149 -0.95 38.26 22.70
C PHE E 149 -0.74 39.61 21.98
N ARG E 150 0.43 39.79 21.37
CA ARG E 150 0.82 41.06 20.83
C ARG E 150 0.21 41.40 19.48
N ASN E 151 -0.21 40.41 18.72
CA ASN E 151 -0.73 40.65 17.38
C ASN E 151 -2.21 40.79 17.29
N VAL E 152 -2.86 40.84 18.43
CA VAL E 152 -4.31 40.95 18.47
C VAL E 152 -4.63 41.85 19.68
N VAL E 153 -5.82 42.42 19.71
CA VAL E 153 -6.16 43.46 20.72
C VAL E 153 -7.38 43.13 21.56
N TRP E 154 -7.20 43.00 22.86
CA TRP E 154 -8.32 42.73 23.75
C TRP E 154 -9.03 44.02 24.12
N LEU E 155 -10.01 44.39 23.32
CA LEU E 155 -10.72 45.66 23.49
C LEU E 155 -11.62 45.55 24.67
N ILE E 156 -11.59 46.58 25.53
CA ILE E 156 -12.59 46.73 26.60
C ILE E 156 -13.29 48.11 26.56
N LYS E 157 -14.31 48.25 27.39
CA LYS E 157 -15.18 49.44 27.38
C LYS E 157 -14.41 50.72 27.77
N LYS E 158 -14.83 51.82 27.18
CA LYS E 158 -14.31 53.13 27.50
C LYS E 158 -15.43 53.99 28.08
N ASN E 159 -15.06 54.72 29.14
CA ASN E 159 -16.02 55.35 30.01
C ASN E 159 -16.92 54.22 30.53
N ASP E 160 -18.23 54.30 30.47
CA ASP E 160 -18.95 53.09 30.84
C ASP E 160 -19.68 52.58 29.61
N ALA E 161 -18.97 52.54 28.49
CA ALA E 161 -19.62 52.23 27.21
C ALA E 161 -18.78 51.36 26.30
N TYR E 162 -19.45 50.48 25.56
CA TYR E 162 -18.87 49.69 24.46
C TYR E 162 -19.84 49.90 23.29
N PRO E 163 -19.63 50.98 22.55
CA PRO E 163 -20.43 51.18 21.36
C PRO E 163 -20.19 50.10 20.34
N THR E 164 -21.18 49.84 19.51
CA THR E 164 -21.11 48.77 18.56
C THR E 164 -20.09 49.08 17.48
N ILE E 165 -19.18 48.12 17.26
CA ILE E 165 -18.14 48.21 16.27
C ILE E 165 -18.64 47.73 14.94
N LYS E 166 -18.42 48.54 13.91
CA LYS E 166 -18.57 48.13 12.53
C LYS E 166 -17.32 48.60 11.85
N ILE E 167 -16.40 47.70 11.57
CA ILE E 167 -15.21 48.05 10.83
C ILE E 167 -14.99 47.07 9.67
N SER E 168 -14.26 47.50 8.65
CA SER E 168 -13.91 46.56 7.60
C SER E 168 -12.47 46.82 7.09
N TYR E 169 -11.83 45.80 6.54
CA TYR E 169 -10.52 45.96 5.97
C TYR E 169 -10.43 45.27 4.58
N ASN E 170 -9.92 46.02 3.60
CA ASN E 170 -9.80 45.56 2.23
C ASN E 170 -8.35 45.17 1.98
N ASN E 171 -8.12 43.93 1.56
CA ASN E 171 -6.77 43.46 1.28
C ASN E 171 -6.34 44.04 -0.03
N THR E 172 -5.45 45.02 0.04
CA THR E 172 -5.01 45.71 -1.16
C THR E 172 -3.63 45.23 -1.60
N ASN E 173 -3.19 44.10 -1.08
CA ASN E 173 -1.90 43.55 -1.40
C ASN E 173 -1.99 42.58 -2.57
N ARG E 174 -0.84 42.25 -3.14
CA ARG E 174 -0.73 41.21 -4.17
C ARG E 174 -1.12 39.88 -3.59
N GLU E 175 -0.77 39.69 -2.32
CA GLU E 175 -0.81 38.39 -1.66
C GLU E 175 -2.07 38.12 -0.89
N ASP E 176 -2.48 36.85 -0.89
CA ASP E 176 -3.43 36.35 0.13
C ASP E 176 -2.94 36.85 1.50
N LEU E 177 -3.83 37.10 2.45
CA LEU E 177 -3.35 37.23 3.79
C LEU E 177 -4.17 36.54 4.86
N LEU E 178 -3.44 36.05 5.85
CA LEU E 178 -3.96 35.22 6.90
C LEU E 178 -4.28 36.13 8.08
N ILE E 179 -5.53 36.10 8.54
CA ILE E 179 -6.02 36.98 9.60
C ILE E 179 -6.59 36.17 10.75
N LEU E 180 -6.31 36.62 11.98
CA LEU E 180 -6.85 35.97 13.17
C LEU E 180 -7.51 36.97 14.07
N TRP E 181 -8.67 36.56 14.59
CA TRP E 181 -9.40 37.30 15.62
C TRP E 181 -9.89 36.28 16.61
N GLY E 182 -10.61 36.76 17.62
CA GLY E 182 -11.13 35.86 18.62
C GLY E 182 -12.30 36.44 19.38
N ILE E 183 -12.87 35.63 20.27
CA ILE E 183 -13.92 36.07 21.16
C ILE E 183 -13.60 35.60 22.56
N HIS E 184 -14.01 36.39 23.54
CA HIS E 184 -13.72 36.10 24.94
C HIS E 184 -14.96 35.65 25.64
N HIS E 185 -14.84 34.48 26.25
CA HIS E 185 -15.87 33.90 27.08
C HIS E 185 -15.58 34.32 28.51
N SER E 186 -16.40 35.24 29.05
CA SER E 186 -16.32 35.66 30.48
C SER E 186 -16.95 34.63 31.41
N ASN E 187 -16.78 34.84 32.71
CA ASN E 187 -17.22 33.84 33.72
C ASN E 187 -18.56 34.08 34.39
N ASN E 188 -18.98 35.32 34.48
CA ASN E 188 -20.26 35.66 35.05
C ASN E 188 -20.72 37.04 34.72
N ALA E 189 -21.99 37.28 34.98
CA ALA E 189 -22.61 38.53 34.64
C ALA E 189 -21.77 39.74 35.03
N ALA E 190 -21.11 39.68 36.18
CA ALA E 190 -20.32 40.83 36.70
C ALA E 190 -19.08 41.16 35.88
N GLU E 191 -18.28 40.15 35.59
CA GLU E 191 -17.11 40.32 34.72
C GLU E 191 -17.53 40.92 33.36
N GLN E 192 -18.63 40.38 32.82
CA GLN E 192 -19.23 40.90 31.60
C GLN E 192 -20.10 42.08 31.94
N THR E 193 -19.55 43.27 31.90
CA THR E 193 -20.26 44.54 32.33
C THR E 193 -19.12 45.31 32.87
N ASN E 194 -18.42 44.67 33.79
CA ASN E 194 -17.16 45.17 34.24
C ASN E 194 -16.18 45.41 33.09
N LEU E 195 -16.15 44.48 32.14
CA LEU E 195 -15.24 44.60 31.00
C LEU E 195 -15.90 45.22 29.77
N TYR E 196 -17.17 44.91 29.51
CA TYR E 196 -17.79 45.29 28.25
C TYR E 196 -19.09 46.07 28.31
N LYS E 197 -19.58 46.33 29.52
CA LYS E 197 -20.91 46.94 29.76
C LYS E 197 -22.08 46.09 29.32
N ASN E 198 -22.20 45.88 28.02
CA ASN E 198 -23.37 45.26 27.45
C ASN E 198 -23.42 43.83 27.89
N PRO E 199 -24.58 43.35 28.33
CA PRO E 199 -24.59 41.99 28.82
C PRO E 199 -24.79 40.93 27.72
N ASP E 200 -25.48 41.26 26.61
CA ASP E 200 -25.77 40.27 25.56
C ASP E 200 -25.07 40.64 24.26
N THR E 201 -23.96 39.95 24.00
CA THR E 201 -23.01 40.39 22.99
C THR E 201 -22.76 39.37 21.93
N TYR E 202 -22.11 39.83 20.87
CA TYR E 202 -21.76 38.99 19.73
C TYR E 202 -20.51 39.46 19.00
N VAL E 203 -20.03 38.61 18.09
CA VAL E 203 -18.95 38.97 17.17
C VAL E 203 -19.31 38.38 15.85
N SER E 204 -19.49 39.21 14.83
CA SER E 204 -19.82 38.71 13.52
C SER E 204 -18.71 39.07 12.52
N VAL E 205 -18.48 38.16 11.57
CA VAL E 205 -17.35 38.29 10.66
C VAL E 205 -17.76 37.80 9.29
N GLY E 206 -17.48 38.60 8.26
CA GLY E 206 -17.82 38.26 6.90
C GLY E 206 -16.77 38.61 5.85
N THR E 207 -16.60 37.70 4.91
CA THR E 207 -15.86 37.99 3.71
C THR E 207 -16.76 37.53 2.59
N SER E 208 -16.18 37.30 1.41
CA SER E 208 -16.99 36.83 0.30
C SER E 208 -17.35 35.39 0.54
N THR E 209 -16.55 34.77 1.40
CA THR E 209 -16.63 33.35 1.71
C THR E 209 -17.14 33.11 3.12
N LEU E 210 -16.61 33.87 4.07
CA LEU E 210 -16.82 33.59 5.47
C LEU E 210 -18.10 34.28 5.94
N ASN E 211 -18.85 33.59 6.78
CA ASN E 211 -20.08 34.15 7.36
C ASN E 211 -20.25 33.57 8.74
N GLN E 212 -19.60 34.16 9.74
CA GLN E 212 -19.65 33.61 11.08
C GLN E 212 -20.27 34.58 12.09
N ARG E 213 -20.88 34.02 13.13
CA ARG E 213 -21.38 34.85 14.24
C ARG E 213 -21.17 34.15 15.54
N LEU E 214 -20.38 34.75 16.39
CA LEU E 214 -19.93 34.10 17.61
C LEU E 214 -20.59 34.76 18.81
N VAL E 215 -20.89 33.96 19.83
CA VAL E 215 -21.54 34.44 21.02
C VAL E 215 -20.83 33.89 22.23
N PRO E 216 -20.53 34.73 23.21
CA PRO E 216 -19.85 34.19 24.39
C PRO E 216 -20.72 33.30 25.25
N LYS E 217 -20.20 32.12 25.60
CA LYS E 217 -20.74 31.28 26.64
C LYS E 217 -20.30 31.76 28.00
N ILE E 218 -21.20 32.37 28.76
CA ILE E 218 -20.84 32.83 30.11
C ILE E 218 -21.12 31.68 31.07
N ALA E 219 -20.07 31.04 31.56
CA ALA E 219 -20.24 29.91 32.44
C ALA E 219 -19.03 29.68 33.35
N THR E 220 -19.15 28.71 34.22
CA THR E 220 -18.09 28.37 35.13
C THR E 220 -17.24 27.24 34.53
N ARG E 221 -15.93 27.49 34.49
CA ARG E 221 -14.94 26.49 34.04
C ARG E 221 -13.77 26.41 35.00
N SER E 222 -13.05 25.29 34.99
CA SER E 222 -11.93 25.12 35.92
C SER E 222 -10.78 25.98 35.45
N GLN E 223 -9.98 26.45 36.40
CA GLN E 223 -8.88 27.34 36.11
C GLN E 223 -7.77 26.68 35.33
N VAL E 224 -7.29 27.41 34.33
CA VAL E 224 -6.11 27.04 33.59
C VAL E 224 -5.24 28.30 33.55
N ASN E 225 -3.97 28.19 33.93
CA ASN E 225 -3.11 29.37 34.17
C ASN E 225 -3.89 30.37 35.02
N GLY E 226 -4.54 29.83 36.06
CA GLY E 226 -5.27 30.65 37.02
C GLY E 226 -6.43 31.46 36.45
N GLN E 227 -7.00 30.99 35.36
CA GLN E 227 -8.03 31.74 34.63
C GLN E 227 -9.12 30.80 34.23
N SER E 228 -10.35 31.13 34.63
CA SER E 228 -11.51 30.35 34.22
C SER E 228 -12.09 30.88 32.93
N GLY E 229 -11.69 32.10 32.55
CA GLY E 229 -12.06 32.66 31.27
C GLY E 229 -11.48 31.83 30.14
N ARG E 230 -11.95 32.10 28.93
CA ARG E 230 -11.57 31.27 27.82
C ARG E 230 -11.61 32.14 26.58
N MET E 231 -10.61 31.98 25.72
CA MET E 231 -10.57 32.74 24.52
C MET E 231 -10.46 31.84 23.30
N ASP E 232 -11.49 31.87 22.45
CA ASP E 232 -11.51 31.11 21.22
C ASP E 232 -11.11 31.99 20.04
N PHE E 233 -10.08 31.57 19.29
CA PHE E 233 -9.65 32.26 18.10
C PHE E 233 -9.99 31.49 16.85
N PHE E 234 -10.02 32.26 15.77
CA PHE E 234 -10.47 31.83 14.43
C PHE E 234 -9.60 32.51 13.39
N TRP E 235 -9.66 32.02 12.16
CA TRP E 235 -8.79 32.53 11.10
C TRP E 235 -9.38 32.43 9.73
N THR E 236 -8.91 33.25 8.81
CA THR E 236 -9.26 33.07 7.43
C THR E 236 -8.16 33.57 6.53
N ILE E 237 -8.25 33.21 5.28
CA ILE E 237 -7.31 33.69 4.30
C ILE E 237 -8.08 34.66 3.45
N LEU E 238 -7.81 35.94 3.61
CA LEU E 238 -8.50 36.97 2.83
C LEU E 238 -7.80 37.15 1.46
N LYS E 239 -8.51 36.79 0.38
CA LYS E 239 -7.92 36.86 -0.95
C LYS E 239 -7.68 38.34 -1.31
N PRO E 240 -6.73 38.63 -2.22
CA PRO E 240 -6.50 39.99 -2.68
C PRO E 240 -7.75 40.60 -3.24
N ASN E 241 -8.02 41.84 -2.85
CA ASN E 241 -9.19 42.56 -3.31
C ASN E 241 -10.52 42.17 -2.65
N ASP E 242 -10.47 41.24 -1.69
CA ASP E 242 -11.64 40.98 -0.90
C ASP E 242 -11.50 41.78 0.36
N ALA E 243 -12.60 41.92 1.10
CA ALA E 243 -12.56 42.60 2.38
C ALA E 243 -13.23 41.77 3.47
N ILE E 244 -12.73 41.95 4.69
CA ILE E 244 -13.29 41.33 5.87
C ILE E 244 -14.08 42.37 6.67
N HIS E 245 -15.21 41.97 7.24
CA HIS E 245 -16.17 42.89 7.87
C HIS E 245 -16.43 42.45 9.28
N PHE E 246 -16.03 43.25 10.24
CA PHE E 246 -16.20 42.90 11.64
C PHE E 246 -17.33 43.72 12.28
N GLU E 247 -18.10 43.08 13.15
CA GLU E 247 -19.10 43.79 13.95
C GLU E 247 -19.23 43.15 15.32
N SER E 248 -19.20 43.96 16.37
CA SER E 248 -19.29 43.44 17.71
C SER E 248 -19.63 44.53 18.71
N ASN E 249 -20.44 44.17 19.69
CA ASN E 249 -20.83 45.05 20.76
C ASN E 249 -20.23 44.54 22.07
N GLY E 250 -19.23 43.68 21.97
CA GLY E 250 -18.61 43.11 23.16
C GLY E 250 -17.84 41.83 22.89
N ASN E 251 -16.88 41.58 23.77
CA ASN E 251 -16.09 40.34 23.82
C ASN E 251 -15.20 40.08 22.63
N PHE E 252 -14.92 41.12 21.87
CA PHE E 252 -14.15 41.01 20.61
C PHE E 252 -12.65 41.08 20.85
N ILE E 253 -11.90 40.13 20.31
CA ILE E 253 -10.44 40.18 20.35
C ILE E 253 -10.00 40.45 18.93
N ALA E 254 -9.61 41.69 18.68
CA ALA E 254 -9.54 42.18 17.32
C ALA E 254 -8.15 42.06 16.70
N PRO E 255 -8.10 41.88 15.39
CA PRO E 255 -6.81 41.78 14.73
C PRO E 255 -6.11 43.11 14.78
N GLU E 256 -4.79 43.10 14.96
CA GLU E 256 -3.96 44.28 14.72
C GLU E 256 -3.05 43.95 13.55
N TYR E 257 -2.20 42.95 13.74
CA TYR E 257 -1.37 42.41 12.66
C TYR E 257 -1.99 41.20 11.97
N ALA E 258 -1.61 41.01 10.72
CA ALA E 258 -1.98 39.84 9.93
C ALA E 258 -0.74 39.41 9.16
N TYR E 259 -0.83 38.35 8.37
CA TYR E 259 0.36 37.86 7.69
C TYR E 259 0.12 37.68 6.22
N LYS E 260 1.04 38.17 5.41
CA LYS E 260 1.00 37.89 3.97
C LYS E 260 1.52 36.50 3.71
N ILE E 261 0.83 35.72 2.92
CA ILE E 261 1.32 34.38 2.62
C ILE E 261 1.26 34.12 1.16
N VAL E 262 2.25 33.38 0.69
CA VAL E 262 2.15 32.72 -0.61
C VAL E 262 2.54 31.29 -0.36
N LYS E 263 1.66 30.40 -0.82
CA LYS E 263 1.85 28.99 -0.68
C LYS E 263 2.02 28.39 -2.06
N LYS E 264 3.07 27.61 -2.21
CA LYS E 264 3.17 26.72 -3.37
C LYS E 264 3.96 25.48 -2.98
N GLY E 265 3.30 24.54 -2.31
CA GLY E 265 3.98 23.33 -1.81
C GLY E 265 3.53 22.94 -0.43
N ASP E 266 3.59 21.65 -0.11
CA ASP E 266 2.83 21.15 1.00
C ASP E 266 3.52 20.76 2.30
N SER E 267 4.49 19.88 2.33
CA SER E 267 5.13 19.57 3.65
C SER E 267 4.20 19.19 4.86
N THR E 268 4.72 19.31 6.08
CA THR E 268 4.03 18.86 7.31
C THR E 268 4.78 19.35 8.54
N ILE E 269 4.38 18.90 9.72
CA ILE E 269 5.03 19.31 10.98
C ILE E 269 5.83 18.22 11.64
N MET E 270 7.10 18.46 11.89
CA MET E 270 7.97 17.47 12.52
C MET E 270 8.02 17.71 14.02
N LYS E 271 7.92 16.63 14.80
CA LYS E 271 8.13 16.78 16.23
C LYS E 271 9.55 16.31 16.53
N SER E 272 10.37 17.21 17.05
CA SER E 272 11.72 16.91 17.35
C SER E 272 12.30 17.89 18.34
N GLU E 273 13.22 17.38 19.14
CA GLU E 273 13.77 18.16 20.23
C GLU E 273 15.10 18.78 19.81
N MET E 274 15.53 18.51 18.60
CA MET E 274 16.84 18.98 18.15
C MET E 274 16.83 20.43 17.69
N GLU E 275 18.02 20.89 17.34
CA GLU E 275 18.26 22.25 16.93
C GLU E 275 18.96 22.28 15.59
N TYR E 276 18.90 23.42 14.93
CA TYR E 276 19.39 23.53 13.57
C TYR E 276 20.85 23.14 13.50
N GLY E 277 21.16 22.27 12.56
CA GLY E 277 22.53 21.81 12.36
C GLY E 277 23.28 22.42 11.18
N HIS E 278 22.77 23.51 10.60
CA HIS E 278 23.50 24.21 9.51
C HIS E 278 23.96 23.29 8.37
N CYS E 279 23.15 22.31 8.02
CA CYS E 279 23.42 21.35 6.94
C CYS E 279 22.34 21.47 5.86
N ASN E 280 22.43 20.62 4.85
CA ASN E 280 21.38 20.50 3.88
C ASN E 280 21.14 19.03 3.58
N THR E 281 19.91 18.65 3.30
CA THR E 281 19.57 17.26 3.00
C THR E 281 18.42 17.19 2.01
N LYS E 282 18.21 15.99 1.44
CA LYS E 282 17.02 15.69 0.61
C LYS E 282 15.96 14.95 1.39
N CYS E 283 16.36 14.41 2.55
CA CYS E 283 15.50 13.58 3.36
C CYS E 283 15.83 13.80 4.83
N GLN E 284 14.88 14.32 5.58
CA GLN E 284 15.07 14.63 7.00
C GLN E 284 14.21 13.71 7.88
N THR E 285 14.74 13.28 9.02
CA THR E 285 13.97 12.58 10.05
C THR E 285 14.12 13.35 11.32
N PRO E 286 13.24 13.09 12.29
CA PRO E 286 13.33 13.77 13.59
C PRO E 286 14.61 13.51 14.40
N ILE E 287 15.32 12.44 14.10
CA ILE E 287 16.56 12.15 14.80
C ILE E 287 17.81 12.41 13.95
N GLY E 288 17.60 12.85 12.71
CA GLY E 288 18.72 13.20 11.86
C GLY E 288 18.42 13.03 10.39
N ALA E 289 19.27 13.61 9.57
CA ALA E 289 19.05 13.65 8.13
C ALA E 289 19.76 12.48 7.47
N ILE E 290 19.22 12.03 6.34
CA ILE E 290 19.80 10.91 5.63
C ILE E 290 20.23 11.34 4.24
N ASN E 291 21.48 11.02 3.93
CA ASN E 291 22.14 11.28 2.67
C ASN E 291 22.53 9.95 2.01
N SER E 292 21.67 9.43 1.14
CA SER E 292 22.01 8.23 0.38
C SER E 292 21.13 7.98 -0.86
N SER E 293 21.63 7.12 -1.75
CA SER E 293 20.91 6.66 -2.94
C SER E 293 20.51 5.21 -2.83
N MET E 294 20.69 4.65 -1.64
CA MET E 294 20.27 3.31 -1.32
C MET E 294 18.76 3.20 -1.32
N PRO E 295 18.22 2.09 -1.80
CA PRO E 295 16.77 2.03 -1.99
C PRO E 295 15.94 1.78 -0.73
N PHE E 296 16.56 1.32 0.37
CA PHE E 296 15.83 1.09 1.61
C PHE E 296 16.54 1.68 2.81
N HIS E 297 15.79 1.97 3.86
CA HIS E 297 16.38 2.43 5.12
C HIS E 297 15.59 1.93 6.32
N ASN E 298 16.16 2.10 7.50
CA ASN E 298 15.51 1.67 8.73
C ASN E 298 15.66 2.65 9.90
N ILE E 299 15.88 3.92 9.60
CA ILE E 299 16.17 4.89 10.62
C ILE E 299 14.95 5.30 11.40
N HIS E 300 13.87 5.62 10.68
CA HIS E 300 12.69 6.28 11.28
C HIS E 300 11.54 6.47 10.27
N PRO E 301 10.29 6.13 10.66
CA PRO E 301 9.16 6.18 9.73
C PRO E 301 8.66 7.59 9.39
N LEU E 302 8.80 8.57 10.29
CA LEU E 302 8.31 9.93 10.04
C LEU E 302 9.31 10.81 9.27
N THR E 303 9.57 10.43 8.03
CA THR E 303 10.50 11.18 7.18
C THR E 303 9.78 12.36 6.58
N ILE E 304 10.50 13.42 6.23
CA ILE E 304 9.96 14.42 5.31
C ILE E 304 11.06 14.75 4.27
N GLY E 305 10.70 14.61 3.00
CA GLY E 305 11.64 14.65 1.92
C GLY E 305 11.46 13.49 0.96
N GLU E 306 12.47 13.31 0.13
CA GLU E 306 12.49 12.29 -0.89
C GLU E 306 13.39 11.18 -0.39
N CYS E 307 12.80 10.12 0.14
CA CYS E 307 13.56 9.13 0.94
C CYS E 307 13.58 7.71 0.40
N PRO E 308 14.50 6.88 0.90
CA PRO E 308 14.41 5.46 0.58
C PRO E 308 13.20 4.87 1.26
N LYS E 309 12.94 3.59 1.09
CA LYS E 309 11.74 3.00 1.62
C LYS E 309 11.99 2.30 2.93
N TYR E 310 11.16 2.64 3.89
CA TYR E 310 11.35 2.24 5.26
C TYR E 310 11.02 0.77 5.36
N VAL E 311 11.89 0.02 6.06
CA VAL E 311 11.65 -1.39 6.34
C VAL E 311 12.01 -1.78 7.77
N LYS E 312 11.52 -2.92 8.23
CA LYS E 312 11.96 -3.52 9.47
C LYS E 312 13.02 -4.51 9.09
N SER E 313 14.26 -4.08 9.08
CA SER E 313 15.36 -4.95 8.72
C SER E 313 16.69 -4.39 9.25
N ASN E 314 17.65 -5.26 9.55
CA ASN E 314 18.96 -4.81 10.01
C ASN E 314 20.05 -4.90 8.96
N LYS E 315 19.81 -5.68 7.90
CA LYS E 315 20.79 -5.89 6.88
C LYS E 315 20.07 -6.24 5.62
N LEU E 316 20.56 -5.72 4.51
CA LEU E 316 20.20 -6.23 3.20
C LEU E 316 21.48 -6.40 2.41
N VAL E 317 22.14 -7.55 2.63
CA VAL E 317 23.47 -7.83 2.05
C VAL E 317 23.43 -8.67 0.80
N LEU E 318 23.87 -8.06 -0.30
CA LEU E 318 23.94 -8.67 -1.62
C LEU E 318 25.33 -9.17 -1.92
N ALA E 319 25.41 -10.42 -2.36
CA ALA E 319 26.66 -10.99 -2.79
C ALA E 319 27.05 -10.36 -4.12
N THR E 320 28.34 -9.98 -4.23
CA THR E 320 28.99 -9.66 -5.51
C THR E 320 30.06 -10.69 -5.85
N GLY E 321 30.81 -11.16 -4.87
CA GLY E 321 31.84 -12.19 -5.09
C GLY E 321 31.34 -13.62 -5.09
N LEU E 322 32.24 -14.57 -4.78
CA LEU E 322 31.99 -16.02 -4.87
C LEU E 322 32.10 -16.63 -3.50
N ARG E 323 31.76 -17.91 -3.39
CA ARG E 323 31.96 -18.63 -2.13
C ARG E 323 33.42 -18.62 -1.76
N ASN E 324 33.69 -18.33 -0.48
CA ASN E 324 35.04 -18.26 0.02
C ASN E 324 35.28 -19.44 0.93
N SER E 325 36.22 -20.31 0.53
CA SER E 325 36.52 -21.57 1.24
C SER E 325 37.59 -21.40 2.34
N PRO E 326 37.74 -22.42 3.23
CA PRO E 326 38.80 -22.37 4.25
C PRO E 326 40.23 -22.30 3.71
N GLY F 1 20.69 -24.71 -10.37
CA GLY F 1 21.57 -24.24 -9.27
C GLY F 1 22.99 -24.58 -9.68
N LEU F 2 23.74 -25.25 -8.80
CA LEU F 2 25.09 -25.58 -9.10
C LEU F 2 25.17 -26.05 -10.54
N PHE F 3 26.08 -25.40 -11.23
CA PHE F 3 26.68 -25.92 -12.44
C PHE F 3 27.82 -26.82 -11.94
N GLY F 4 28.41 -27.59 -12.83
CA GLY F 4 29.46 -28.55 -12.43
C GLY F 4 30.13 -28.32 -11.06
N ALA F 5 30.83 -27.20 -10.92
CA ALA F 5 31.73 -27.07 -9.79
C ALA F 5 32.26 -25.70 -9.59
N ILE F 6 31.85 -25.11 -8.46
CA ILE F 6 32.71 -24.23 -7.70
C ILE F 6 33.11 -25.17 -6.58
N ALA F 7 32.33 -25.28 -5.51
CA ALA F 7 32.66 -26.24 -4.47
C ALA F 7 32.13 -27.60 -4.89
N GLY F 8 32.61 -28.07 -6.04
CA GLY F 8 32.17 -29.34 -6.62
C GLY F 8 33.43 -30.07 -7.03
N PHE F 9 33.52 -30.43 -8.32
CA PHE F 9 34.76 -30.97 -8.87
C PHE F 9 36.01 -30.07 -8.73
N ILE F 10 35.83 -28.86 -8.22
CA ILE F 10 36.96 -28.01 -7.87
C ILE F 10 36.81 -27.62 -6.39
N GLU F 11 37.07 -28.51 -5.45
CA GLU F 11 37.19 -28.08 -4.05
C GLU F 11 38.10 -26.84 -4.04
N GLY F 12 37.64 -25.75 -3.45
CA GLY F 12 38.46 -24.57 -3.18
C GLY F 12 39.04 -23.68 -4.30
N GLY F 13 39.42 -22.49 -3.88
CA GLY F 13 39.77 -21.40 -4.77
C GLY F 13 41.21 -21.01 -4.55
N TRP F 14 41.82 -20.36 -5.52
CA TRP F 14 43.23 -19.99 -5.46
C TRP F 14 43.41 -18.77 -4.54
N GLN F 15 43.62 -19.02 -3.25
CA GLN F 15 44.02 -17.96 -2.34
C GLN F 15 45.10 -17.06 -2.95
N GLY F 16 45.92 -17.62 -3.82
CA GLY F 16 47.05 -16.91 -4.39
C GLY F 16 46.79 -16.18 -5.71
N MET F 17 45.62 -16.38 -6.31
CA MET F 17 45.28 -15.64 -7.53
C MET F 17 44.64 -14.32 -7.15
N VAL F 18 45.27 -13.22 -7.53
CA VAL F 18 44.93 -11.92 -6.96
C VAL F 18 44.69 -10.83 -8.01
N ASP F 19 44.69 -11.22 -9.28
CA ASP F 19 44.57 -10.27 -10.40
C ASP F 19 43.20 -10.37 -11.07
N GLY F 20 42.36 -11.28 -10.59
CA GLY F 20 41.02 -11.49 -11.16
C GLY F 20 40.23 -12.50 -10.36
N TRP F 21 39.09 -12.90 -10.89
CA TRP F 21 38.14 -13.75 -10.18
C TRP F 21 38.19 -15.20 -10.63
N TYR F 22 38.35 -15.41 -11.94
CA TYR F 22 38.60 -16.75 -12.53
C TYR F 22 39.88 -16.83 -13.38
N GLY F 23 40.60 -17.94 -13.26
CA GLY F 23 41.82 -18.08 -14.03
C GLY F 23 42.52 -19.41 -13.94
N TYR F 24 43.79 -19.39 -14.32
CA TYR F 24 44.52 -20.61 -14.50
C TYR F 24 45.80 -20.63 -13.68
N HIS F 25 46.09 -21.82 -13.18
CA HIS F 25 47.35 -22.15 -12.53
C HIS F 25 48.07 -23.23 -13.33
N HIS F 26 49.31 -22.94 -13.72
CA HIS F 26 50.08 -23.86 -14.52
C HIS F 26 51.31 -24.30 -13.74
N SER F 27 51.90 -25.41 -14.16
CA SER F 27 53.27 -25.78 -13.79
C SER F 27 53.96 -26.53 -14.94
N ASN F 28 55.15 -26.07 -15.31
CA ASN F 28 56.02 -26.75 -16.28
C ASN F 28 57.47 -26.61 -15.82
N GLU F 29 58.44 -26.96 -16.67
CA GLU F 29 59.84 -26.88 -16.24
C GLU F 29 60.32 -25.42 -16.06
N GLN F 30 59.72 -24.48 -16.78
CA GLN F 30 60.08 -23.05 -16.63
C GLN F 30 59.63 -22.46 -15.31
N GLY F 31 58.61 -23.05 -14.69
CA GLY F 31 58.12 -22.57 -13.41
C GLY F 31 56.64 -22.84 -13.27
N SER F 32 56.01 -22.14 -12.34
CA SER F 32 54.55 -22.25 -12.08
C SER F 32 53.97 -20.89 -11.67
N GLY F 33 52.67 -20.73 -11.83
CA GLY F 33 52.02 -19.47 -11.47
C GLY F 33 50.55 -19.31 -11.80
N TYR F 34 49.96 -18.29 -11.20
CA TYR F 34 48.57 -17.96 -11.42
C TYR F 34 48.43 -16.84 -12.42
N ALA F 35 47.36 -16.88 -13.20
CA ALA F 35 47.09 -15.83 -14.17
C ALA F 35 45.60 -15.83 -14.47
N ALA F 36 44.96 -14.70 -14.16
CA ALA F 36 43.51 -14.61 -14.25
C ALA F 36 43.06 -14.42 -15.68
N ASP F 37 41.89 -14.97 -15.99
CA ASP F 37 41.25 -14.71 -17.28
C ASP F 37 40.62 -13.33 -17.21
N LYS F 38 41.43 -12.36 -17.61
CA LYS F 38 41.06 -10.95 -17.66
C LYS F 38 39.67 -10.76 -18.29
N GLU F 39 39.48 -11.28 -19.50
CA GLU F 39 38.27 -11.06 -20.28
C GLU F 39 37.03 -11.64 -19.59
N SER F 40 37.18 -12.83 -19.04
CA SER F 40 36.10 -13.56 -18.38
C SER F 40 35.70 -12.96 -17.03
N THR F 41 36.69 -12.39 -16.34
CA THR F 41 36.48 -11.73 -15.07
C THR F 41 35.71 -10.42 -15.26
N GLN F 42 36.04 -9.71 -16.34
CA GLN F 42 35.40 -8.42 -16.62
C GLN F 42 33.92 -8.57 -16.97
N LYS F 43 33.58 -9.65 -17.67
CA LYS F 43 32.19 -10.01 -17.97
C LYS F 43 31.36 -10.10 -16.68
N ALA F 44 31.89 -10.83 -15.72
CA ALA F 44 31.24 -11.06 -14.46
C ALA F 44 31.21 -9.79 -13.59
N ILE F 45 32.31 -9.05 -13.51
CA ILE F 45 32.32 -7.78 -12.80
C ILE F 45 31.25 -6.86 -13.40
N ASP F 46 31.05 -6.93 -14.71
CA ASP F 46 30.06 -6.07 -15.34
C ASP F 46 28.65 -6.54 -15.04
N GLY F 47 28.41 -7.83 -15.19
CA GLY F 47 27.10 -8.37 -14.92
C GLY F 47 26.64 -8.13 -13.49
N VAL F 48 27.51 -8.42 -12.54
CA VAL F 48 27.21 -8.26 -11.13
C VAL F 48 26.94 -6.81 -10.75
N THR F 49 27.80 -5.88 -11.13
CA THR F 49 27.57 -4.50 -10.74
C THR F 49 26.37 -3.94 -11.50
N ASN F 50 26.08 -4.50 -12.67
CA ASN F 50 24.86 -4.15 -13.40
C ASN F 50 23.61 -4.59 -12.67
N LYS F 51 23.67 -5.78 -12.07
CA LYS F 51 22.59 -6.26 -11.22
C LYS F 51 22.36 -5.32 -10.05
N VAL F 52 23.42 -4.98 -9.31
CA VAL F 52 23.29 -4.15 -8.13
C VAL F 52 22.75 -2.78 -8.51
N ASN F 53 23.32 -2.18 -9.55
CA ASN F 53 22.81 -0.89 -10.00
C ASN F 53 21.36 -0.91 -10.41
N SER F 54 20.91 -1.96 -11.08
CA SER F 54 19.51 -2.08 -11.46
C SER F 54 18.59 -2.10 -10.24
N ILE F 55 18.94 -2.89 -9.23
CA ILE F 55 18.19 -2.97 -8.00
C ILE F 55 18.05 -1.62 -7.28
N ILE F 56 19.08 -0.80 -7.40
CA ILE F 56 19.08 0.53 -6.88
C ILE F 56 18.32 1.49 -7.80
N ASP F 57 18.71 1.52 -9.07
CA ASP F 57 18.23 2.53 -10.00
C ASP F 57 16.76 2.42 -10.34
N LYS F 58 16.18 1.23 -10.26
CA LYS F 58 14.76 1.04 -10.67
C LYS F 58 13.76 1.52 -9.64
N MET F 59 14.20 1.64 -8.39
CA MET F 59 13.43 2.32 -7.36
C MET F 59 13.06 3.69 -7.87
N ASN F 60 14.01 4.37 -8.54
CA ASN F 60 13.91 5.73 -9.25
C ASN F 60 12.55 6.47 -9.19
N THR F 61 11.81 6.13 -8.15
CA THR F 61 10.66 6.84 -7.71
C THR F 61 10.88 6.70 -6.22
N GLN F 62 11.56 7.73 -5.75
CA GLN F 62 11.39 8.23 -4.43
C GLN F 62 10.44 9.37 -4.78
N PHE F 63 9.78 9.98 -3.80
CA PHE F 63 8.68 10.84 -4.10
C PHE F 63 8.62 12.06 -3.14
N GLU F 64 8.09 11.92 -1.92
CA GLU F 64 7.78 13.06 -0.99
C GLU F 64 6.75 12.67 0.13
N ALA F 65 6.85 13.46 1.24
CA ALA F 65 6.74 12.94 2.60
C ALA F 65 6.12 13.73 3.86
N VAL F 66 5.94 12.97 4.98
CA VAL F 66 5.30 13.41 6.19
C VAL F 66 5.30 12.46 7.45
N GLY F 67 5.04 13.11 8.59
CA GLY F 67 4.52 12.58 9.89
C GLY F 67 3.04 12.70 10.36
N ARG F 68 2.74 13.38 11.50
CA ARG F 68 1.62 12.94 12.43
C ARG F 68 0.53 13.93 12.96
N GLU F 69 -0.54 14.15 12.22
CA GLU F 69 -1.26 15.42 12.33
C GLU F 69 -2.73 15.36 12.70
N PHE F 70 -3.22 14.21 13.12
CA PHE F 70 -4.63 14.12 13.49
C PHE F 70 -4.82 14.23 15.00
N ASN F 71 -5.95 14.71 15.42
CA ASN F 71 -6.06 15.02 16.84
C ASN F 71 -6.83 14.00 17.63
N ASN F 72 -7.04 14.34 18.87
CA ASN F 72 -7.58 13.41 19.80
C ASN F 72 -9.01 12.89 19.45
N LEU F 73 -9.79 13.61 18.65
CA LEU F 73 -11.08 13.07 18.14
C LEU F 73 -11.09 12.74 16.65
N GLU F 74 -9.91 12.34 16.18
CA GLU F 74 -9.70 11.86 14.81
C GLU F 74 -8.85 10.57 14.85
N ARG F 75 -9.15 9.74 15.83
CA ARG F 75 -8.36 8.55 16.12
C ARG F 75 -8.59 7.48 15.07
N ARG F 76 -9.81 7.43 14.56
CA ARG F 76 -10.18 6.53 13.46
C ARG F 76 -9.39 6.80 12.19
N ILE F 77 -9.21 8.06 11.85
CA ILE F 77 -8.48 8.42 10.67
C ILE F 77 -7.02 8.10 10.90
N GLU F 78 -6.48 8.42 12.06
CA GLU F 78 -5.07 8.08 12.36
C GLU F 78 -4.79 6.59 12.27
N ASN F 79 -5.75 5.79 12.69
CA ASN F 79 -5.62 4.35 12.61
C ASN F 79 -5.59 3.87 11.17
N LEU F 80 -6.33 4.56 10.33
CA LEU F 80 -6.26 4.33 8.91
C LEU F 80 -4.84 4.60 8.41
N ASN F 81 -4.24 5.70 8.82
CA ASN F 81 -2.88 5.98 8.44
C ASN F 81 -1.92 4.96 9.01
N LYS F 82 -2.15 4.56 10.27
CA LYS F 82 -1.31 3.51 10.81
C LYS F 82 -1.32 2.24 9.90
N LYS F 83 -2.52 1.75 9.60
CA LYS F 83 -2.66 0.57 8.78
C LYS F 83 -1.91 0.72 7.47
N MET F 84 -2.04 1.87 6.84
CA MET F 84 -1.39 2.12 5.57
C MET F 84 0.13 2.12 5.70
N GLU F 85 0.64 2.91 6.63
CA GLU F 85 2.06 2.96 6.93
C GLU F 85 2.67 1.57 7.22
N ASP F 86 2.06 0.83 8.14
CA ASP F 86 2.44 -0.55 8.44
C ASP F 86 2.34 -1.48 7.22
N GLY F 87 1.30 -1.30 6.42
CA GLY F 87 1.04 -2.15 5.29
C GLY F 87 2.12 -2.03 4.26
N PHE F 88 2.53 -0.81 3.96
CA PHE F 88 3.64 -0.61 3.06
C PHE F 88 4.92 -1.16 3.66
N LEU F 89 5.14 -0.96 4.95
CA LEU F 89 6.36 -1.46 5.54
C LEU F 89 6.41 -2.97 5.42
N ASP F 90 5.26 -3.63 5.61
CA ASP F 90 5.23 -5.08 5.46
C ASP F 90 5.56 -5.48 4.01
N VAL F 91 5.02 -4.77 3.04
CA VAL F 91 5.26 -5.10 1.66
C VAL F 91 6.72 -4.88 1.28
N TRP F 92 7.27 -3.70 1.56
CA TRP F 92 8.64 -3.43 1.16
C TRP F 92 9.57 -4.33 1.92
N THR F 93 9.30 -4.60 3.19
CA THR F 93 10.19 -5.43 3.96
C THR F 93 10.32 -6.83 3.34
N TYR F 94 9.18 -7.43 2.97
CA TYR F 94 9.18 -8.77 2.42
C TYR F 94 9.88 -8.78 1.09
N ASN F 95 9.51 -7.85 0.22
CA ASN F 95 10.06 -7.82 -1.14
C ASN F 95 11.55 -7.66 -1.13
N ALA F 96 12.07 -6.86 -0.22
CA ALA F 96 13.49 -6.67 -0.15
C ALA F 96 14.17 -7.90 0.43
N GLU F 97 13.63 -8.50 1.48
CA GLU F 97 14.31 -9.65 2.04
C GLU F 97 14.39 -10.74 1.01
N LEU F 98 13.30 -11.00 0.30
CA LEU F 98 13.29 -12.08 -0.69
C LEU F 98 14.07 -11.76 -1.94
N LEU F 99 14.09 -10.50 -2.33
CA LEU F 99 14.86 -10.10 -3.46
C LEU F 99 16.32 -10.47 -3.18
N VAL F 100 16.82 -10.02 -2.04
CA VAL F 100 18.19 -10.30 -1.63
C VAL F 100 18.48 -11.79 -1.63
N LEU F 101 17.62 -12.57 -0.99
CA LEU F 101 17.84 -14.02 -0.92
C LEU F 101 17.86 -14.65 -2.29
N MET F 102 16.82 -14.42 -3.07
CA MET F 102 16.73 -15.01 -4.38
C MET F 102 17.88 -14.58 -5.27
N GLU F 103 18.21 -13.30 -5.24
CA GLU F 103 19.22 -12.78 -6.14
C GLU F 103 20.64 -13.17 -5.72
N ASN F 104 20.83 -13.44 -4.43
CA ASN F 104 22.07 -14.06 -4.01
C ASN F 104 22.21 -15.50 -4.50
N GLU F 105 21.16 -16.31 -4.36
CA GLU F 105 21.23 -17.64 -4.94
C GLU F 105 21.75 -17.51 -6.38
N ARG F 106 21.21 -16.58 -7.15
CA ARG F 106 21.52 -16.52 -8.57
C ARG F 106 22.88 -15.90 -8.91
N THR F 107 23.34 -14.98 -8.07
CA THR F 107 24.69 -14.45 -8.20
C THR F 107 25.73 -15.54 -7.97
N LEU F 108 25.52 -16.39 -6.97
CA LEU F 108 26.49 -17.46 -6.73
C LEU F 108 26.52 -18.47 -7.87
N ASP F 109 25.37 -18.98 -8.34
CA ASP F 109 25.48 -19.92 -9.46
C ASP F 109 25.86 -19.25 -10.79
N PHE F 110 25.78 -17.93 -10.88
CA PHE F 110 26.34 -17.23 -12.02
C PHE F 110 27.84 -17.48 -12.09
N HIS F 111 28.52 -17.27 -10.97
CA HIS F 111 29.95 -17.51 -10.86
C HIS F 111 30.26 -18.96 -11.23
N ASP F 112 29.46 -19.87 -10.70
CA ASP F 112 29.60 -21.28 -11.00
C ASP F 112 29.60 -21.51 -12.50
N SER F 113 28.60 -20.98 -13.21
CA SER F 113 28.51 -21.19 -14.67
C SER F 113 29.71 -20.56 -15.41
N ASN F 114 30.19 -19.41 -14.94
CA ASN F 114 31.33 -18.75 -15.57
C ASN F 114 32.57 -19.62 -15.57
N VAL F 115 32.84 -20.23 -14.42
CA VAL F 115 33.96 -21.13 -14.26
C VAL F 115 33.77 -22.34 -15.14
N LYS F 116 32.64 -23.01 -15.01
CA LYS F 116 32.41 -24.21 -15.80
C LYS F 116 32.51 -23.95 -17.31
N ASN F 117 32.13 -22.75 -17.75
CA ASN F 117 32.27 -22.40 -19.17
C ASN F 117 33.73 -22.24 -19.57
N LEU F 118 34.60 -21.98 -18.59
CA LEU F 118 36.02 -21.85 -18.84
C LEU F 118 36.70 -23.20 -18.93
N TYR F 119 36.42 -24.08 -17.97
CA TYR F 119 36.85 -25.48 -18.07
C TYR F 119 36.52 -25.94 -19.48
N ASP F 120 35.27 -25.75 -19.89
CA ASP F 120 34.83 -26.24 -21.19
C ASP F 120 35.51 -25.59 -22.40
N LYS F 121 35.90 -24.31 -22.31
CA LYS F 121 36.61 -23.63 -23.42
C LYS F 121 37.97 -24.25 -23.66
N VAL F 122 38.66 -24.53 -22.56
CA VAL F 122 39.94 -25.18 -22.59
C VAL F 122 39.81 -26.65 -23.00
N ARG F 123 38.90 -27.37 -22.35
CA ARG F 123 38.70 -28.78 -22.64
C ARG F 123 38.47 -29.00 -24.12
N LEU F 124 37.68 -28.13 -24.76
CA LEU F 124 37.36 -28.32 -26.19
C LEU F 124 38.48 -27.85 -27.14
N GLN F 125 39.62 -27.45 -26.59
CA GLN F 125 40.76 -26.99 -27.37
C GLN F 125 41.85 -28.08 -27.41
N LEU F 126 42.27 -28.51 -26.23
CA LEU F 126 43.07 -29.73 -26.06
C LEU F 126 42.08 -30.85 -26.16
N ARG F 127 42.52 -32.09 -26.24
CA ARG F 127 41.58 -33.20 -26.06
C ARG F 127 42.31 -34.46 -25.66
N ASP F 128 42.78 -35.21 -26.66
CA ASP F 128 43.62 -36.37 -26.41
C ASP F 128 45.06 -35.88 -26.24
N ASN F 129 45.28 -34.57 -26.41
CA ASN F 129 46.55 -33.95 -26.05
C ASN F 129 46.74 -33.76 -24.55
N ALA F 130 45.68 -33.95 -23.76
CA ALA F 130 45.78 -33.96 -22.31
C ALA F 130 44.73 -34.82 -21.58
N LYS F 131 45.09 -35.23 -20.37
CA LYS F 131 44.26 -36.10 -19.52
C LYS F 131 43.34 -35.16 -18.72
N GLU F 132 42.03 -35.44 -18.67
CA GLU F 132 41.13 -34.74 -17.73
C GLU F 132 41.27 -35.35 -16.33
N LEU F 133 42.18 -34.82 -15.55
CA LEU F 133 42.35 -35.29 -14.18
C LEU F 133 41.03 -35.34 -13.38
N GLY F 134 40.10 -34.42 -13.68
CA GLY F 134 38.76 -34.43 -13.09
C GLY F 134 38.62 -33.63 -11.80
N ASN F 135 39.73 -33.02 -11.39
CA ASN F 135 39.75 -32.11 -10.24
C ASN F 135 39.86 -30.67 -10.73
N GLY F 136 39.69 -30.49 -12.04
CA GLY F 136 39.74 -29.18 -12.65
C GLY F 136 41.06 -28.93 -13.34
N CYS F 137 41.93 -29.95 -13.38
CA CYS F 137 43.23 -29.82 -14.05
C CYS F 137 43.34 -30.68 -15.30
N PHE F 138 44.30 -30.31 -16.13
CA PHE F 138 44.68 -31.06 -17.32
C PHE F 138 46.17 -31.43 -17.23
N GLU F 139 46.47 -32.71 -17.39
CA GLU F 139 47.86 -33.18 -17.49
C GLU F 139 48.21 -33.32 -18.96
N PHE F 140 49.14 -32.49 -19.43
CA PHE F 140 49.57 -32.53 -20.82
C PHE F 140 50.34 -33.83 -21.15
N TYR F 141 49.99 -34.44 -22.27
CA TYR F 141 50.76 -35.58 -22.77
C TYR F 141 52.04 -35.07 -23.43
N HIS F 142 51.95 -33.99 -24.19
CA HIS F 142 53.15 -33.35 -24.70
C HIS F 142 53.72 -32.35 -23.68
N LYS F 143 54.82 -31.70 -24.06
CA LYS F 143 55.49 -30.75 -23.21
C LYS F 143 55.04 -29.36 -23.62
N CYS F 144 54.59 -28.56 -22.66
CA CYS F 144 53.98 -27.27 -22.96
C CYS F 144 54.64 -26.12 -22.20
N ASP F 145 55.48 -25.37 -22.94
CA ASP F 145 56.23 -24.24 -22.39
C ASP F 145 55.33 -23.02 -22.18
N ASN F 146 55.91 -21.93 -21.69
CA ASN F 146 55.17 -20.71 -21.37
C ASN F 146 54.53 -20.07 -22.59
N GLU F 147 55.21 -20.07 -23.73
CA GLU F 147 54.61 -19.56 -24.95
C GLU F 147 53.39 -20.42 -25.34
N CYS F 148 53.48 -21.73 -25.10
CA CYS F 148 52.36 -22.66 -25.28
C CYS F 148 51.25 -22.40 -24.25
N MET F 149 51.62 -22.31 -22.97
CA MET F 149 50.69 -22.01 -21.86
C MET F 149 49.80 -20.80 -22.15
N GLU F 150 50.41 -19.70 -22.58
CA GLU F 150 49.67 -18.52 -23.02
C GLU F 150 48.76 -18.77 -24.24
N SER F 151 49.11 -19.70 -25.10
CA SER F 151 48.29 -19.99 -26.29
C SER F 151 46.94 -20.65 -25.98
N VAL F 152 46.82 -21.28 -24.79
CA VAL F 152 45.53 -21.84 -24.34
C VAL F 152 44.76 -20.80 -23.53
N ARG F 153 45.50 -19.99 -22.76
CA ARG F 153 44.93 -18.87 -22.01
C ARG F 153 44.22 -17.85 -22.89
N ASN F 154 44.63 -17.76 -24.16
CA ASN F 154 43.96 -16.86 -25.10
C ASN F 154 43.26 -17.54 -26.29
N GLY F 155 42.95 -18.82 -26.17
CA GLY F 155 42.14 -19.54 -27.18
C GLY F 155 42.76 -19.65 -28.56
N THR F 156 44.07 -19.89 -28.62
CA THR F 156 44.77 -20.06 -29.89
C THR F 156 45.71 -21.28 -29.88
N TYR F 157 45.43 -22.24 -29.01
CA TYR F 157 46.24 -23.45 -28.93
C TYR F 157 46.17 -24.22 -30.25
N ASP F 158 47.29 -24.84 -30.61
CA ASP F 158 47.47 -25.50 -31.91
C ASP F 158 47.45 -27.04 -31.76
N TYR F 159 46.26 -27.63 -31.85
CA TYR F 159 46.14 -29.08 -31.71
C TYR F 159 46.97 -29.79 -32.76
N PRO F 160 46.70 -29.53 -34.07
CA PRO F 160 47.40 -30.29 -35.12
C PRO F 160 48.93 -30.32 -34.94
N LYS F 161 49.45 -29.33 -34.24
CA LYS F 161 50.87 -29.27 -33.94
C LYS F 161 51.39 -30.44 -33.10
N TYR F 162 50.82 -30.63 -31.91
CA TYR F 162 51.40 -31.53 -30.92
C TYR F 162 50.84 -32.95 -30.93
N SER F 163 49.87 -33.22 -31.77
CA SER F 163 49.27 -34.54 -31.77
C SER F 163 50.37 -35.60 -31.91
N GLU F 164 51.26 -35.31 -32.87
CA GLU F 164 52.50 -36.05 -33.12
C GLU F 164 53.19 -36.55 -31.86
N GLU F 165 53.56 -35.60 -31.02
CA GLU F 165 54.30 -35.87 -29.79
C GLU F 165 53.48 -36.64 -28.70
N ALA F 166 52.17 -36.44 -28.69
CA ALA F 166 51.29 -37.06 -27.71
C ALA F 166 51.02 -38.56 -27.96
N ILE F 167 50.54 -38.92 -29.17
CA ILE F 167 50.16 -40.35 -29.47
C ILE F 167 51.30 -41.26 -29.02
N LEU F 168 52.49 -40.70 -29.12
CA LEU F 168 53.72 -41.35 -28.76
C LEU F 168 53.84 -41.54 -27.24
N LYS F 169 53.50 -40.51 -26.46
CA LYS F 169 53.51 -40.67 -25.00
C LYS F 169 52.37 -41.53 -24.45
N ARG F 170 51.31 -41.75 -25.22
CA ARG F 170 50.32 -42.74 -24.81
C ARG F 170 50.83 -44.17 -25.02
N GLU F 171 51.60 -44.39 -26.08
CA GLU F 171 52.23 -45.69 -26.30
C GLU F 171 53.45 -45.94 -25.38
N GLU F 172 53.86 -44.93 -24.62
CA GLU F 172 54.90 -45.10 -23.61
C GLU F 172 54.30 -45.46 -22.25
N ILE F 173 53.18 -44.83 -21.89
CA ILE F 173 52.53 -45.06 -20.59
C ILE F 173 51.87 -46.45 -20.53
N SER F 174 51.49 -46.99 -21.69
CA SER F 174 50.95 -48.35 -21.77
C SER F 174 52.04 -49.40 -21.99
N SER F 175 53.19 -49.26 -21.32
CA SER F 175 54.36 -50.17 -21.48
C SER F 175 55.53 -49.80 -20.55
N GLY F 176 56.62 -50.59 -20.63
CA GLY F 176 57.90 -50.28 -19.99
C GLY F 176 59.06 -50.17 -20.97
#